data_9AZM
#
_entry.id   9AZM
#
_cell.length_a   1.00
_cell.length_b   1.00
_cell.length_c   1.00
_cell.angle_alpha   90.00
_cell.angle_beta   90.00
_cell.angle_gamma   90.00
#
_symmetry.space_group_name_H-M   'P 1'
#
loop_
_entity.id
_entity.type
_entity.pdbx_description
1 polymer Serbp1
2 polymer 'Small ribosomal subunit protein uS3'
3 polymer '40S ribosomal protein S5'
4 polymer '40S ribosomal protein S10'
5 polymer 'Small ribosomal subunit protein uS19'
6 polymer 'Small ribosomal subunit protein uS9'
7 polymer '40S ribosomal protein S18'
8 polymer '40S ribosomal protein S19'
9 polymer '40S ribosomal protein S20'
10 polymer '40S ribosomal protein S28'
11 polymer '40S ribosomal protein S29'
12 polymer 'Receptor of activated protein C kinase 1'
13 polymer 'Small ribosomal subunit protein eS12'
14 polymer 'Small ribosomal subunit protein eS25'
15 polymer 'Ubiquitin-40S ribosomal protein S27a'
16 polymer '18S rRNA'
#
loop_
_entity_poly.entity_id
_entity_poly.type
_entity_poly.pdbx_seq_one_letter_code
_entity_poly.pdbx_strand_id
1 'polypeptide(L)'
;EEGPKEMTLDEWKAIQNKDRAKVEFNIRKPNEGADGQWKKGFVLHKSKEEAPAANDITSQLEINFGDLGRPYPDVDDPEA
FPALA
;
CD
2 'polypeptide(L)'
;MAVQISKKRKFVADGIFKAELNEFLTRELAEDGYSGVEVRVTPTRTEIIILATRTQNVLGEKGRRIRELTAVVQKRFGFP
EGSVELYAEKVATRGLCAIAQAESLRYKLLGGLAVRRACYGVLRFIMESGAKGCEVVVSGKLRGQRAKSMKFVDGLMIHS
GDPVNYYVDTAVRHVLLRQGVLGIKVKIMLPWDPTGKIGPKKPLPDHVSIVEPKDEILPTTPISEQK
;
SD
3 'polypeptide(L)'
;DIKLFGKWSTDDVQINDISLQDYIAVKEKYAKYLPHSAGRYAAKRFRKAQCPIVERLTNSMMMHGRNNGKKLMTVRIVKH
AFEIIHLLTGENPLQVLVNAIINSGPREDSTRIGRAGTVRRQAVDVSPLRRVNQAIWLLCTGAREAAFRNIKTIAECLAD
ELINAAKGSSNSYAIKKKDELERVAKSNR
;
SF
4 'polypeptide(L)'
;MLMPKKNRIAIYELLFKEGVMVAKKDVHMPKHPELADKNVPNLHVMKAMQSLKSRGYVKEQFAWRHFYWYLTNEGIQYLR
DYLHLPPEIVPATLRRSR
;
SK
5 'polypeptide(L)'
;TYRGVDLDQLLDMSYEQLMQLYSARQRRRLNRGLRRKQHSLLKRLRKAKKEAPPMEKPEVVKTHLRDMIILPEMVGSMVG
VYNGKTFNQVEIKPEMIGHYLGEFSITYKPVKHGRPGIGAT
;
SP
6 'polypeptide(L)'
;SKGPLQSVQVFGRKKTATAVAHCKRGNGLIKVNGRPLEMIEPRTLQYKLLEPVLLLGKERFAGVDIRVRVKGGGHVAQIY
AIRQSISKALVAYYQKYVDEASKKEIKDILIQYDRTLLVADPRRCESKKFGGPGARARYQKSYR
;
SQ
7 'polypeptide(L)'
;MSLVIPEKFQHILRVLNTNIDGRRKIAFAITAIKGVGRRYAHVVLRKADIDLTKRAGELTEDEVERVITIMQNPRQYKIP
DWFLNRQKDVKDGKYSQVLANGLDNKLREDLERLKKIRAHRGLRHFWGLRVRGQHTKTTGRRGRT
;
SS
8 'polypeptide(L)'
;PGVTVKDVNQQEFVRALAAFLKKSGKLKVPEWVDTVKLAKHKELAPYDENWFYTRAASTARHLYLRGGAGVGSMTKIYGG
RQRNGVMPSHFSRGSKSVARRVLQALEGLKMVEKDQDGGRKLTPQGQRDLDRIAGQVAAANKK
;
ST
9 'polypeptide(L)'
;AIHRIRITLTSRNVKSLEKVCADLIRGAKEKNLKVKGPVRMPTKTLRITTRKTPCGEGSKTWDRFQMRIHKRLIDLHSPS
EIVKQITSISIEPGVEVEVTIADA
;
SU
10 'polypeptide(L)' RVQPIKLARVTKVLGRTGSQGQCTQVRVEFMDDTSRSIIRNVKGPVREGDVLTLLESEREARRL Sc
11 'polypeptide(L)' GHQQLYWSHPRKFGQGSRSCRVCSNRHGLIRKYGLNMCRQCFRQYAKDIGFIKLD Sd
12 'polypeptide(L)'
;TEQMTLRGTLKGHNGWVTQIATTPQFPDMILSASRDKTIIMWKLTRDETNYGIPQRALRGHSHFVSDVVISSDGQFALSG
SWDGTLRLWDLTTGTTTRRFVGHTKDVLSVAFSSDNRQIVSGSRDKTIKLWNTLGVCKYTVQDESHSEWVSCVRFSPNSS
NPIIVSCGWDKLVKVWNLANCKLKTNHIGHTGYLNTVTVSPDGSLCASGGKDGQAMLWDLNEGKHLYTLDGGDIINALCF
SPNRYWLCAATGPSIKIWDLEGKIIVDELKQEVISTSSKAEPPQCTSLAWSADGQTLFAGYTDNLVRVWQVTI
;
Sg
13 'polypeptide(L)'
;VMDVNTALQEVLKTALIHDGLARGIREAAKALDKRQAHLCVLASNCDEPMYVKLVEALCAEHQINLIKVDDNKKLGEWVG
LCKIDREGKPRKVVGCSCVVVKDYGKESQAKDVIEEYFKCKK
;
SM
14 'polypeptide(L)' RDKLNNLVLFDKATYDKLCKEVPNYKLITPAVVSERLKIRGSLARAALQELLSKGLIKLVSKHRAQVIYTRNTKG SZ
15 'polypeptide(L)' YTTPKKNKHKRKKVKLAVLKYYKVDENGKISRLRRECPSDECGAGVFMASHFDRHYCGKCCLTYCFN Sf
16 'polyribonucleotide'
;UACCUGGUUGAUCCUGCCAGUAGCAUAUGCUUGUCUCAAAGAUUAAGCCAUGCAUGUCUAAGUACGCACGGCCGGUACAG
UGAAACUGCGAAUGGCUCAUUAAAUCAGUUAUGGUUCCUUUGGUCGCUCGCUCCUCUCCCACUUGGAUAACUGUGGUAAU
UCUAGAGCUAAUACAUGCCGACGGGCGCUGACCCCCUUCGCGGGGGGGAUGCGUGCAUUUAUCAGUGGUGACUCUAGAUA
ACCUCGGGCCGAUCGCACGCCCCCCGUGGCGGCGACGACCCAUUCGAACGUCUGCCCUAUCAACUUUCGAUGGUAGUCGC
CGUGCCUACCAUGGUGACCACGGGUGACGGGGAAUCAGGGUUCGAUUCCGGAGAGGGAGCCUGAGAAACGGCUACCACAU
CCAAGGAAGGCAGCAGGCGCGCAAAUUACCCACUCCCGACCCGGGGAGGUAGUGACGAAAAAUAACAAUACAGGACUCUU
UCGAGGCCCUGUAAUUGGAAUGAGUCCACUUUAAAUCCUUUAACGAGGAUCCAUUGGAGGGCAAGUCUGGUGCCAGCAGC
CGCGGUAAUUCCAGCUCCAAUAGCGUAUAUUAAAGUUGCUGCAGUUAAAAAGCUCGUAGUUGGAUCUUGGGAGCGGGCGU
CCCCGCCCUCUCGGCCGGGGCCCGAAGCGUUUACUUUGAAAAAAUUAGAGUGUUCAAAGCAGGCCCGAGCCGCCUGGAUA
CCGCAGCUAGGAAUAAUGGAAUAGGACCGCGGUUCUAUUUUGUUGGUUUUCGGAACUGAGGCCAUGAUUAAGAGGGACGG
CCGGGGGCAUUCGUAUUGCGCCGCUAGAGGUGAAAUUCUUGGACCGGCGCAAGACGGACCAGAGCGAAAGCAUUUGCCAA
GAAUGUUUUCAUUAAUCAAGAACGAAAGUCGGAGGUUCGAAGACGAUCAGAUACCGUCGUAGUUCCGACCAUAAACGAUG
CCGACCGGCGAUGCGGCGGCGUUAUUCCCAUGACCCGCCGGGCAGCUUCCGGGAAACCAAAGUCUUUGGGUUCCGGGGGG
AGUAUGGUUGCAAAGCUGAAACUUAAAGGAAUUGACGGAAGGGCACCACCAGGAGUGGAGCCUGCGGCUUAAUUUGACUC
AACACGGGAAACCUCACCCGGCCCGGACACGGACAGGAUUGACAGAUUGAUAGCUCUUUCUCGAUUCCGUGGGUGGUGGU
GCAUGGCCGUUCUUAGUUGGUGGAGCGAUUUGUCUGGUUAAUUCCGAUAACGAACGAGACUCUGGCAUGCUAACUAGUUA
CGCGACCCCCGAGCGGUCGGCGUCCCCCAACUUCUUAGAGGGACAAGUGGCGUUCAGCCACCCGAGAUUGAGCAAUAACA
GGUCUGUGAUGCCCUUAGAUGUCCGGGGCUGCACGCGCGCUACACUGACUGGCUCAGCGUGUGCCUACCCUACGCCGGCA
GGCGCGGGUAACCCGUUGAACCCCAUUCGUGAUGGGGAUCGGGGAUUGCAAUUAUUCCCCAUGAACGAGGAAUUCCCAGU
AAGUGCGGGUCAUAAGCUUGCGUUGAUUAAGUCCCUGCCCUUUGUACACACCGCCCGUCGCUACUACCGAUUGGAUGGUU
UAGUGAGGCCCUCGGAUCGGCCCCGCCGGGGUCGGCCCACGGCCCUGGCGGAGCGCUGAGAAGACGGUCGAACUUGACUA
UCUAGAGGAAGUAAAAGUCGUAACAAGGUUUCCGUAGGUGAACCUGCGGAAGGAUCAUUA
;
S2
#
loop_
_chem_comp.id
_chem_comp.type
_chem_comp.name
_chem_comp.formula
A RNA linking ADENOSINE-5'-MONOPHOSPHATE 'C10 H14 N5 O7 P'
C RNA linking CYTIDINE-5'-MONOPHOSPHATE 'C9 H14 N3 O8 P'
G RNA linking GUANOSINE-5'-MONOPHOSPHATE 'C10 H14 N5 O8 P'
U RNA linking URIDINE-5'-MONOPHOSPHATE 'C9 H13 N2 O9 P'
#
# COMPACT_ATOMS: atom_id res chain seq x y z
N GLU A 1 52.82 -4.18 -38.52
CA GLU A 1 54.10 -4.41 -39.18
C GLU A 1 54.57 -5.84 -38.97
N GLU A 2 54.76 -6.23 -37.71
CA GLU A 2 55.18 -7.60 -37.40
C GLU A 2 54.13 -8.60 -37.85
N GLY A 3 52.86 -8.30 -37.62
CA GLY A 3 51.77 -9.12 -38.11
C GLY A 3 50.98 -8.41 -39.19
N PRO A 4 51.00 -8.97 -40.41
CA PRO A 4 50.27 -8.32 -41.51
C PRO A 4 48.78 -8.17 -41.24
N LYS A 5 48.18 -9.14 -40.55
CA LYS A 5 46.78 -9.08 -40.16
C LYS A 5 46.70 -9.15 -38.63
N GLU A 6 45.95 -8.23 -38.04
CA GLU A 6 45.72 -8.30 -36.61
C GLU A 6 44.93 -9.57 -36.30
N MET A 7 45.38 -10.29 -35.27
CA MET A 7 45.18 -11.73 -35.20
C MET A 7 44.94 -12.12 -33.75
N THR A 8 43.68 -12.27 -33.36
CA THR A 8 43.40 -12.55 -31.96
C THR A 8 43.42 -14.05 -31.69
N LEU A 9 43.11 -14.41 -30.45
CA LEU A 9 43.38 -15.76 -29.97
C LEU A 9 42.45 -16.80 -30.59
N ASP A 10 41.17 -16.47 -30.73
CA ASP A 10 40.20 -17.46 -31.17
C ASP A 10 40.49 -17.94 -32.59
N GLU A 11 40.84 -17.02 -33.48
CA GLU A 11 41.15 -17.41 -34.84
C GLU A 11 42.54 -18.00 -34.96
N TRP A 12 43.40 -17.76 -33.98
CA TRP A 12 44.71 -18.42 -33.98
C TRP A 12 44.53 -19.87 -33.56
N LYS A 13 43.60 -20.11 -32.63
CA LYS A 13 43.26 -21.47 -32.23
C LYS A 13 42.70 -22.27 -33.40
N ALA A 14 42.10 -21.58 -34.38
CA ALA A 14 41.62 -22.27 -35.58
C ALA A 14 42.79 -22.78 -36.41
N ILE A 15 43.81 -21.94 -36.60
CA ILE A 15 44.93 -22.29 -37.45
C ILE A 15 45.70 -23.47 -36.86
N GLN A 16 45.92 -23.47 -35.53
CA GLN A 16 46.50 -24.65 -34.91
C GLN A 16 45.64 -25.89 -35.17
N ASN A 17 44.32 -25.77 -35.09
CA ASN A 17 43.45 -26.94 -35.31
C ASN A 17 43.54 -27.40 -36.76
N LYS A 18 43.72 -26.47 -37.69
CA LYS A 18 43.95 -26.83 -39.09
C LYS A 18 45.23 -27.64 -39.25
N ASP A 19 46.32 -27.21 -38.64
CA ASP A 19 47.56 -27.98 -38.74
C ASP A 19 47.47 -29.23 -37.90
N ARG A 20 47.32 -29.07 -36.58
CA ARG A 20 47.24 -30.13 -35.58
C ARG A 20 48.05 -31.36 -35.95
N ALA A 21 47.40 -32.52 -36.00
CA ALA A 21 48.07 -33.75 -36.35
C ALA A 21 47.04 -34.78 -36.78
N LYS A 22 47.52 -35.85 -37.40
CA LYS A 22 46.68 -36.98 -37.78
C LYS A 22 46.86 -38.10 -36.78
N VAL A 23 45.75 -38.66 -36.32
CA VAL A 23 45.74 -39.69 -35.28
C VAL A 23 45.21 -40.98 -35.88
N GLU A 24 46.01 -42.04 -35.80
CA GLU A 24 45.62 -43.37 -36.24
C GLU A 24 45.62 -44.37 -35.09
N PHE A 25 45.11 -43.97 -33.92
CA PHE A 25 45.28 -44.77 -32.71
C PHE A 25 44.43 -46.03 -32.74
N ASN A 26 44.94 -47.08 -32.12
CA ASN A 26 44.21 -48.31 -31.90
C ASN A 26 43.98 -48.48 -30.41
N ILE A 27 42.86 -47.94 -29.92
CA ILE A 27 42.55 -47.96 -28.48
C ILE A 27 42.47 -49.41 -28.02
N ARG A 28 43.14 -49.70 -26.90
CA ARG A 28 43.33 -51.09 -26.50
C ARG A 28 42.20 -51.55 -25.59
N LYS A 29 41.59 -52.68 -25.96
CA LYS A 29 40.51 -53.22 -25.16
C LYS A 29 41.07 -53.84 -23.87
N PRO A 30 40.35 -53.74 -22.76
CA PRO A 30 40.93 -54.12 -21.46
C PRO A 30 41.37 -55.58 -21.43
N ASN A 31 42.53 -55.80 -20.79
CA ASN A 31 43.13 -57.12 -20.63
C ASN A 31 43.36 -57.82 -21.96
N GLU A 32 43.78 -57.08 -22.99
CA GLU A 32 43.97 -57.68 -24.31
C GLU A 32 45.24 -58.53 -24.35
N GLY A 33 46.31 -58.07 -23.70
CA GLY A 33 47.55 -58.81 -23.75
C GLY A 33 47.62 -59.93 -22.74
N ALA A 34 46.67 -59.98 -21.82
CA ALA A 34 46.67 -60.99 -20.77
C ALA A 34 46.42 -62.39 -21.34
N ASP A 35 43.34 -61.46 -22.08
CA ASP A 35 42.95 -62.64 -22.86
C ASP A 35 42.57 -63.79 -21.93
N GLY A 36 41.87 -63.49 -20.85
CA GLY A 36 41.41 -64.48 -19.91
C GLY A 36 42.18 -64.42 -18.60
N GLN A 37 42.21 -65.58 -17.93
CA GLN A 37 42.93 -65.90 -16.69
C GLN A 37 42.56 -64.98 -15.52
N TRP A 38 41.58 -64.09 -15.69
CA TRP A 38 41.07 -63.26 -14.61
C TRP A 38 39.58 -63.54 -14.43
N LYS A 39 39.07 -63.32 -13.22
CA LYS A 39 37.67 -63.56 -12.91
C LYS A 39 37.00 -62.24 -12.57
N LYS A 40 35.85 -61.98 -13.18
CA LYS A 40 35.05 -60.79 -12.93
C LYS A 40 33.73 -61.22 -12.30
N GLY A 41 33.55 -60.87 -11.03
CA GLY A 41 32.33 -61.18 -10.32
C GLY A 41 32.33 -60.53 -8.95
N PHE A 42 31.12 -60.46 -8.38
CA PHE A 42 30.91 -59.93 -7.03
C PHE A 42 31.43 -58.51 -6.91
N VAL A 43 30.78 -57.60 -7.65
CA VAL A 43 31.18 -56.20 -7.62
C VAL A 43 30.88 -55.62 -6.24
N LEU A 44 31.90 -55.09 -5.58
CA LEU A 44 31.69 -54.45 -4.28
C LEU A 44 31.22 -53.02 -4.45
N HIS A 45 31.83 -52.28 -5.37
CA HIS A 45 31.45 -50.90 -5.62
C HIS A 45 31.42 -50.64 -7.12
N LYS A 46 30.36 -49.98 -7.57
CA LYS A 46 30.26 -49.60 -8.97
C LYS A 46 31.27 -48.50 -9.28
N SER A 47 31.81 -48.55 -10.50
CA SER A 47 32.71 -47.49 -10.93
C SER A 47 31.95 -46.19 -11.11
N LYS A 48 32.57 -45.10 -10.66
CA LYS A 48 32.00 -43.77 -10.84
C LYS A 48 32.45 -43.23 -12.19
N GLU A 49 31.48 -42.96 -13.05
CA GLU A 49 31.79 -42.43 -14.38
C GLU A 49 32.42 -41.05 -14.28
N GLU A 50 31.95 -40.23 -13.33
CA GLU A 50 32.49 -38.89 -13.17
C GLU A 50 33.93 -38.96 -12.67
N ALA A 51 34.78 -38.09 -13.22
CA ALA A 51 36.18 -38.05 -12.85
C ALA A 51 36.56 -36.67 -12.32
N PRO A 52 7.08 -11.16 -23.31
CA PRO A 52 5.71 -10.65 -23.27
C PRO A 52 4.70 -11.64 -23.84
N ALA A 53 5.08 -12.93 -23.88
CA ALA A 53 4.27 -13.97 -24.49
C ALA A 53 3.88 -13.60 -25.92
N ALA A 54 4.90 -13.30 -26.74
CA ALA A 54 4.72 -12.80 -28.10
C ALA A 54 3.98 -11.47 -28.07
N ASN A 55 3.46 -11.04 -29.23
CA ASN A 55 2.69 -9.80 -29.31
C ASN A 55 3.52 -8.62 -28.78
N ASP A 56 4.80 -8.61 -29.15
CA ASP A 56 5.72 -7.55 -28.77
C ASP A 56 6.29 -6.93 -30.04
N ILE A 57 6.17 -5.61 -30.16
CA ILE A 57 6.53 -4.89 -31.38
C ILE A 57 7.79 -4.04 -31.17
N THR A 58 8.21 -3.85 -29.92
CA THR A 58 9.42 -3.08 -29.67
C THR A 58 10.63 -3.68 -30.36
N SER A 59 10.56 -4.97 -30.72
CA SER A 59 11.62 -5.58 -31.50
C SER A 59 11.85 -4.84 -32.81
N GLN A 60 10.81 -4.65 -33.60
CA GLN A 60 10.93 -3.76 -34.74
C GLN A 60 10.52 -2.35 -34.32
N LEU A 61 10.34 -1.46 -35.32
CA LEU A 61 10.32 -0.01 -35.17
C LEU A 61 11.75 0.49 -35.06
N GLU A 62 11.93 1.79 -34.94
CA GLU A 62 13.22 2.39 -34.60
C GLU A 62 13.04 3.18 -33.31
N ILE A 63 14.13 3.44 -32.61
CA ILE A 63 14.10 4.12 -31.32
C ILE A 63 15.26 5.11 -31.27
N ASN A 64 14.93 6.40 -31.25
CA ASN A 64 15.93 7.45 -31.17
C ASN A 64 15.29 8.70 -30.59
N PHE A 65 16.08 9.45 -29.83
CA PHE A 65 15.53 10.57 -29.07
C PHE A 65 15.22 11.76 -29.97
N GLY A 66 16.12 12.08 -30.91
CA GLY A 66 15.89 13.16 -31.82
C GLY A 66 16.03 14.54 -31.19
N ASP A 67 15.20 14.81 -30.17
CA ASP A 67 15.28 16.09 -29.49
C ASP A 67 16.63 16.25 -28.79
N LEU A 68 17.06 15.22 -28.06
CA LEU A 68 18.32 15.31 -27.34
C LEU A 68 19.51 15.28 -28.30
N GLY A 69 19.51 14.34 -29.24
CA GLY A 69 20.53 14.29 -30.27
C GLY A 69 21.95 14.16 -29.73
N ARG A 70 22.15 13.33 -28.71
CA ARG A 70 23.45 13.17 -28.08
C ARG A 70 23.85 11.71 -28.08
N PRO A 71 25.10 11.38 -28.46
CA PRO A 71 25.59 10.00 -28.44
C PRO A 71 25.90 9.51 -27.04
N TYR A 72 -2.66 35.88 -42.35
CA TYR A 72 -3.60 35.73 -43.46
C TYR A 72 -4.99 36.21 -43.06
N PRO A 73 -5.23 37.52 -43.19
CA PRO A 73 -6.56 38.06 -42.87
C PRO A 73 -7.63 37.47 -43.78
N ASP A 74 -8.82 37.29 -43.22
CA ASP A 74 -9.94 36.69 -43.94
C ASP A 74 -11.12 37.64 -43.92
N VAL A 75 -11.88 37.66 -45.01
CA VAL A 75 -13.03 38.53 -45.18
C VAL A 75 -14.27 37.80 -44.69
N ASP A 76 -15.18 38.54 -44.04
CA ASP A 76 -16.42 37.95 -43.56
C ASP A 76 -17.29 37.52 -44.73
N ASP A 77 -17.52 36.21 -44.84
CA ASP A 77 -18.31 35.63 -45.91
C ASP A 77 -19.36 34.72 -45.31
N PRO A 78 -20.57 34.67 -45.89
CA PRO A 78 -21.64 33.87 -45.29
C PRO A 78 -21.30 32.39 -45.12
N GLU A 79 -20.49 31.83 -46.01
CA GLU A 79 -20.14 30.42 -45.89
C GLU A 79 -19.19 30.19 -44.72
N ALA A 80 -18.06 30.91 -44.70
CA ALA A 80 -17.10 30.76 -43.61
C ALA A 80 -17.64 31.36 -42.32
N PHE A 81 -18.72 32.12 -42.41
CA PHE A 81 -19.36 32.73 -41.24
C PHE A 81 -20.84 32.36 -41.26
N PRO A 82 -21.22 31.16 -40.82
CA PRO A 82 -22.61 30.74 -40.94
C PRO A 82 -23.50 31.38 -39.89
N ALA A 83 -24.68 31.81 -40.32
CA ALA A 83 -25.58 32.56 -39.46
C ALA A 83 -25.93 31.77 -38.20
N LEU A 84 -25.99 32.48 -37.08
CA LEU A 84 -26.26 31.86 -35.79
C LEU A 84 -27.62 31.18 -35.79
N ALA A 85 -27.69 30.00 -35.18
CA ALA A 85 -28.91 29.21 -35.14
C ALA A 85 -30.05 29.96 -34.43
N MET B 1 11.68 -13.47 -22.32
CA MET B 1 10.64 -13.76 -23.30
C MET B 1 9.67 -14.72 -22.66
N ALA B 2 10.17 -15.69 -21.89
CA ALA B 2 9.28 -16.47 -21.03
C ALA B 2 9.13 -15.83 -19.66
N VAL B 3 10.18 -15.16 -19.21
CA VAL B 3 10.24 -14.56 -17.88
C VAL B 3 10.37 -13.07 -18.15
N GLN B 4 9.25 -12.37 -18.08
CA GLN B 4 9.21 -10.91 -18.10
C GLN B 4 8.84 -10.42 -16.72
N ILE B 5 9.51 -9.39 -16.28
CA ILE B 5 9.41 -8.94 -14.90
C ILE B 5 8.27 -7.93 -14.79
N SER B 6 7.72 -7.79 -13.60
CA SER B 6 6.65 -6.84 -13.36
C SER B 6 7.19 -5.42 -13.40
N LYS B 7 6.29 -4.46 -13.64
CA LYS B 7 6.70 -3.06 -13.75
C LYS B 7 7.28 -2.54 -12.45
N LYS B 8 6.72 -2.94 -11.30
CA LYS B 8 7.29 -2.53 -10.02
C LYS B 8 8.72 -3.02 -9.87
N ARG B 9 8.97 -4.28 -10.21
CA ARG B 9 10.32 -4.82 -10.09
C ARG B 9 11.22 -4.33 -11.23
N LYS B 10 10.63 -4.03 -12.40
CA LYS B 10 11.41 -3.49 -13.50
C LYS B 10 12.07 -2.17 -13.12
N PHE B 11 11.28 -1.25 -12.57
CA PHE B 11 11.82 0.07 -12.25
C PHE B 11 12.79 0.00 -11.08
N VAL B 12 12.56 -0.93 -10.15
CA VAL B 12 13.50 -1.14 -9.06
C VAL B 12 14.81 -1.69 -9.62
N ALA B 13 14.74 -2.64 -10.55
CA ALA B 13 15.94 -3.24 -11.10
C ALA B 13 16.79 -2.22 -11.85
N ASP B 14 16.16 -1.36 -12.66
CA ASP B 14 16.91 -0.30 -13.34
C ASP B 14 17.50 0.67 -12.34
N GLY B 15 16.74 1.02 -11.29
CA GLY B 15 17.30 1.87 -10.25
C GLY B 15 18.43 1.20 -9.50
N ILE B 16 18.35 -0.12 -9.33
CA ILE B 16 19.40 -0.82 -8.61
C ILE B 16 20.59 -1.11 -9.53
N PHE B 17 20.37 -1.09 -10.84
CA PHE B 17 21.48 -1.19 -11.77
C PHE B 17 22.27 0.12 -11.82
N LYS B 18 21.57 1.25 -11.67
CA LYS B 18 22.24 2.55 -11.65
C LYS B 18 23.19 2.66 -10.46
N ALA B 19 22.73 2.25 -9.28
CA ALA B 19 23.54 2.37 -8.07
C ALA B 19 24.78 1.49 -8.16
N GLU B 20 24.61 0.24 -8.59
CA GLU B 20 25.75 -0.67 -8.70
C GLU B 20 26.74 -0.18 -9.74
N LEU B 21 26.24 0.29 -10.89
CA LEU B 21 27.13 0.86 -11.89
C LEU B 21 27.85 2.09 -11.37
N ASN B 22 27.13 2.96 -10.66
CA ASN B 22 27.75 4.18 -10.13
C ASN B 22 28.82 3.86 -9.12
N GLU B 23 28.57 2.90 -8.22
CA GLU B 23 29.54 2.55 -7.20
C GLU B 23 30.79 1.95 -7.80
N PHE B 24 30.62 1.08 -8.81
CA PHE B 24 31.79 0.51 -9.48
C PHE B 24 32.62 1.58 -10.16
N LEU B 25 31.96 2.52 -10.84
CA LEU B 25 32.68 3.59 -11.51
C LEU B 25 33.34 4.54 -10.51
N THR B 26 32.73 4.71 -9.34
CA THR B 26 33.32 5.56 -8.32
C THR B 26 34.68 5.02 -7.87
N ARG B 27 34.78 3.71 -7.68
CA ARG B 27 36.05 3.12 -7.24
C ARG B 27 37.05 3.02 -8.39
N GLU B 28 36.56 2.93 -9.63
CA GLU B 28 37.43 2.79 -10.79
C GLU B 28 37.98 4.12 -11.29
N LEU B 29 37.11 5.10 -11.50
CA LEU B 29 37.51 6.42 -12.00
C LEU B 29 37.60 7.45 -10.87
N ALA B 30 37.98 7.00 -9.68
CA ALA B 30 38.10 7.93 -8.56
C ALA B 30 39.17 8.98 -8.83
N GLU B 31 40.38 8.54 -9.18
CA GLU B 31 41.45 9.48 -9.45
C GLU B 31 41.25 10.26 -10.74
N ASP B 32 40.26 9.89 -11.55
CA ASP B 32 40.00 10.54 -12.81
C ASP B 32 38.97 11.67 -12.72
N GLY B 33 38.47 11.96 -11.51
CA GLY B 33 37.42 12.94 -11.36
C GLY B 33 36.11 12.44 -11.92
N TYR B 34 35.60 11.34 -11.35
CA TYR B 34 34.46 10.64 -11.91
C TYR B 34 33.25 11.56 -12.06
N SER B 35 32.73 12.06 -10.94
CA SER B 35 31.68 13.09 -10.93
C SER B 35 30.41 12.62 -11.65
N GLY B 36 29.89 11.46 -11.24
CA GLY B 36 28.57 11.03 -11.65
C GLY B 36 28.54 10.34 -12.99
N VAL B 37 27.44 9.62 -13.23
CA VAL B 37 27.21 8.90 -14.47
C VAL B 37 25.78 9.12 -14.92
N GLU B 38 25.55 9.04 -16.22
CA GLU B 38 24.22 9.12 -16.81
C GLU B 38 24.06 7.96 -17.79
N VAL B 39 23.14 7.06 -17.49
CA VAL B 39 22.89 5.89 -18.34
C VAL B 39 21.63 6.19 -19.15
N ARG B 40 21.79 6.31 -20.47
CA ARG B 40 20.70 6.66 -21.36
C ARG B 40 20.11 5.36 -21.90
N VAL B 41 19.09 4.86 -21.21
CA VAL B 41 18.54 3.54 -21.47
C VAL B 41 17.68 3.58 -22.73
N THR B 42 17.90 2.60 -23.60
CA THR B 42 17.12 2.39 -24.82
C THR B 42 16.69 0.93 -24.85
N PRO B 43 15.46 0.65 -25.30
CA PRO B 43 14.99 -0.75 -25.29
C PRO B 43 15.87 -1.70 -26.08
N THR B 44 16.65 -1.20 -27.03
CA THR B 44 17.56 -2.05 -27.80
C THR B 44 19.02 -1.73 -27.51
N ARG B 45 19.45 -0.47 -27.63
CA ARG B 45 20.86 -0.09 -27.51
C ARG B 45 21.01 0.90 -26.36
N THR B 46 21.15 0.37 -25.16
CA THR B 46 21.38 1.22 -24.00
C THR B 46 22.82 1.71 -23.99
N GLU B 47 23.01 3.01 -23.76
CA GLU B 47 24.35 3.59 -23.73
C GLU B 47 24.55 4.36 -22.42
N ILE B 48 25.82 4.49 -22.05
CA ILE B 48 26.21 5.04 -20.76
C ILE B 48 27.18 6.19 -20.98
N ILE B 49 26.96 7.29 -20.28
CA ILE B 49 27.79 8.49 -20.41
C ILE B 49 28.45 8.78 -19.07
N ILE B 50 29.77 8.91 -19.08
CA ILE B 50 30.54 9.26 -17.89
C ILE B 50 30.81 10.76 -17.91
N LEU B 51 30.84 11.37 -16.74
CA LEU B 51 30.98 12.81 -16.59
C LEU B 51 32.32 13.18 -15.95
N ALA B 52 33.38 12.46 -16.34
CA ALA B 52 34.68 12.69 -15.75
C ALA B 52 35.23 14.06 -16.16
N THR B 53 36.05 14.63 -15.28
CA THR B 53 36.66 15.93 -15.55
C THR B 53 37.75 15.81 -16.60
N ARG B 54 38.77 15.00 -16.33
CA ARG B 54 39.84 14.73 -17.29
C ARG B 54 39.49 13.43 -18.01
N THR B 55 38.68 13.56 -19.06
CA THR B 55 38.26 12.39 -19.84
C THR B 55 39.43 11.78 -20.61
N GLN B 56 40.53 12.51 -20.78
CA GLN B 56 41.68 11.96 -21.48
C GLN B 56 42.25 10.78 -20.69
N ASN B 57 42.21 10.86 -19.36
CA ASN B 57 42.70 9.75 -18.56
C ASN B 57 41.72 8.59 -18.55
N VAL B 58 40.42 8.86 -18.66
CA VAL B 58 39.44 7.78 -18.70
C VAL B 58 39.59 6.95 -19.98
N LEU B 59 39.88 7.62 -21.10
CA LEU B 59 40.18 6.94 -22.35
C LEU B 59 41.66 6.61 -22.39
N GLY B 60 41.99 5.33 -22.24
CA GLY B 60 43.38 4.93 -22.26
C GLY B 60 44.04 5.13 -23.60
N GLU B 61 45.19 4.49 -23.82
CA GLU B 61 45.88 4.61 -25.10
C GLU B 61 44.97 4.11 -26.21
N LYS B 62 44.56 5.00 -27.10
CA LYS B 62 43.58 4.71 -28.15
C LYS B 62 42.29 4.14 -27.53
N GLY B 63 41.85 4.77 -26.44
CA GLY B 63 40.63 4.35 -25.77
C GLY B 63 40.69 2.95 -25.21
N ARG B 64 41.85 2.52 -24.73
CA ARG B 64 41.98 1.17 -24.19
C ARG B 64 41.11 0.98 -22.95
N ARG B 65 41.15 1.94 -22.03
CA ARG B 65 40.43 1.78 -20.77
C ARG B 65 38.92 1.75 -21.00
N ILE B 66 38.42 2.59 -21.90
CA ILE B 66 36.98 2.55 -22.20
C ILE B 66 36.63 1.24 -22.90
N ARG B 67 37.56 0.68 -23.67
CA ARG B 67 37.34 -0.67 -24.21
C ARG B 67 37.30 -1.69 -23.09
N GLU B 68 38.17 -1.53 -22.08
CA GLU B 68 38.09 -2.36 -20.90
C GLU B 68 36.74 -2.19 -20.21
N LEU B 69 36.36 -0.94 -19.93
CA LEU B 69 35.15 -0.68 -19.16
C LEU B 69 33.91 -1.20 -19.87
N THR B 70 33.86 -1.05 -21.20
CA THR B 70 32.73 -1.58 -21.96
C THR B 70 32.61 -3.09 -21.79
N ALA B 71 33.74 -3.79 -21.88
CA ALA B 71 33.72 -5.25 -21.79
C ALA B 71 33.27 -5.72 -20.41
N VAL B 72 33.74 -5.06 -19.36
CA VAL B 72 33.44 -5.54 -18.00
C VAL B 72 31.96 -5.32 -17.68
N VAL B 73 31.44 -4.13 -17.98
CA VAL B 73 30.04 -3.85 -17.68
C VAL B 73 29.15 -4.75 -18.52
N GLN B 74 29.59 -5.07 -19.74
CA GLN B 74 28.90 -6.06 -20.56
C GLN B 74 28.84 -7.39 -19.84
N LYS B 75 29.97 -7.84 -19.30
CA LYS B 75 30.03 -9.16 -18.70
C LYS B 75 29.23 -9.23 -17.41
N ARG B 76 29.34 -8.22 -16.56
CA ARG B 76 28.78 -8.32 -15.22
C ARG B 76 27.26 -8.27 -15.23
N PHE B 77 26.67 -7.44 -16.07
CA PHE B 77 25.21 -7.27 -16.08
C PHE B 77 24.57 -8.07 -17.21
N GLY B 78 25.17 -9.21 -17.55
CA GLY B 78 24.65 -10.12 -18.56
C GLY B 78 24.07 -9.48 -19.81
N PHE B 79 24.76 -8.48 -20.33
CA PHE B 79 24.23 -7.72 -21.45
C PHE B 79 24.53 -8.41 -22.77
N PRO B 80 23.65 -8.31 -23.76
CA PRO B 80 23.94 -8.88 -25.08
C PRO B 80 25.10 -8.18 -25.75
N GLU B 81 25.76 -8.89 -26.65
CA GLU B 81 26.96 -8.37 -27.30
C GLU B 81 26.62 -7.15 -28.16
N GLY B 82 27.40 -6.09 -27.98
CA GLY B 82 27.21 -4.88 -28.77
C GLY B 82 25.96 -4.10 -28.46
N SER B 83 25.31 -4.38 -27.33
CA SER B 83 24.11 -3.64 -26.94
C SER B 83 24.39 -2.43 -26.09
N VAL B 84 25.63 -2.26 -25.62
CA VAL B 84 26.00 -1.12 -24.79
C VAL B 84 27.27 -0.49 -25.33
N GLU B 85 27.40 0.81 -25.11
CA GLU B 85 28.62 1.55 -25.44
C GLU B 85 28.85 2.57 -24.34
N LEU B 86 30.11 2.87 -24.06
CA LEU B 86 30.48 3.80 -23.00
C LEU B 86 31.01 5.08 -23.61
N TYR B 87 30.55 6.21 -23.07
CA TYR B 87 30.99 7.53 -23.52
C TYR B 87 31.44 8.36 -22.34
N ALA B 88 32.50 9.15 -22.54
CA ALA B 88 33.05 10.01 -21.51
C ALA B 88 32.99 11.45 -22.00
N GLU B 89 32.37 12.32 -21.21
CA GLU B 89 32.24 13.72 -21.53
C GLU B 89 32.75 14.56 -20.37
N LYS B 90 33.51 15.61 -20.69
CA LYS B 90 33.97 16.53 -19.66
C LYS B 90 32.78 17.21 -18.99
N VAL B 91 32.78 17.20 -17.67
CA VAL B 91 31.74 17.90 -16.93
C VAL B 91 31.97 19.39 -17.07
N ALA B 92 30.89 20.15 -17.25
CA ALA B 92 30.99 21.59 -17.42
C ALA B 92 31.13 22.26 -16.07
N THR B 93 32.10 23.17 -15.95
CA THR B 93 32.34 23.94 -14.73
C THR B 93 32.58 23.00 -13.54
N ARG B 94 33.73 22.32 -13.61
CA ARG B 94 34.15 21.41 -12.55
C ARG B 94 34.03 22.03 -11.16
N GLY B 95 34.05 23.36 -11.07
CA GLY B 95 33.91 24.00 -9.77
C GLY B 95 32.57 23.71 -9.12
N LEU B 96 31.54 23.49 -9.94
CA LEU B 96 30.17 23.33 -9.44
C LEU B 96 29.74 21.88 -9.35
N CYS B 97 30.68 20.98 -9.05
CA CYS B 97 30.36 19.57 -8.85
C CYS B 97 30.99 19.12 -7.54
N ALA B 98 30.16 18.79 -6.55
CA ALA B 98 30.66 18.41 -5.24
C ALA B 98 31.47 17.12 -5.30
N ILE B 99 31.07 16.16 -6.13
CA ILE B 99 31.78 14.89 -6.20
C ILE B 99 33.21 15.11 -6.69
N ALA B 100 33.38 15.97 -7.70
CA ALA B 100 34.71 16.24 -8.22
C ALA B 100 35.60 16.88 -7.17
N GLN B 101 35.07 17.86 -6.42
CA GLN B 101 35.89 18.54 -5.42
C GLN B 101 36.10 17.71 -4.18
N ALA B 102 35.11 16.89 -3.80
CA ALA B 102 35.33 15.95 -2.70
C ALA B 102 36.46 14.99 -3.03
N GLU B 103 36.49 14.49 -4.28
CA GLU B 103 37.62 13.68 -4.73
C GLU B 103 38.89 14.52 -4.80
N SER B 104 38.80 15.74 -5.33
CA SER B 104 39.97 16.60 -5.46
C SER B 104 40.57 16.92 -4.10
N LEU B 105 39.72 17.18 -3.10
CA LEU B 105 40.22 17.38 -1.75
C LEU B 105 40.85 16.12 -1.19
N ARG B 106 40.33 14.95 -1.58
CA ARG B 106 40.90 13.70 -1.12
C ARG B 106 42.33 13.52 -1.63
N TYR B 107 42.57 13.87 -2.90
CA TYR B 107 43.91 13.71 -3.47
C TYR B 107 44.92 14.60 -2.74
N LYS B 108 44.54 15.85 -2.46
CA LYS B 108 45.44 16.76 -1.77
C LYS B 108 45.74 16.28 -0.36
N LEU B 109 44.72 15.75 0.33
CA LEU B 109 44.93 15.25 1.69
C LEU B 109 45.86 14.04 1.69
N LEU B 110 45.72 13.16 0.69
CA LEU B 110 46.65 12.04 0.55
C LEU B 110 48.04 12.53 0.16
N GLY B 111 48.10 13.63 -0.60
CA GLY B 111 49.39 14.19 -0.99
C GLY B 111 50.18 14.78 0.17
N GLY B 112 49.53 15.01 1.31
CA GLY B 112 50.20 15.52 2.49
C GLY B 112 50.00 16.99 2.77
N LEU B 113 49.18 17.68 1.99
CA LEU B 113 48.90 19.09 2.26
C LEU B 113 48.14 19.24 3.58
N ALA B 114 48.41 20.34 4.27
CA ALA B 114 47.68 20.64 5.49
C ALA B 114 46.21 20.85 5.18
N VAL B 115 45.35 20.41 6.10
CA VAL B 115 43.90 20.43 5.84
C VAL B 115 43.42 21.86 5.66
N ARG B 116 43.87 22.80 6.49
CA ARG B 116 43.38 24.16 6.41
C ARG B 116 43.75 24.79 5.07
N ARG B 117 44.98 24.56 4.61
CA ARG B 117 45.38 25.08 3.30
C ARG B 117 44.67 24.33 2.18
N ALA B 118 44.45 23.03 2.36
CA ALA B 118 43.82 22.24 1.30
C ALA B 118 42.38 22.67 1.05
N CYS B 119 41.58 22.77 2.12
CA CYS B 119 40.18 23.11 1.97
C CYS B 119 39.99 24.55 1.49
N TYR B 120 40.81 25.48 2.01
CA TYR B 120 40.72 26.86 1.53
C TYR B 120 40.99 26.95 0.04
N GLY B 121 41.91 26.13 -0.47
CA GLY B 121 42.12 26.07 -1.90
C GLY B 121 40.88 25.58 -2.64
N VAL B 122 40.20 24.58 -2.08
CA VAL B 122 38.96 24.11 -2.68
C VAL B 122 37.88 25.17 -2.56
N LEU B 123 37.77 25.79 -1.39
CA LEU B 123 36.76 26.83 -1.18
C LEU B 123 36.96 28.00 -2.14
N ARG B 124 38.22 28.41 -2.32
CA ARG B 124 38.51 29.50 -3.25
C ARG B 124 38.13 29.13 -4.68
N PHE B 125 38.41 27.89 -5.08
CA PHE B 125 38.22 27.49 -6.47
C PHE B 125 36.74 27.47 -6.84
N ILE B 126 35.88 26.98 -5.95
CA ILE B 126 34.45 26.87 -6.26
C ILE B 126 33.82 28.25 -6.41
N MET B 127 34.11 29.15 -5.48
CA MET B 127 33.64 30.52 -5.61
C MET B 127 34.19 31.21 -6.85
N GLU B 128 35.40 30.86 -7.29
CA GLU B 128 35.90 31.42 -8.54
C GLU B 128 35.07 30.95 -9.72
N SER B 129 34.63 29.68 -9.71
CA SER B 129 33.82 29.16 -10.79
C SER B 129 32.41 29.73 -10.78
N GLY B 130 31.98 30.30 -9.66
CA GLY B 130 30.64 30.87 -9.56
C GLY B 130 29.68 29.97 -8.83
N ALA B 131 29.41 30.28 -7.56
CA ALA B 131 28.46 29.51 -6.77
C ALA B 131 27.87 30.42 -5.70
N LYS B 132 26.62 30.13 -5.34
CA LYS B 132 25.96 30.92 -4.30
C LYS B 132 26.66 30.76 -2.96
N GLY B 133 27.27 29.62 -2.71
CA GLY B 133 27.93 29.40 -1.42
C GLY B 133 28.62 28.05 -1.40
N CYS B 134 29.29 27.81 -0.28
CA CYS B 134 30.09 26.60 -0.11
C CYS B 134 30.08 26.17 1.34
N GLU B 135 30.34 24.88 1.56
CA GLU B 135 30.55 24.34 2.90
C GLU B 135 31.31 23.03 2.75
N VAL B 136 32.56 23.02 3.20
CA VAL B 136 33.34 21.79 3.26
C VAL B 136 33.61 21.48 4.73
N VAL B 137 33.46 20.20 5.09
CA VAL B 137 33.64 19.75 6.46
C VAL B 137 34.61 18.58 6.44
N VAL B 138 35.72 18.71 7.15
CA VAL B 138 36.70 17.64 7.28
C VAL B 138 36.64 17.15 8.71
N SER B 139 36.14 15.92 8.89
CA SER B 139 35.95 15.34 10.20
C SER B 139 36.95 14.22 10.41
N GLY B 140 37.24 13.94 11.68
CA GLY B 140 38.16 12.87 12.00
C GLY B 140 39.34 13.35 12.81
N LYS B 141 40.46 12.64 12.68
CA LYS B 141 41.66 12.94 13.46
C LYS B 141 42.86 13.00 12.53
N LEU B 142 43.56 14.12 12.56
CA LEU B 142 44.88 14.28 11.99
C LEU B 142 45.89 13.81 13.03
N ARG B 143 47.17 14.18 12.86
CA ARG B 143 48.14 13.92 13.91
C ARG B 143 47.58 14.41 15.25
N GLY B 144 47.64 13.56 16.26
CA GLY B 144 46.86 13.72 17.47
C GLY B 144 45.77 12.67 17.54
N GLN B 145 45.32 12.40 18.77
CA GLN B 145 44.43 11.28 19.00
C GLN B 145 42.97 11.69 19.16
N ARG B 146 42.70 12.82 19.82
CA ARG B 146 41.33 13.33 19.89
C ARG B 146 40.88 13.78 18.50
N ALA B 147 39.68 13.39 18.11
CA ALA B 147 39.14 13.69 16.80
C ALA B 147 38.09 14.78 16.92
N LYS B 148 38.23 15.83 16.10
CA LYS B 148 37.27 16.92 16.09
C LYS B 148 37.09 17.41 14.65
N SER B 149 35.93 17.98 14.40
CA SER B 149 35.60 18.49 13.07
C SER B 149 36.20 19.87 12.87
N MET B 150 36.18 20.32 11.62
CA MET B 150 36.54 21.71 11.30
C MET B 150 35.71 22.09 10.07
N LYS B 151 34.90 23.14 10.22
CA LYS B 151 33.97 23.53 9.18
C LYS B 151 34.46 24.80 8.49
N PHE B 152 34.34 24.82 7.17
CA PHE B 152 34.80 25.93 6.34
C PHE B 152 33.66 26.35 5.43
N VAL B 153 33.08 27.52 5.71
CA VAL B 153 31.91 27.99 4.98
C VAL B 153 32.19 29.36 4.40
N ASP B 154 31.43 29.70 3.37
CA ASP B 154 31.40 31.03 2.77
C ASP B 154 30.23 31.09 1.79
N GLY B 155 29.83 32.30 1.44
CA GLY B 155 28.70 32.46 0.55
C GLY B 155 27.37 32.11 1.16
N LEU B 156 26.47 31.52 0.36
CA LEU B 156 25.10 31.22 0.77
C LEU B 156 24.86 29.72 0.81
N MET B 157 24.22 29.27 1.89
CA MET B 157 23.91 27.84 2.09
C MET B 157 22.52 27.72 2.70
N ILE B 158 21.58 27.20 1.92
CA ILE B 158 20.26 26.86 2.45
C ILE B 158 20.29 25.43 2.94
N HIS B 159 19.45 25.12 3.92
CA HIS B 159 19.51 23.83 4.60
C HIS B 159 18.18 23.10 4.67
N SER B 160 17.06 23.81 4.65
CA SER B 160 15.76 23.20 4.90
C SER B 160 14.83 23.44 3.72
N GLY B 161 13.82 22.57 3.61
CA GLY B 161 12.82 22.69 2.58
C GLY B 161 13.14 21.88 1.33
N ASP B 162 12.21 21.91 0.40
CA ASP B 162 12.43 21.24 -0.89
C ASP B 162 13.60 21.80 -1.69
N PRO B 163 13.82 23.14 -1.79
CA PRO B 163 14.87 23.63 -2.71
C PRO B 163 16.24 23.04 -2.49
N VAL B 164 16.53 22.55 -1.27
CA VAL B 164 17.83 21.94 -1.02
C VAL B 164 18.05 20.73 -1.91
N ASN B 165 16.97 20.09 -2.38
CA ASN B 165 17.09 18.90 -3.20
C ASN B 165 17.65 19.18 -4.59
N TYR B 166 17.51 20.41 -5.09
CA TYR B 166 18.01 20.75 -6.41
C TYR B 166 18.86 22.01 -6.42
N TYR B 167 19.13 22.61 -5.26
CA TYR B 167 19.94 23.82 -5.21
C TYR B 167 21.31 23.60 -4.60
N VAL B 168 21.44 22.66 -3.68
CA VAL B 168 22.74 22.27 -3.14
C VAL B 168 23.10 20.91 -3.71
N ASP B 169 24.39 20.71 -3.98
CA ASP B 169 24.91 19.42 -4.43
C ASP B 169 25.94 18.97 -3.40
N THR B 170 25.71 17.82 -2.79
CA THR B 170 26.53 17.34 -1.70
C THR B 170 27.29 16.10 -2.12
N ALA B 171 28.45 15.89 -1.48
CA ALA B 171 29.26 14.72 -1.72
C ALA B 171 29.98 14.35 -0.44
N VAL B 172 30.07 13.05 -0.17
CA VAL B 172 30.76 12.54 1.01
C VAL B 172 31.82 11.55 0.54
N ARG B 173 33.05 11.73 1.00
CA ARG B 173 34.16 10.86 0.63
C ARG B 173 34.93 10.46 1.87
N HIS B 174 35.57 9.31 1.81
CA HIS B 174 36.40 8.79 2.88
C HIS B 174 37.86 8.84 2.44
N VAL B 175 38.71 9.38 3.30
CA VAL B 175 40.14 9.48 3.02
C VAL B 175 40.87 8.60 4.01
N LEU B 176 41.62 7.63 3.49
CA LEU B 176 42.30 6.63 4.30
C LEU B 176 43.71 7.12 4.62
N LEU B 177 43.91 7.58 5.85
CA LEU B 177 45.22 8.00 6.33
C LEU B 177 45.81 6.90 7.21
N ARG B 178 47.08 7.08 7.58
CA ARG B 178 47.80 6.08 8.34
C ARG B 178 47.40 6.05 9.81
N GLN B 179 46.63 7.04 10.28
CA GLN B 179 46.16 7.02 11.66
C GLN B 179 44.64 6.93 11.73
N GLY B 180 43.98 6.55 10.64
CA GLY B 180 42.54 6.45 10.61
C GLY B 180 41.94 6.89 9.30
N VAL B 181 40.66 7.27 9.31
CA VAL B 181 39.96 7.68 8.10
C VAL B 181 39.37 9.06 8.33
N LEU B 182 39.61 9.96 7.39
CA LEU B 182 39.11 11.33 7.43
C LEU B 182 37.85 11.42 6.59
N GLY B 183 36.82 12.07 7.13
CA GLY B 183 35.59 12.26 6.40
C GLY B 183 35.51 13.62 5.74
N ILE B 184 35.20 13.66 4.45
CA ILE B 184 35.08 14.89 3.70
C ILE B 184 33.63 15.06 3.27
N LYS B 185 33.04 16.21 3.60
CA LYS B 185 31.70 16.56 3.19
C LYS B 185 31.74 17.90 2.50
N VAL B 186 31.31 17.95 1.25
CA VAL B 186 31.33 19.16 0.44
C VAL B 186 29.91 19.45 -0.06
N LYS B 187 29.44 20.67 0.18
CA LYS B 187 28.12 21.08 -0.26
C LYS B 187 28.24 22.35 -1.09
N ILE B 188 27.76 22.29 -2.32
CA ILE B 188 27.84 23.41 -3.27
C ILE B 188 26.42 23.87 -3.59
N MET B 189 26.15 25.15 -3.36
CA MET B 189 24.84 25.72 -3.68
C MET B 189 24.93 26.37 -5.05
N LEU B 190 24.28 25.78 -6.04
CA LEU B 190 24.40 26.27 -7.40
C LEU B 190 23.59 27.56 -7.60
N PRO B 191 24.01 28.43 -8.51
CA PRO B 191 23.21 29.62 -8.82
C PRO B 191 22.02 29.32 -9.72
N TRP B 192 21.00 30.20 -9.64
CA TRP B 192 19.81 30.05 -10.45
C TRP B 192 19.98 30.68 -11.83
N ASP B 193 20.95 31.59 -11.97
CA ASP B 193 20.94 32.52 -13.10
C ASP B 193 20.85 31.92 -14.50
N PRO B 194 21.62 30.88 -14.85
CA PRO B 194 21.61 30.45 -16.23
C PRO B 194 20.39 29.66 -16.70
N THR B 195 19.54 29.14 -15.80
CA THR B 195 18.20 28.64 -16.13
C THR B 195 18.27 27.56 -17.21
N GLY B 196 18.84 26.42 -16.84
CA GLY B 196 18.98 25.29 -17.74
C GLY B 196 20.40 24.83 -17.93
N LYS B 197 21.37 25.75 -17.81
CA LYS B 197 22.79 25.40 -17.80
C LYS B 197 23.16 24.86 -16.43
N ILE B 198 24.46 24.88 -16.12
CA ILE B 198 25.02 24.21 -14.94
C ILE B 198 24.27 24.55 -13.65
N GLY B 199 23.48 25.62 -13.66
CA GLY B 199 22.62 25.95 -12.55
C GLY B 199 21.17 25.67 -12.85
N PRO B 200 20.40 25.29 -11.84
CA PRO B 200 19.00 24.88 -12.06
C PRO B 200 18.10 26.06 -12.42
N LYS B 201 16.95 25.74 -13.02
CA LYS B 201 15.87 26.69 -13.23
C LYS B 201 15.07 26.85 -11.95
N LYS B 202 13.86 27.42 -12.05
CA LYS B 202 12.89 27.52 -10.96
C LYS B 202 13.51 28.15 -9.71
N PRO B 203 13.66 29.47 -9.71
CA PRO B 203 14.42 30.15 -8.64
C PRO B 203 13.87 29.87 -7.26
N LEU B 204 14.61 30.33 -6.25
CA LEU B 204 14.27 30.13 -4.85
C LEU B 204 12.83 30.59 -4.63
N PRO B 205 12.03 29.82 -3.90
CA PRO B 205 10.60 30.14 -3.79
C PRO B 205 10.32 31.55 -3.29
N ASP B 206 11.12 32.04 -2.35
CA ASP B 206 10.97 33.39 -1.82
C ASP B 206 11.95 34.34 -2.51
N HIS B 207 11.77 34.48 -3.82
CA HIS B 207 12.63 35.34 -4.62
C HIS B 207 11.78 36.21 -5.55
N VAL B 208 10.77 36.86 -4.98
CA VAL B 208 9.91 37.74 -5.76
C VAL B 208 10.77 38.82 -6.42
N SER B 209 10.79 38.83 -7.75
CA SER B 209 11.56 39.81 -8.52
C SER B 209 10.58 40.63 -9.35
N ILE B 210 10.41 41.88 -8.99
CA ILE B 210 9.45 42.77 -9.63
C ILE B 210 10.17 43.53 -10.74
N VAL B 211 9.58 43.51 -11.94
CA VAL B 211 10.14 44.28 -13.04
C VAL B 211 9.85 45.77 -12.82
N GLU B 212 10.60 46.60 -13.55
CA GLU B 212 10.44 48.04 -13.42
C GLU B 212 9.73 48.61 -14.63
N PRO B 213 8.78 49.52 -14.43
CA PRO B 213 8.04 50.09 -15.57
C PRO B 213 8.76 51.26 -16.22
N LYS B 214 8.09 51.90 -17.18
CA LYS B 214 8.61 53.07 -17.87
C LYS B 214 7.87 54.31 -17.39
N ASP B 215 8.15 55.45 -18.02
CA ASP B 215 7.58 56.71 -17.55
C ASP B 215 6.06 56.72 -17.70
N GLU B 216 5.56 56.41 -18.90
CA GLU B 216 4.13 56.28 -19.17
C GLU B 216 3.32 57.45 -18.60
N ILE B 217 3.80 58.66 -18.86
CA ILE B 217 3.18 59.85 -18.27
C ILE B 217 1.96 60.34 -19.05
N LEU B 218 2.15 60.74 -20.31
CA LEU B 218 1.13 61.26 -21.23
C LEU B 218 0.09 62.10 -20.48
N PRO B 219 0.48 63.24 -19.92
CA PRO B 219 -0.49 64.10 -19.22
C PRO B 219 -1.09 65.23 -20.07
N THR B 220 -0.71 65.31 -21.34
CA THR B 220 -1.08 66.45 -22.18
C THR B 220 -2.52 66.33 -22.67
N THR B 221 -2.90 67.23 -23.57
CA THR B 221 -4.21 67.16 -24.19
C THR B 221 -4.25 65.97 -25.15
N PRO B 222 -5.41 65.33 -25.28
CA PRO B 222 -5.47 64.07 -26.00
C PRO B 222 -5.45 64.16 -27.53
N ILE B 223 -4.61 63.34 -28.14
CA ILE B 223 -4.31 63.44 -29.56
C ILE B 223 -4.83 62.18 -30.22
N SER B 224 -5.65 62.36 -31.24
CA SER B 224 -6.19 61.22 -31.98
C SER B 224 -5.29 60.94 -33.19
N GLU B 225 -4.50 59.89 -33.09
CA GLU B 225 -3.54 59.51 -34.12
C GLU B 225 -4.25 58.62 -35.14
N GLN B 226 -4.38 59.12 -36.37
CA GLN B 226 -5.12 58.43 -37.43
C GLN B 226 -4.12 57.71 -38.32
N LYS B 227 -4.31 56.40 -38.49
CA LYS B 227 -3.41 55.60 -39.31
C LYS B 227 -4.10 54.32 -39.75
N ASP C 1 -44.44 18.74 15.87
CA ASP C 1 -44.35 18.86 14.42
C ASP C 1 -43.31 17.91 13.84
N ILE C 2 -42.17 17.80 14.52
CA ILE C 2 -41.08 16.97 14.05
C ILE C 2 -41.15 15.55 14.60
N LYS C 3 -41.79 15.34 15.76
CA LYS C 3 -42.15 14.02 16.24
C LYS C 3 -40.94 13.10 16.39
N LEU C 4 -40.04 13.44 17.30
CA LEU C 4 -38.84 12.66 17.59
C LEU C 4 -39.17 11.18 17.74
N PHE C 5 -38.53 10.34 16.93
CA PHE C 5 -38.75 8.89 16.94
C PHE C 5 -40.19 8.55 16.55
N GLY C 6 -40.83 9.44 15.81
CA GLY C 6 -42.22 9.25 15.45
C GLY C 6 -43.21 9.46 16.58
N LYS C 7 -42.80 10.17 17.63
CA LYS C 7 -43.66 10.44 18.77
C LYS C 7 -43.04 11.59 19.56
N TRP C 8 -43.62 11.89 20.71
CA TRP C 8 -43.04 12.81 21.69
C TRP C 8 -42.75 14.17 21.07
N SER C 9 -43.84 14.86 20.71
CA SER C 9 -43.74 16.16 20.06
C SER C 9 -42.96 17.15 20.93
N THR C 10 -42.15 17.98 20.27
CA THR C 10 -41.26 18.88 21.00
C THR C 10 -42.01 20.06 21.61
N ASP C 11 -42.98 20.62 20.89
CA ASP C 11 -43.53 21.91 21.31
C ASP C 11 -44.53 21.75 22.45
N ASP C 12 -44.13 21.04 23.51
CA ASP C 12 -44.86 21.03 24.77
C ASP C 12 -43.95 21.04 26.00
N VAL C 13 -42.64 20.85 25.85
CA VAL C 13 -41.75 20.73 27.01
C VAL C 13 -41.37 22.13 27.50
N GLN C 14 -41.42 22.32 28.81
CA GLN C 14 -41.07 23.58 29.43
C GLN C 14 -39.74 23.45 30.17
N ILE C 15 -38.92 24.49 30.10
CA ILE C 15 -37.68 24.59 30.87
C ILE C 15 -37.86 25.71 31.88
N ASN C 16 -37.62 25.38 33.16
CA ASN C 16 -38.05 26.25 34.24
C ASN C 16 -37.09 27.39 34.50
N ASP C 17 -35.89 27.08 34.99
CA ASP C 17 -34.95 28.12 35.41
C ASP C 17 -34.35 28.82 34.20
N ILE C 18 -34.28 30.15 34.29
CA ILE C 18 -33.89 30.98 33.16
C ILE C 18 -32.45 30.70 32.78
N SER C 19 -31.69 30.10 33.69
CA SER C 19 -30.27 29.83 33.44
C SER C 19 -30.08 28.84 32.30
N LEU C 20 -31.07 27.97 32.06
CA LEU C 20 -30.86 26.84 31.16
C LEU C 20 -31.67 26.90 29.86
N GLN C 21 -32.42 27.98 29.60
CA GLN C 21 -33.04 28.12 28.28
C GLN C 21 -32.04 28.05 27.16
N ASP C 22 -30.85 28.65 27.35
CA ASP C 22 -29.93 28.83 26.24
C ASP C 22 -29.11 27.59 25.96
N TYR C 23 -29.21 26.59 26.83
CA TYR C 23 -28.24 25.51 26.72
C TYR C 23 -28.91 24.16 26.47
N ILE C 24 -30.05 23.91 27.13
CA ILE C 24 -30.85 22.74 26.82
C ILE C 24 -31.44 22.92 25.43
N ALA C 25 -31.24 21.93 24.57
CA ALA C 25 -31.49 22.12 23.14
C ALA C 25 -32.58 21.21 22.61
N VAL C 26 -33.71 21.13 23.31
CA VAL C 26 -34.83 20.30 22.92
C VAL C 26 -35.80 21.00 22.00
N LYS C 27 -35.72 22.33 21.90
CA LYS C 27 -36.83 23.09 21.33
C LYS C 27 -36.89 22.94 19.81
N GLU C 28 -37.79 23.71 19.20
CA GLU C 28 -38.28 23.40 17.86
C GLU C 28 -37.23 23.58 16.78
N LYS C 29 -36.36 24.59 16.91
CA LYS C 29 -35.37 24.83 15.85
C LYS C 29 -34.42 23.65 15.72
N TYR C 30 -33.82 23.23 16.82
CA TYR C 30 -33.03 22.00 16.86
C TYR C 30 -33.85 20.85 17.45
N ALA C 31 -34.92 20.50 16.72
CA ALA C 31 -35.75 19.35 17.03
C ALA C 31 -35.58 18.34 15.90
N LYS C 32 -34.86 17.26 16.17
CA LYS C 32 -34.46 16.32 15.14
C LYS C 32 -35.21 15.00 15.29
N TYR C 33 -35.20 14.20 14.22
CA TYR C 33 -35.87 12.90 14.24
C TYR C 33 -35.11 11.88 15.06
N LEU C 34 -33.78 11.95 15.09
CA LEU C 34 -32.95 11.00 15.82
C LEU C 34 -31.89 11.75 16.61
N PRO C 35 -31.40 11.16 17.68
CA PRO C 35 -30.16 11.63 18.32
C PRO C 35 -28.93 11.04 17.64
N HIS C 36 -28.78 11.33 16.35
CA HIS C 36 -27.61 10.91 15.58
C HIS C 36 -27.38 11.94 14.47
N SER C 37 -26.24 12.62 14.54
CA SER C 37 -25.86 13.56 13.48
C SER C 37 -24.38 13.86 13.64
N ALA C 38 -23.59 13.61 12.60
CA ALA C 38 -22.17 13.96 12.61
C ALA C 38 -22.02 15.46 12.38
N GLY C 39 -22.38 16.22 13.41
CA GLY C 39 -22.52 17.65 13.34
C GLY C 39 -21.31 18.49 13.67
N ARG C 40 -20.16 17.86 13.96
CA ARG C 40 -18.93 18.60 14.31
C ARG C 40 -19.18 19.56 15.46
N TYR C 41 -19.91 19.11 16.48
CA TYR C 41 -20.34 19.98 17.58
C TYR C 41 -19.19 20.35 18.51
N ALA C 42 -18.01 19.77 18.33
CA ALA C 42 -16.87 20.08 19.19
C ALA C 42 -15.74 20.79 18.44
N ALA C 43 -16.01 21.30 17.24
CA ALA C 43 -14.97 22.00 16.49
C ALA C 43 -14.52 23.26 17.22
N LYS C 44 -15.47 24.03 17.72
CA LYS C 44 -15.21 25.21 18.54
C LYS C 44 -15.80 24.98 19.92
N ARG C 45 -15.64 25.98 20.79
CA ARG C 45 -16.42 25.93 22.03
C ARG C 45 -17.89 26.13 21.71
N PHE C 46 -18.72 25.96 22.73
CA PHE C 46 -19.94 26.75 22.83
C PHE C 46 -20.97 26.24 21.83
N ARG C 47 -20.55 25.29 20.98
CA ARG C 47 -21.43 24.65 20.02
C ARG C 47 -22.20 23.49 20.62
N LYS C 48 -21.61 22.78 21.59
CA LYS C 48 -22.35 21.74 22.30
C LYS C 48 -23.54 22.30 23.04
N ALA C 49 -23.58 23.61 23.28
CA ALA C 49 -24.76 24.24 23.86
C ALA C 49 -25.95 24.12 22.92
N GLN C 50 -25.72 24.26 21.61
CA GLN C 50 -26.80 24.11 20.64
C GLN C 50 -26.88 22.71 20.06
N CYS C 51 -26.11 21.77 20.59
CA CYS C 51 -26.29 20.38 20.25
C CYS C 51 -27.51 19.83 20.99
N PRO C 52 -28.42 19.15 20.30
CA PRO C 52 -29.64 18.66 20.96
C PRO C 52 -29.31 17.78 22.16
N ILE C 53 -30.05 17.98 23.25
CA ILE C 53 -29.68 17.36 24.52
C ILE C 53 -29.84 15.85 24.44
N VAL C 54 -30.76 15.37 23.60
CA VAL C 54 -30.93 13.93 23.44
C VAL C 54 -29.73 13.35 22.71
N GLU C 55 -29.24 14.05 21.69
CA GLU C 55 -27.95 13.72 21.09
C GLU C 55 -26.85 13.71 22.15
N ARG C 56 -26.87 14.70 23.04
CA ARG C 56 -25.89 14.78 24.10
C ARG C 56 -25.96 13.57 25.03
N LEU C 57 -27.17 13.09 25.31
CA LEU C 57 -27.34 11.96 26.22
C LEU C 57 -26.74 10.69 25.65
N THR C 58 -27.10 10.34 24.40
CA THR C 58 -26.56 9.12 23.80
C THR C 58 -25.07 9.22 23.53
N ASN C 59 -24.53 10.41 23.34
CA ASN C 59 -23.10 10.58 23.15
C ASN C 59 -22.33 10.21 24.41
N SER C 60 -22.87 10.52 25.58
CA SER C 60 -22.19 10.16 26.82
C SER C 60 -22.51 8.73 27.23
N MET C 61 -23.50 8.11 26.59
CA MET C 61 -23.85 6.72 26.89
C MET C 61 -22.79 5.76 26.34
N MET C 62 -22.08 6.16 25.30
CA MET C 62 -21.10 5.30 24.63
C MET C 62 -19.74 5.36 25.34
N MET C 63 -19.77 5.19 26.66
CA MET C 63 -18.52 5.39 27.40
C MET C 63 -18.46 4.41 28.57
N HIS C 64 -17.74 3.30 28.37
CA HIS C 64 -16.85 2.81 29.42
C HIS C 64 -15.58 2.17 28.87
N GLY C 65 -15.31 2.27 27.57
CA GLY C 65 -14.14 1.65 27.00
C GLY C 65 -14.50 0.38 26.25
N ARG C 66 -15.39 -0.42 26.82
CA ARG C 66 -15.90 -1.61 26.15
C ARG C 66 -16.77 -1.25 24.95
N ASN C 67 -17.50 -0.14 25.01
CA ASN C 67 -18.39 0.31 23.93
C ASN C 67 -18.14 1.80 23.69
N ASN C 68 -17.21 2.12 22.79
CA ASN C 68 -16.85 3.51 22.52
C ASN C 68 -17.43 4.07 21.22
N GLY C 69 -17.57 3.27 20.17
CA GLY C 69 -18.13 3.74 18.92
C GLY C 69 -19.56 3.35 18.67
N LYS C 70 -20.20 2.61 19.57
CA LYS C 70 -21.53 2.05 19.32
C LYS C 70 -22.60 3.11 19.59
N LYS C 71 -22.70 4.07 18.67
CA LYS C 71 -23.78 5.04 18.79
C LYS C 71 -25.09 4.46 18.28
N LEU C 72 -25.02 3.38 17.51
CA LEU C 72 -26.25 2.72 17.07
C LEU C 72 -26.87 1.91 18.20
N MET C 73 -26.06 1.46 19.15
CA MET C 73 -26.61 0.79 20.31
C MET C 73 -27.13 1.80 21.33
N THR C 74 -26.43 2.93 21.48
CA THR C 74 -26.86 3.91 22.47
C THR C 74 -28.09 4.67 21.99
N VAL C 75 -28.26 4.81 20.68
CA VAL C 75 -29.47 5.44 20.16
C VAL C 75 -30.67 4.52 20.35
N ARG C 76 -30.43 3.21 20.35
CA ARG C 76 -31.52 2.28 20.64
C ARG C 76 -31.77 2.19 22.14
N ILE C 77 -30.72 2.42 22.95
CA ILE C 77 -30.87 2.36 24.40
C ILE C 77 -31.76 3.51 24.88
N VAL C 78 -31.52 4.71 24.36
CA VAL C 78 -32.32 5.87 24.76
C VAL C 78 -33.76 5.73 24.28
N LYS C 79 -33.98 5.13 23.11
CA LYS C 79 -35.34 4.99 22.62
C LYS C 79 -36.10 3.92 23.40
N HIS C 80 -35.40 2.92 23.93
CA HIS C 80 -36.04 1.95 24.80
C HIS C 80 -36.30 2.55 26.18
N ALA C 81 -35.36 3.35 26.68
CA ALA C 81 -35.56 4.05 27.94
C ALA C 81 -36.71 5.04 27.83
N PHE C 82 -36.75 5.81 26.73
CA PHE C 82 -37.82 6.78 26.56
C PHE C 82 -39.18 6.10 26.49
N GLU C 83 -39.25 4.94 25.83
CA GLU C 83 -40.49 4.18 25.82
C GLU C 83 -40.90 3.79 27.23
N ILE C 84 -39.93 3.51 28.10
CA ILE C 84 -40.25 3.14 29.48
C ILE C 84 -40.71 4.37 30.26
N ILE C 85 -40.07 5.52 30.04
CA ILE C 85 -40.44 6.74 30.75
C ILE C 85 -41.90 7.06 30.50
N HIS C 86 -42.30 7.09 29.23
CA HIS C 86 -43.70 7.35 28.90
C HIS C 86 -44.61 6.24 29.43
N LEU C 87 -44.07 5.03 29.59
CA LEU C 87 -44.91 3.94 30.08
C LEU C 87 -45.10 4.03 31.59
N LEU C 88 -44.06 4.43 32.32
CA LEU C 88 -44.15 4.50 33.78
C LEU C 88 -44.86 5.75 34.27
N THR C 89 -44.73 6.87 33.56
CA THR C 89 -45.29 8.14 34.02
C THR C 89 -46.45 8.65 33.19
N GLY C 90 -46.60 8.18 31.95
CA GLY C 90 -47.71 8.59 31.11
C GLY C 90 -47.56 9.92 30.41
N GLU C 91 -46.43 10.61 30.59
CA GLU C 91 -46.20 11.89 29.96
C GLU C 91 -44.85 11.89 29.23
N ASN C 92 -44.54 13.02 28.61
CA ASN C 92 -43.47 13.11 27.61
C ASN C 92 -42.11 12.72 28.18
N PRO C 93 -41.43 11.75 27.59
CA PRO C 93 -40.08 11.40 28.08
C PRO C 93 -39.09 12.54 27.96
N LEU C 94 -39.21 13.37 26.93
CA LEU C 94 -38.31 14.51 26.78
C LEU C 94 -38.48 15.49 27.92
N GLN C 95 -39.72 15.66 28.40
CA GLN C 95 -39.97 16.49 29.57
C GLN C 95 -39.20 15.97 30.78
N VAL C 96 -39.23 14.65 30.99
CA VAL C 96 -38.51 14.06 32.11
C VAL C 96 -37.00 14.27 31.96
N LEU C 97 -36.51 14.25 30.72
CA LEU C 97 -35.08 14.43 30.49
C LEU C 97 -34.61 15.81 30.96
N VAL C 98 -35.38 16.86 30.65
CA VAL C 98 -34.95 18.20 31.02
C VAL C 98 -35.07 18.41 32.53
N ASN C 99 -36.12 17.87 33.16
CA ASN C 99 -36.19 17.95 34.61
C ASN C 99 -35.09 17.13 35.27
N ALA C 100 -34.71 16.01 34.66
CA ALA C 100 -33.57 15.25 35.15
C ALA C 100 -32.28 16.07 35.05
N ILE C 101 -32.13 16.82 33.96
CA ILE C 101 -30.91 17.61 33.77
C ILE C 101 -30.86 18.75 34.78
N ILE C 102 -31.96 19.51 34.92
CA ILE C 102 -31.94 20.70 35.76
C ILE C 102 -31.85 20.31 37.23
N ASN C 103 -32.44 19.18 37.63
CA ASN C 103 -32.42 18.80 39.04
C ASN C 103 -31.10 18.14 39.42
N SER C 104 -30.32 17.69 38.45
CA SER C 104 -29.10 16.95 38.73
C SER C 104 -27.83 17.76 38.51
N GLY C 105 -27.94 19.01 38.08
CA GLY C 105 -26.78 19.84 37.87
C GLY C 105 -26.41 20.62 39.11
N PRO C 106 -25.26 20.29 39.71
CA PRO C 106 -24.82 20.99 40.91
C PRO C 106 -24.54 22.44 40.60
N ARG C 107 -24.84 23.31 41.56
CA ARG C 107 -24.64 24.74 41.38
C ARG C 107 -23.31 25.21 41.96
N GLU C 108 -23.02 24.87 43.22
CA GLU C 108 -21.75 25.23 43.82
C GLU C 108 -20.78 24.07 43.81
N ASP C 109 -19.57 24.34 43.35
CA ASP C 109 -18.44 23.42 43.43
C ASP C 109 -17.32 24.12 44.17
N SER C 110 -16.15 23.48 44.22
CA SER C 110 -15.01 24.02 44.97
C SER C 110 -13.72 23.72 44.25
N THR C 111 -12.94 24.77 43.95
CA THR C 111 -11.66 24.61 43.29
C THR C 111 -10.74 25.77 43.68
N ARG C 112 -9.48 25.46 43.95
CA ARG C 112 -8.47 26.43 44.37
C ARG C 112 -7.09 25.76 44.24
N ILE C 113 -6.06 26.44 44.75
CA ILE C 113 -4.69 25.92 44.71
C ILE C 113 -4.02 25.88 46.07
N GLY C 114 -4.56 26.56 47.08
CA GLY C 114 -4.00 26.51 48.41
C GLY C 114 -4.15 25.13 49.03
N ARG C 115 -3.87 25.06 50.33
CA ARG C 115 -3.99 23.78 51.03
C ARG C 115 -5.46 23.42 51.14
N ALA C 116 -5.88 22.43 50.33
CA ALA C 116 -7.28 22.03 50.27
C ALA C 116 -7.78 21.57 51.64
N GLY C 117 -8.89 22.13 52.08
CA GLY C 117 -9.49 21.75 53.34
C GLY C 117 -10.00 20.32 53.32
N THR C 118 -11.04 20.06 52.53
CA THR C 118 -11.57 18.71 52.34
C THR C 118 -11.48 18.25 50.90
N VAL C 119 -11.79 19.11 49.93
CA VAL C 119 -11.55 18.80 48.52
C VAL C 119 -10.79 19.94 47.88
N ARG C 120 -11.17 21.18 48.18
CA ARG C 120 -10.43 22.36 47.77
C ARG C 120 -10.65 23.46 48.80
N ARG C 121 -10.26 24.69 48.46
CA ARG C 121 -10.34 25.78 49.43
C ARG C 121 -11.64 26.58 49.34
N GLN C 122 -11.89 27.25 48.22
CA GLN C 122 -13.05 28.12 48.11
C GLN C 122 -14.18 27.38 47.41
N ALA C 123 -15.41 27.75 47.74
CA ALA C 123 -16.55 27.31 46.96
C ALA C 123 -16.80 28.28 45.82
N VAL C 124 -16.87 27.74 44.61
CA VAL C 124 -17.04 28.55 43.41
C VAL C 124 -18.35 28.17 42.75
N ASP C 125 -18.81 29.01 41.84
CA ASP C 125 -20.03 28.72 41.08
C ASP C 125 -19.69 27.91 39.84
N VAL C 126 -20.70 27.28 39.29
CA VAL C 126 -20.56 26.60 38.02
C VAL C 126 -21.39 27.34 36.98
N SER C 127 -20.85 27.46 35.78
CA SER C 127 -21.56 28.13 34.71
C SER C 127 -22.63 27.20 34.15
N PRO C 128 -23.67 27.75 33.52
CA PRO C 128 -24.74 26.87 33.03
C PRO C 128 -24.40 26.19 31.72
N LEU C 129 -23.17 25.70 31.61
CA LEU C 129 -22.79 24.69 30.62
C LEU C 129 -22.06 23.53 31.28
N ARG C 130 -21.20 23.83 32.26
CA ARG C 130 -20.66 22.79 33.12
C ARG C 130 -21.75 22.17 33.98
N ARG C 131 -22.74 22.97 34.39
CA ARG C 131 -23.89 22.45 35.09
C ARG C 131 -24.66 21.46 34.24
N VAL C 132 -24.85 21.80 32.96
CA VAL C 132 -25.50 20.88 32.03
C VAL C 132 -24.59 19.70 31.72
N ASN C 133 -23.29 19.96 31.57
CA ASN C 133 -22.34 18.89 31.28
C ASN C 133 -22.30 17.87 32.42
N GLN C 134 -22.26 18.36 33.65
CA GLN C 134 -22.14 17.44 34.79
C GLN C 134 -23.43 16.69 35.04
N ALA C 135 -24.58 17.30 34.75
CA ALA C 135 -25.86 16.61 34.92
C ALA C 135 -25.95 15.41 34.00
N ILE C 136 -25.58 15.58 32.73
CA ILE C 136 -25.60 14.47 31.79
C ILE C 136 -24.63 13.38 32.21
N TRP C 137 -23.43 13.78 32.64
CA TRP C 137 -22.44 12.80 33.06
C TRP C 137 -22.92 12.02 34.28
N LEU C 138 -23.53 12.71 35.25
CA LEU C 138 -24.01 12.04 36.45
C LEU C 138 -25.13 11.06 36.13
N LEU C 139 -26.04 11.44 35.24
CA LEU C 139 -27.10 10.52 34.83
C LEU C 139 -26.54 9.29 34.13
N CYS C 140 -25.57 9.49 33.24
CA CYS C 140 -25.04 8.37 32.45
C CYS C 140 -24.33 7.36 33.34
N THR C 141 -23.42 7.82 34.20
CA THR C 141 -22.74 6.91 35.10
C THR C 141 -23.70 6.31 36.13
N GLY C 142 -24.77 7.03 36.49
CA GLY C 142 -25.75 6.47 37.40
C GLY C 142 -26.45 5.25 36.87
N ALA C 143 -26.85 5.26 35.59
CA ALA C 143 -27.42 4.06 34.99
C ALA C 143 -26.35 3.01 34.73
N ARG C 144 -25.12 3.46 34.44
CA ARG C 144 -24.04 2.52 34.13
C ARG C 144 -23.70 1.67 35.35
N GLU C 145 -23.58 2.28 36.52
CA GLU C 145 -23.22 1.52 37.72
C GLU C 145 -24.37 0.66 38.21
N ALA C 146 -25.61 1.06 37.91
CA ALA C 146 -26.77 0.28 38.37
C ALA C 146 -26.95 -1.00 37.57
N ALA C 147 -26.52 -1.02 36.31
CA ALA C 147 -26.73 -2.18 35.46
C ALA C 147 -25.49 -3.06 35.29
N PHE C 148 -24.40 -2.78 36.02
CA PHE C 148 -23.17 -3.52 35.78
C PHE C 148 -23.35 -5.01 36.05
N ARG C 149 -23.62 -5.39 37.30
CA ARG C 149 -23.78 -6.80 37.64
C ARG C 149 -25.23 -7.18 37.88
N ASN C 150 -26.16 -6.36 37.41
CA ASN C 150 -27.57 -6.53 37.75
C ASN C 150 -28.35 -7.07 36.53
N ILE C 151 -29.44 -7.78 36.83
CA ILE C 151 -30.21 -8.46 35.79
C ILE C 151 -30.85 -7.46 34.84
N LYS C 152 -31.30 -6.31 35.36
CA LYS C 152 -31.95 -5.34 34.51
C LYS C 152 -30.99 -4.76 33.48
N THR C 153 -31.54 -4.36 32.34
CA THR C 153 -30.78 -3.83 31.24
C THR C 153 -30.54 -2.33 31.45
N ILE C 154 -29.77 -1.72 30.55
CA ILE C 154 -29.50 -0.29 30.65
C ILE C 154 -30.78 0.51 30.42
N ALA C 155 -31.66 0.01 29.55
CA ALA C 155 -32.88 0.73 29.20
C ALA C 155 -33.73 1.01 30.45
N GLU C 156 -33.88 0.01 31.32
CA GLU C 156 -34.60 0.27 32.57
C GLU C 156 -33.74 1.06 33.54
N CYS C 157 -32.42 0.92 33.48
CA CYS C 157 -31.56 1.60 34.44
C CYS C 157 -31.43 3.09 34.11
N LEU C 158 -31.43 3.44 32.82
CA LEU C 158 -31.59 4.85 32.46
C LEU C 158 -32.96 5.36 32.86
N ALA C 159 -33.99 4.51 32.74
CA ALA C 159 -35.34 4.91 33.10
C ALA C 159 -35.43 5.32 34.58
N ASP C 160 -35.12 4.40 35.48
CA ASP C 160 -35.22 4.70 36.90
C ASP C 160 -34.28 5.83 37.29
N GLU C 161 -33.14 5.93 36.63
CA GLU C 161 -32.23 7.05 36.88
C GLU C 161 -32.88 8.37 36.50
N LEU C 162 -33.54 8.41 35.35
CA LEU C 162 -34.15 9.66 34.88
C LEU C 162 -35.40 10.01 35.66
N ILE C 163 -36.25 9.01 35.95
CA ILE C 163 -37.48 9.29 36.69
C ILE C 163 -37.16 9.78 38.09
N ASN C 164 -36.22 9.11 38.77
CA ASN C 164 -35.86 9.53 40.12
C ASN C 164 -35.20 10.91 40.10
N ALA C 165 -34.32 11.15 39.13
CA ALA C 165 -33.68 12.47 39.05
C ALA C 165 -34.67 13.55 38.69
N ALA C 166 -35.63 13.26 37.81
CA ALA C 166 -36.59 14.27 37.40
C ALA C 166 -37.41 14.77 38.59
N LYS C 167 -37.90 13.86 39.43
CA LYS C 167 -38.62 14.30 40.61
C LYS C 167 -37.66 14.76 41.70
N GLY C 168 -36.57 14.02 41.93
CA GLY C 168 -35.65 14.31 43.00
C GLY C 168 -36.02 13.48 44.22
N SER C 169 -35.27 12.42 44.50
CA SER C 169 -35.70 11.48 45.52
C SER C 169 -34.58 10.92 46.39
N SER C 170 -33.36 11.43 46.29
CA SER C 170 -32.23 11.01 47.12
C SER C 170 -31.86 9.54 46.94
N ASN C 171 -32.44 8.85 45.96
CA ASN C 171 -32.09 7.47 45.68
C ASN C 171 -31.52 7.26 44.28
N SER C 172 -31.62 8.25 43.41
CA SER C 172 -30.92 8.22 42.14
C SER C 172 -29.47 8.61 42.38
N TYR C 173 -28.56 7.98 41.64
CA TYR C 173 -27.14 8.21 41.88
C TYR C 173 -26.76 9.66 41.57
N ALA C 174 -27.45 10.30 40.61
CA ALA C 174 -27.01 11.59 40.12
C ALA C 174 -27.22 12.69 41.16
N ILE C 175 -28.46 12.90 41.58
CA ILE C 175 -28.73 13.95 42.55
C ILE C 175 -28.15 13.61 43.92
N LYS C 176 -27.79 12.34 44.14
CA LYS C 176 -27.08 12.00 45.36
C LYS C 176 -25.68 12.57 45.36
N LYS C 177 -25.04 12.64 44.19
CA LYS C 177 -23.75 13.30 44.07
C LYS C 177 -23.89 14.81 43.92
N LYS C 178 -25.06 15.28 43.46
CA LYS C 178 -25.30 16.71 43.40
C LYS C 178 -25.23 17.35 44.77
N ASP C 179 -26.15 16.95 45.66
CA ASP C 179 -26.23 17.59 46.97
C ASP C 179 -24.99 17.32 47.81
N GLU C 180 -24.26 16.25 47.51
CA GLU C 180 -22.97 16.03 48.18
C GLU C 180 -21.95 17.06 47.73
N LEU C 181 -21.88 17.32 46.43
CA LEU C 181 -21.06 18.42 45.94
C LEU C 181 -21.58 19.76 46.44
N GLU C 182 -22.91 19.91 46.52
CA GLU C 182 -23.48 21.14 47.06
C GLU C 182 -23.09 21.35 48.50
N ARG C 183 -23.11 20.30 49.31
CA ARG C 183 -22.85 20.47 50.74
C ARG C 183 -21.36 20.47 51.05
N VAL C 184 -20.55 19.81 50.22
CA VAL C 184 -19.11 19.91 50.37
C VAL C 184 -18.63 21.32 50.07
N ALA C 185 -19.18 21.93 49.01
CA ALA C 185 -18.85 23.32 48.70
C ALA C 185 -19.32 24.27 49.80
N LYS C 186 -20.54 24.06 50.31
CA LYS C 186 -21.07 24.93 51.35
C LYS C 186 -20.16 24.90 52.57
N SER C 187 -19.50 23.77 52.80
CA SER C 187 -18.53 23.68 53.90
C SER C 187 -17.35 24.61 53.66
N ASN C 188 -16.94 24.77 52.40
CA ASN C 188 -15.81 25.61 52.05
C ASN C 188 -16.22 26.98 51.51
N ARG C 189 -17.30 27.56 52.04
CA ARG C 189 -17.76 28.86 51.58
C ARG C 189 -16.73 29.95 51.90
N MET D 1 47.11 -23.22 -4.65
CA MET D 1 45.92 -23.69 -5.33
C MET D 1 46.21 -24.91 -6.19
N LEU D 2 45.58 -26.03 -5.85
CA LEU D 2 45.87 -27.33 -6.43
C LEU D 2 45.06 -27.59 -7.71
N MET D 3 44.32 -26.60 -8.18
CA MET D 3 43.42 -26.77 -9.32
C MET D 3 44.17 -27.24 -10.56
N PRO D 4 43.58 -28.17 -11.32
CA PRO D 4 44.31 -28.84 -12.40
C PRO D 4 44.71 -27.89 -13.52
N LYS D 5 45.75 -28.30 -14.26
CA LYS D 5 46.30 -27.48 -15.34
C LYS D 5 45.28 -27.21 -16.43
N LYS D 6 44.43 -28.18 -16.77
CA LYS D 6 43.42 -27.93 -17.78
C LYS D 6 42.52 -26.77 -17.40
N ASN D 7 42.30 -26.57 -16.09
CA ASN D 7 41.59 -25.39 -15.63
C ASN D 7 42.47 -24.16 -15.73
N ARG D 8 43.74 -24.28 -15.35
CA ARG D 8 44.66 -23.15 -15.46
C ARG D 8 44.78 -22.71 -16.91
N ILE D 9 44.86 -23.68 -17.83
CA ILE D 9 44.78 -23.39 -19.26
C ILE D 9 43.44 -22.78 -19.65
N ALA D 10 42.33 -23.22 -19.02
CA ALA D 10 41.00 -22.78 -19.41
C ALA D 10 40.60 -21.42 -18.86
N ILE D 11 41.31 -20.89 -17.86
CA ILE D 11 41.03 -19.54 -17.39
C ILE D 11 41.86 -18.51 -18.12
N TYR D 12 43.11 -18.86 -18.46
CA TYR D 12 44.05 -17.87 -18.97
C TYR D 12 43.67 -17.39 -20.37
N GLU D 13 43.24 -18.32 -21.24
CA GLU D 13 43.05 -17.94 -22.65
C GLU D 13 41.86 -17.01 -22.81
N LEU D 14 40.75 -17.30 -22.12
CA LEU D 14 39.57 -16.46 -22.22
C LEU D 14 39.81 -15.16 -21.47
N LEU D 15 40.64 -15.20 -20.43
CA LEU D 15 41.19 -13.98 -19.88
C LEU D 15 42.02 -13.24 -20.92
N PHE D 16 42.79 -13.98 -21.72
CA PHE D 16 43.57 -13.37 -22.79
C PHE D 16 42.69 -12.91 -23.94
N LYS D 17 41.79 -13.78 -24.41
CA LYS D 17 41.02 -13.45 -25.61
C LYS D 17 40.08 -12.28 -25.35
N GLU D 18 39.72 -12.05 -24.10
CA GLU D 18 38.93 -10.89 -23.69
C GLU D 18 39.62 -10.31 -22.46
N GLY D 19 40.27 -9.16 -22.66
CA GLY D 19 41.22 -8.61 -21.72
C GLY D 19 40.80 -8.45 -20.28
N VAL D 20 39.54 -8.70 -19.97
CA VAL D 20 39.02 -8.46 -18.63
C VAL D 20 38.50 -9.76 -18.03
N MET D 21 38.34 -9.76 -16.71
CA MET D 21 37.81 -10.89 -15.96
C MET D 21 36.74 -10.39 -15.01
N VAL D 22 35.63 -11.13 -14.92
CA VAL D 22 34.55 -10.83 -13.99
C VAL D 22 34.19 -12.12 -13.25
N ALA D 23 34.11 -12.03 -11.93
CA ALA D 23 33.71 -13.17 -11.12
C ALA D 23 33.08 -12.68 -9.83
N LYS D 24 31.98 -13.31 -9.46
CA LYS D 24 31.30 -13.01 -8.22
C LYS D 24 32.10 -13.57 -7.05
N LYS D 25 32.14 -12.80 -5.95
CA LYS D 25 32.84 -13.28 -4.77
C LYS D 25 32.02 -14.36 -4.08
N ASP D 26 32.15 -15.59 -4.54
CA ASP D 26 31.41 -16.71 -3.97
C ASP D 26 32.23 -17.97 -4.19
N VAL D 27 32.87 -18.47 -3.12
CA VAL D 27 33.69 -19.68 -3.22
C VAL D 27 32.87 -20.93 -3.42
N HIS D 28 31.54 -20.82 -3.48
CA HIS D 28 30.67 -21.98 -3.50
C HIS D 28 29.87 -22.08 -4.79
N MET D 29 30.10 -21.20 -5.76
CA MET D 29 29.44 -21.32 -7.04
C MET D 29 30.05 -22.49 -7.80
N PRO D 30 29.27 -23.51 -8.15
CA PRO D 30 29.86 -24.70 -8.79
C PRO D 30 30.47 -24.41 -10.14
N LYS D 31 29.99 -23.40 -10.86
CA LYS D 31 30.37 -23.18 -12.24
C LYS D 31 30.63 -21.70 -12.45
N HIS D 32 31.63 -21.37 -13.25
CA HIS D 32 31.80 -19.98 -13.67
C HIS D 32 31.00 -19.75 -14.94
N PRO D 33 30.09 -18.78 -14.95
CA PRO D 33 29.20 -18.61 -16.12
C PRO D 33 29.94 -18.40 -17.43
N GLU D 34 31.07 -17.69 -17.42
CA GLU D 34 31.82 -17.50 -18.65
C GLU D 34 32.47 -18.79 -19.12
N LEU D 35 32.90 -19.64 -18.20
CA LEU D 35 33.53 -20.92 -18.54
C LEU D 35 32.53 -22.06 -18.65
N ALA D 36 31.78 -22.33 -17.58
CA ALA D 36 30.68 -23.28 -17.60
C ALA D 36 31.10 -24.67 -18.08
N ASP D 37 31.07 -24.90 -19.40
CA ASP D 37 31.31 -26.23 -19.93
C ASP D 37 32.76 -26.66 -19.83
N LYS D 38 33.66 -25.80 -19.37
CA LYS D 38 35.02 -26.20 -19.05
C LYS D 38 35.13 -26.77 -17.65
N ASN D 39 34.04 -26.78 -16.89
CA ASN D 39 33.98 -27.35 -15.55
C ASN D 39 35.03 -26.73 -14.63
N VAL D 40 34.98 -25.41 -14.54
CA VAL D 40 35.87 -24.63 -13.69
C VAL D 40 35.02 -23.95 -12.63
N PRO D 41 35.15 -24.32 -11.36
CA PRO D 41 34.37 -23.66 -10.30
C PRO D 41 34.81 -22.22 -10.08
N ASN D 42 33.92 -21.44 -9.46
CA ASN D 42 34.23 -20.05 -9.15
C ASN D 42 35.41 -19.93 -8.20
N LEU D 43 35.66 -20.94 -7.37
CA LEU D 43 36.84 -20.90 -6.50
C LEU D 43 38.13 -20.88 -7.31
N HIS D 44 38.21 -21.72 -8.33
CA HIS D 44 39.46 -21.85 -9.08
C HIS D 44 39.82 -20.55 -9.79
N VAL D 45 38.84 -19.91 -10.43
CA VAL D 45 39.12 -18.72 -11.22
C VAL D 45 39.56 -17.57 -10.32
N MET D 46 38.81 -17.30 -9.26
CA MET D 46 39.13 -16.15 -8.42
C MET D 46 40.30 -16.42 -7.50
N LYS D 47 40.77 -17.66 -7.41
CA LYS D 47 42.06 -17.93 -6.78
C LYS D 47 43.19 -17.88 -7.80
N ALA D 48 42.88 -18.23 -9.06
CA ALA D 48 43.88 -18.12 -10.12
C ALA D 48 44.21 -16.66 -10.40
N MET D 49 43.19 -15.80 -10.41
CA MET D 49 43.44 -14.39 -10.69
C MET D 49 44.08 -13.71 -9.48
N GLN D 50 43.81 -14.21 -8.28
CA GLN D 50 44.43 -13.65 -7.09
C GLN D 50 45.93 -13.91 -7.08
N SER D 51 46.38 -14.95 -7.79
CA SER D 51 47.81 -15.18 -7.94
C SER D 51 48.43 -14.19 -8.93
N LEU D 52 47.68 -13.87 -9.99
CA LEU D 52 48.18 -12.91 -10.97
C LEU D 52 48.24 -11.50 -10.40
N LYS D 53 47.34 -11.18 -9.47
CA LYS D 53 47.41 -9.88 -8.81
C LYS D 53 48.70 -9.76 -8.00
N SER D 54 49.04 -10.79 -7.23
CA SER D 54 50.25 -10.75 -6.42
C SER D 54 51.50 -10.66 -7.31
N ARG D 55 51.47 -11.32 -8.47
CA ARG D 55 52.55 -11.16 -9.43
C ARG D 55 52.59 -9.75 -10.01
N GLY D 56 51.51 -8.98 -9.87
CA GLY D 56 51.40 -7.69 -10.51
C GLY D 56 50.97 -7.75 -11.97
N TYR D 57 50.56 -8.92 -12.44
CA TYR D 57 50.23 -9.08 -13.86
C TYR D 57 48.79 -8.74 -14.16
N VAL D 58 47.99 -8.43 -13.14
CA VAL D 58 46.59 -8.08 -13.30
C VAL D 58 46.19 -7.16 -12.17
N LYS D 59 45.43 -6.12 -12.49
CA LYS D 59 44.93 -5.18 -11.50
C LYS D 59 43.44 -5.43 -11.24
N GLU D 60 43.06 -5.36 -9.96
CA GLU D 60 41.74 -5.79 -9.54
C GLU D 60 40.97 -4.63 -8.93
N GLN D 61 39.68 -4.56 -9.24
CA GLN D 61 38.76 -3.65 -8.59
C GLN D 61 37.56 -4.45 -8.09
N PHE D 62 36.97 -4.02 -6.99
CA PHE D 62 35.90 -4.77 -6.32
C PHE D 62 34.68 -3.88 -6.13
N ALA D 63 33.60 -4.20 -6.83
CA ALA D 63 32.28 -3.64 -6.54
C ALA D 63 31.60 -4.45 -5.45
N TRP D 64 30.28 -4.29 -5.32
CA TRP D 64 29.50 -4.91 -4.25
C TRP D 64 29.90 -6.35 -3.97
N ARG D 65 29.79 -7.24 -4.96
CA ARG D 65 30.18 -8.64 -4.78
C ARG D 65 30.89 -9.21 -6.01
N HIS D 66 31.60 -8.39 -6.76
CA HIS D 66 32.22 -8.85 -7.99
C HIS D 66 33.65 -8.33 -8.11
N PHE D 67 34.51 -9.15 -8.69
CA PHE D 67 35.85 -8.74 -9.06
C PHE D 67 35.88 -8.35 -10.54
N TYR D 68 36.74 -7.39 -10.85
CA TYR D 68 36.78 -6.74 -12.15
C TYR D 68 38.20 -6.68 -12.67
N TRP D 69 38.90 -7.82 -12.63
CA TRP D 69 40.30 -7.87 -13.02
C TRP D 69 40.50 -7.38 -14.45
N TYR D 70 41.59 -6.65 -14.66
CA TYR D 70 42.03 -6.21 -15.99
C TYR D 70 43.47 -6.64 -16.19
N LEU D 71 43.87 -6.85 -17.43
CA LEU D 71 45.25 -7.19 -17.73
C LEU D 71 46.11 -5.93 -17.79
N THR D 72 47.27 -5.99 -17.15
CA THR D 72 48.29 -4.98 -17.31
C THR D 72 49.15 -5.34 -18.53
N ASN D 73 50.07 -4.44 -18.89
CA ASN D 73 51.00 -4.76 -19.97
C ASN D 73 52.00 -5.83 -19.55
N GLU D 74 52.29 -5.93 -18.25
CA GLU D 74 53.15 -7.00 -17.75
C GLU D 74 52.47 -8.36 -17.75
N GLY D 75 51.14 -8.40 -17.82
CA GLY D 75 50.43 -9.66 -17.93
C GLY D 75 50.30 -10.09 -19.38
N ILE D 76 50.57 -9.17 -20.30
CA ILE D 76 50.41 -9.46 -21.72
C ILE D 76 51.43 -10.50 -22.18
N GLN D 77 52.71 -10.26 -21.88
CA GLN D 77 53.73 -11.17 -22.37
C GLN D 77 53.85 -12.42 -21.52
N TYR D 78 53.37 -12.38 -20.28
CA TYR D 78 53.33 -13.60 -19.47
C TYR D 78 52.36 -14.61 -20.06
N LEU D 79 51.12 -14.19 -20.31
CA LEU D 79 50.16 -15.07 -20.94
C LEU D 79 50.54 -15.34 -22.39
N ARG D 80 51.41 -14.50 -22.96
CA ARG D 80 51.87 -14.72 -24.32
C ARG D 80 52.77 -15.95 -24.39
N ASP D 81 53.69 -16.09 -23.44
CA ASP D 81 54.62 -17.21 -23.46
C ASP D 81 54.18 -18.38 -22.61
N TYR D 82 53.30 -18.17 -21.63
CA TYR D 82 52.73 -19.28 -20.89
C TYR D 82 51.88 -20.15 -21.81
N LEU D 83 51.05 -19.53 -22.64
CA LEU D 83 50.31 -20.22 -23.67
C LEU D 83 51.07 -20.29 -24.99
N HIS D 84 52.32 -19.83 -25.02
CA HIS D 84 53.20 -19.95 -26.18
C HIS D 84 52.62 -19.24 -27.40
N LEU D 85 52.48 -17.90 -27.29
CA LEU D 85 52.12 -17.22 -28.52
C LEU D 85 53.27 -16.34 -29.00
N PRO D 86 53.43 -16.17 -30.30
CA PRO D 86 54.38 -15.17 -30.79
C PRO D 86 53.92 -13.78 -30.41
N PRO D 87 54.82 -12.80 -30.34
CA PRO D 87 54.41 -11.46 -29.90
C PRO D 87 53.60 -10.71 -30.94
N GLU D 88 52.55 -11.36 -31.44
CA GLU D 88 51.61 -10.73 -32.36
C GLU D 88 50.15 -10.92 -31.95
N ILE D 89 49.79 -12.04 -31.31
CA ILE D 89 48.41 -12.31 -30.93
C ILE D 89 48.02 -11.33 -29.82
N VAL D 90 46.92 -10.61 -30.02
CA VAL D 90 46.58 -9.49 -29.16
C VAL D 90 45.25 -9.76 -28.47
N PRO D 91 45.09 -9.39 -27.20
CA PRO D 91 43.76 -9.44 -26.59
C PRO D 91 42.79 -8.49 -27.30
N ALA D 92 41.51 -8.86 -27.26
CA ALA D 92 40.49 -8.06 -27.92
C ALA D 92 40.47 -6.64 -27.38
N THR D 93 40.64 -6.47 -26.07
CA THR D 93 40.61 -5.15 -25.46
C THR D 93 41.68 -4.22 -26.02
N LEU D 94 42.90 -4.73 -26.23
CA LEU D 94 44.04 -3.85 -26.51
C LEU D 94 43.82 -3.02 -27.77
N ARG D 95 43.32 -3.62 -28.83
CA ARG D 95 43.09 -2.86 -30.06
C ARG D 95 41.70 -3.00 -30.66
N ARG D 96 41.02 -4.14 -30.50
CA ARG D 96 39.75 -4.47 -31.14
C ARG D 96 39.50 -3.72 -32.44
N SER D 97 39.09 -2.45 -32.33
CA SER D 97 38.78 -1.66 -33.51
C SER D 97 40.04 -1.18 -34.20
N ARG D 98 40.85 -0.40 -33.49
CA ARG D 98 42.06 0.18 -34.08
C ARG D 98 43.31 -0.27 -33.34
N THR E 1 2.13 -54.66 24.44
CA THR E 1 1.28 -54.25 23.33
C THR E 1 1.32 -52.74 23.13
N TYR E 2 1.34 -52.32 21.86
CA TYR E 2 1.44 -50.90 21.51
C TYR E 2 0.05 -50.28 21.28
N ARG E 3 -0.69 -50.78 20.30
CA ARG E 3 -2.03 -50.26 20.01
C ARG E 3 -2.97 -51.44 19.81
N GLY E 4 -2.92 -52.40 20.73
CA GLY E 4 -3.60 -53.66 20.55
C GLY E 4 -2.80 -54.70 19.81
N VAL E 5 -1.58 -54.37 19.38
CA VAL E 5 -0.68 -55.31 18.73
C VAL E 5 0.54 -55.48 19.62
N ASP E 6 0.85 -56.72 19.97
CA ASP E 6 1.98 -57.00 20.83
C ASP E 6 3.30 -56.76 20.09
N LEU E 7 4.40 -56.81 20.85
CA LEU E 7 5.72 -56.56 20.29
C LEU E 7 6.09 -57.60 19.24
N ASP E 8 5.54 -58.81 19.35
CA ASP E 8 5.88 -59.87 18.41
C ASP E 8 5.43 -59.53 17.00
N GLN E 9 4.18 -59.09 16.84
CA GLN E 9 3.71 -58.68 15.52
C GLN E 9 4.35 -57.37 15.09
N LEU E 10 4.70 -56.50 16.04
CA LEU E 10 5.42 -55.28 15.70
C LEU E 10 6.77 -55.59 15.07
N LEU E 11 7.44 -56.65 15.55
CA LEU E 11 8.76 -56.99 15.04
C LEU E 11 8.68 -57.55 13.62
N ASP E 12 7.50 -57.95 13.19
CA ASP E 12 7.33 -58.59 11.89
C ASP E 12 6.70 -57.65 10.86
N MET E 13 5.59 -56.99 11.22
CA MET E 13 4.85 -56.15 10.29
C MET E 13 5.72 -55.00 9.80
N SER E 14 5.53 -54.62 8.53
CA SER E 14 6.44 -53.76 7.79
C SER E 14 6.13 -52.28 8.03
N TYR E 15 6.81 -51.42 7.26
CA TYR E 15 6.68 -49.98 7.42
C TYR E 15 5.30 -49.48 7.02
N GLU E 16 4.73 -50.03 5.95
CA GLU E 16 3.45 -49.56 5.44
C GLU E 16 2.32 -49.67 6.46
N GLN E 17 2.39 -50.65 7.37
CA GLN E 17 1.44 -50.74 8.46
C GLN E 17 2.00 -50.33 9.82
N LEU E 18 3.25 -49.89 9.90
CA LEU E 18 3.69 -49.12 11.04
C LEU E 18 3.16 -47.69 11.01
N MET E 19 2.87 -47.18 9.82
CA MET E 19 2.34 -45.82 9.69
C MET E 19 0.98 -45.71 10.36
N GLN E 20 0.15 -46.73 10.19
CA GLN E 20 -1.19 -46.70 10.77
C GLN E 20 -1.14 -46.63 12.29
N LEU E 21 -0.23 -47.41 12.90
CA LEU E 21 -0.13 -47.44 14.35
C LEU E 21 0.60 -46.23 14.90
N TYR E 22 1.41 -45.56 14.08
CA TYR E 22 2.18 -44.41 14.53
C TYR E 22 1.27 -43.17 14.59
N SER E 23 1.71 -42.15 15.30
CA SER E 23 1.01 -40.88 15.38
C SER E 23 1.16 -40.14 14.06
N ALA E 24 0.53 -38.96 13.99
CA ALA E 24 0.58 -38.16 12.77
C ALA E 24 2.01 -37.75 12.45
N ARG E 25 2.79 -37.36 13.47
CA ARG E 25 4.17 -36.96 13.24
C ARG E 25 5.02 -38.11 12.73
N GLN E 26 4.97 -39.25 13.42
CA GLN E 26 5.83 -40.37 13.04
C GLN E 26 5.42 -40.95 11.69
N ARG E 27 4.12 -41.02 11.42
CA ARG E 27 3.67 -41.54 10.12
C ARG E 27 4.12 -40.64 8.99
N ARG E 28 4.06 -39.33 9.18
CA ARG E 28 4.55 -38.42 8.15
C ARG E 28 6.06 -38.55 7.95
N ARG E 29 6.78 -38.79 9.05
CA ARG E 29 8.23 -38.96 8.95
C ARG E 29 8.59 -40.18 8.12
N LEU E 30 7.88 -41.30 8.32
CA LEU E 30 8.13 -42.50 7.53
C LEU E 30 7.53 -42.39 6.13
N ASN E 31 6.42 -41.66 5.99
CA ASN E 31 5.88 -41.45 4.66
C ASN E 31 6.87 -40.68 3.78
N ARG E 32 7.47 -39.63 4.34
CA ARG E 32 8.62 -39.00 3.71
C ARG E 32 9.81 -39.95 3.79
N GLY E 33 10.85 -39.65 3.02
CA GLY E 33 12.01 -40.52 2.99
C GLY E 33 12.71 -40.61 4.33
N LEU E 34 13.23 -41.80 4.62
CA LEU E 34 14.06 -42.03 5.79
C LEU E 34 15.52 -42.03 5.33
N ARG E 35 16.23 -40.97 5.66
CA ARG E 35 17.50 -40.65 5.01
C ARG E 35 18.56 -41.69 5.33
N ARG E 36 19.67 -41.62 4.59
CA ARG E 36 20.70 -42.65 4.66
C ARG E 36 21.39 -42.68 6.01
N LYS E 37 21.61 -41.52 6.64
CA LYS E 37 22.27 -41.50 7.94
C LYS E 37 21.49 -42.29 8.98
N GLN E 38 20.16 -42.19 8.94
CA GLN E 38 19.34 -43.01 9.84
C GLN E 38 19.41 -44.47 9.45
N HIS E 39 19.50 -44.76 8.15
CA HIS E 39 19.64 -46.14 7.70
C HIS E 39 20.92 -46.77 8.22
N SER E 40 22.01 -46.00 8.22
CA SER E 40 23.29 -46.53 8.69
C SER E 40 23.23 -46.89 10.17
N LEU E 41 22.48 -46.12 10.96
CA LEU E 41 22.39 -46.38 12.39
C LEU E 41 21.76 -47.74 12.64
N LEU E 42 20.67 -48.05 11.94
CA LEU E 42 20.02 -49.34 12.10
C LEU E 42 20.91 -50.48 11.61
N LYS E 43 21.76 -50.21 10.62
CA LYS E 43 22.75 -51.21 10.22
C LYS E 43 23.70 -51.50 11.38
N ARG E 44 24.07 -50.46 12.14
CA ARG E 44 24.87 -50.68 13.34
C ARG E 44 24.05 -51.37 14.43
N LEU E 45 22.80 -50.97 14.60
CA LEU E 45 21.96 -51.55 15.64
C LEU E 45 21.72 -53.04 15.41
N ARG E 46 21.41 -53.42 14.17
CA ARG E 46 21.25 -54.85 13.88
C ARG E 46 22.56 -55.59 14.07
N LYS E 47 23.67 -54.98 13.68
CA LYS E 47 24.99 -55.60 13.86
C LYS E 47 25.29 -55.81 15.33
N ALA E 48 25.00 -54.81 16.17
CA ALA E 48 25.29 -54.92 17.59
C ALA E 48 24.50 -56.04 18.24
N LYS E 49 23.22 -56.19 17.87
CA LYS E 49 22.40 -57.25 18.45
C LYS E 49 22.93 -58.62 18.08
N LYS E 50 23.34 -58.82 16.83
CA LYS E 50 23.73 -60.15 16.37
C LYS E 50 25.13 -60.56 16.84
N GLU E 51 26.04 -59.61 17.05
CA GLU E 51 27.30 -59.94 17.73
C GLU E 51 27.18 -59.92 19.25
N ALA E 52 26.05 -59.50 19.78
CA ALA E 52 25.86 -59.54 21.23
C ALA E 52 25.80 -60.99 21.71
N PRO E 53 26.42 -61.33 22.83
CA PRO E 53 26.38 -62.70 23.31
C PRO E 53 24.98 -63.07 23.77
N PRO E 54 24.68 -64.36 23.87
CA PRO E 54 23.37 -64.76 24.38
C PRO E 54 23.03 -64.10 25.71
N MET E 55 21.74 -63.83 25.89
CA MET E 55 21.16 -63.22 27.09
C MET E 55 21.97 -62.02 27.58
N GLU E 56 22.70 -61.38 26.67
CA GLU E 56 23.56 -60.25 27.02
C GLU E 56 23.07 -59.02 26.30
N LYS E 57 23.08 -57.90 27.00
CA LYS E 57 22.69 -56.63 26.40
C LYS E 57 23.72 -56.23 25.36
N PRO E 58 23.29 -55.68 24.23
CA PRO E 58 24.23 -55.36 23.15
C PRO E 58 25.21 -54.27 23.57
N GLU E 59 26.38 -54.28 22.93
CA GLU E 59 27.36 -53.24 23.19
C GLU E 59 26.84 -51.90 22.68
N VAL E 60 27.25 -50.83 23.37
CA VAL E 60 26.67 -49.52 23.13
C VAL E 60 27.12 -48.99 21.78
N VAL E 61 26.14 -48.56 20.96
CA VAL E 61 26.40 -47.77 19.77
C VAL E 61 26.03 -46.33 20.09
N LYS E 62 26.83 -45.40 19.58
CA LYS E 62 26.61 -43.98 19.84
C LYS E 62 26.26 -43.27 18.54
N THR E 63 25.47 -42.20 18.67
CA THR E 63 24.98 -41.50 17.49
C THR E 63 24.72 -40.04 17.85
N HIS E 64 24.70 -39.21 16.82
CA HIS E 64 24.29 -37.82 16.94
C HIS E 64 22.82 -37.60 16.65
N LEU E 65 22.17 -38.60 16.04
CA LEU E 65 20.79 -38.46 15.58
C LEU E 65 19.85 -38.52 16.77
N ARG E 66 19.72 -37.39 17.47
CA ARG E 66 18.63 -37.27 18.44
C ARG E 66 17.39 -36.74 17.75
N ASP E 67 17.07 -37.35 16.61
CA ASP E 67 15.85 -37.03 15.88
C ASP E 67 15.23 -38.25 15.20
N MET E 68 15.77 -39.44 15.42
CA MET E 68 15.21 -40.66 14.85
C MET E 68 14.06 -41.17 15.70
N ILE E 69 12.93 -41.44 15.06
CA ILE E 69 11.82 -42.13 15.70
C ILE E 69 12.26 -43.53 16.10
N ILE E 70 11.91 -43.94 17.32
CA ILE E 70 12.24 -45.30 17.74
C ILE E 70 11.39 -46.30 16.95
N LEU E 71 12.03 -47.34 16.45
CA LEU E 71 11.33 -48.36 15.69
C LEU E 71 11.30 -49.66 16.48
N PRO E 72 10.27 -50.47 16.29
CA PRO E 72 10.20 -51.74 17.04
C PRO E 72 11.38 -52.67 16.78
N GLU E 73 11.98 -52.65 15.59
CA GLU E 73 13.09 -53.55 15.31
C GLU E 73 14.31 -53.22 16.18
N MET E 74 14.42 -51.98 16.63
CA MET E 74 15.57 -51.55 17.42
C MET E 74 15.26 -51.46 18.92
N VAL E 75 14.23 -52.19 19.35
CA VAL E 75 13.92 -52.29 20.78
C VAL E 75 14.93 -53.21 21.44
N GLY E 76 15.27 -52.90 22.69
CA GLY E 76 16.26 -53.69 23.40
C GLY E 76 17.68 -53.41 22.93
N SER E 77 17.92 -52.19 22.46
CA SER E 77 19.23 -51.80 21.95
C SER E 77 19.84 -50.77 22.88
N MET E 78 21.12 -50.95 23.17
CA MET E 78 21.88 -50.02 23.99
C MET E 78 22.41 -48.92 23.09
N VAL E 79 21.91 -47.71 23.26
CA VAL E 79 22.19 -46.59 22.38
C VAL E 79 22.68 -45.41 23.21
N GLY E 80 23.77 -44.79 22.77
CA GLY E 80 24.26 -43.57 23.37
C GLY E 80 23.97 -42.39 22.46
N VAL E 81 23.16 -41.46 22.96
CA VAL E 81 22.68 -40.32 22.17
C VAL E 81 23.33 -39.06 22.69
N TYR E 82 23.98 -38.34 21.78
CA TYR E 82 24.61 -37.07 22.10
C TYR E 82 23.58 -36.06 22.56
N ASN E 83 23.85 -35.39 23.68
CA ASN E 83 23.03 -34.29 24.15
C ASN E 83 23.68 -32.94 23.86
N GLY E 84 24.71 -32.92 23.01
CA GLY E 84 25.51 -31.74 22.78
C GLY E 84 26.84 -31.75 23.49
N LYS E 85 26.95 -32.43 24.63
CA LYS E 85 28.18 -32.53 25.38
C LYS E 85 28.67 -33.97 25.51
N THR E 86 27.81 -34.88 25.98
CA THR E 86 28.18 -36.27 26.18
C THR E 86 27.18 -37.18 25.48
N PHE E 87 27.53 -38.46 25.41
CA PHE E 87 26.66 -39.49 24.84
C PHE E 87 25.90 -40.16 25.98
N ASN E 88 24.67 -39.72 26.21
CA ASN E 88 23.90 -40.24 27.33
C ASN E 88 23.45 -41.68 27.07
N GLN E 89 23.46 -42.48 28.13
CA GLN E 89 23.15 -43.90 28.04
C GLN E 89 21.65 -44.13 28.06
N VAL E 90 21.10 -44.74 27.00
CA VAL E 90 19.69 -45.05 26.96
C VAL E 90 19.51 -46.51 26.54
N GLU E 91 18.63 -47.21 27.25
CA GLU E 91 18.18 -48.54 26.90
C GLU E 91 16.79 -48.46 26.30
N ILE E 92 16.66 -48.92 25.06
CA ILE E 92 15.40 -48.84 24.34
C ILE E 92 14.49 -49.95 24.84
N LYS E 93 13.33 -49.57 25.35
CA LYS E 93 12.35 -50.50 25.90
C LYS E 93 11.07 -50.41 25.11
N PRO E 94 10.23 -51.45 25.15
CA PRO E 94 9.04 -51.50 24.28
C PRO E 94 8.14 -50.27 24.36
N GLU E 95 7.99 -49.68 25.55
CA GLU E 95 7.16 -48.49 25.70
C GLU E 95 7.94 -47.23 25.28
N MET E 96 8.48 -47.29 24.07
CA MET E 96 9.19 -46.16 23.46
C MET E 96 8.97 -46.02 21.97
N ILE E 97 8.07 -46.80 21.36
CA ILE E 97 7.99 -46.98 19.92
C ILE E 97 7.66 -45.68 19.20
N GLY E 98 6.97 -44.77 19.88
CA GLY E 98 6.52 -43.56 19.21
C GLY E 98 7.37 -42.33 19.47
N HIS E 99 8.53 -42.49 20.09
CA HIS E 99 9.29 -41.33 20.55
C HIS E 99 10.59 -41.13 19.80
N TYR E 100 11.30 -40.05 20.14
CA TYR E 100 12.57 -39.69 19.55
C TYR E 100 13.69 -40.04 20.52
N LEU E 101 14.87 -40.36 19.98
CA LEU E 101 16.03 -40.62 20.83
C LEU E 101 16.42 -39.38 21.62
N GLY E 102 16.11 -38.19 21.10
CA GLY E 102 16.43 -36.98 21.82
C GLY E 102 15.54 -36.74 23.02
N GLU E 103 14.46 -37.49 23.14
CA GLU E 103 13.54 -37.31 24.27
C GLU E 103 14.08 -37.97 25.53
N PHE E 104 15.21 -38.68 25.41
CA PHE E 104 15.70 -39.47 26.54
C PHE E 104 17.07 -39.01 26.99
N SER E 105 17.75 -38.20 26.19
CA SER E 105 18.98 -37.54 26.59
C SER E 105 18.69 -36.06 26.79
N ILE E 106 18.62 -35.62 28.04
CA ILE E 106 18.30 -34.24 28.33
C ILE E 106 19.49 -33.37 27.99
N THR E 107 19.22 -32.22 27.37
CA THR E 107 20.26 -31.33 26.87
C THR E 107 20.67 -30.28 27.89
N TYR E 108 20.09 -30.33 29.10
CA TYR E 108 20.40 -29.37 30.15
C TYR E 108 20.19 -30.05 31.48
N LYS E 109 20.99 -29.68 32.47
CA LYS E 109 20.70 -30.18 33.80
C LYS E 109 19.73 -29.22 34.49
N PRO E 110 18.71 -29.72 35.17
CA PRO E 110 17.71 -28.83 35.78
C PRO E 110 18.35 -27.88 36.77
N VAL E 111 17.96 -26.61 36.70
CA VAL E 111 18.47 -25.61 37.62
C VAL E 111 17.89 -25.84 39.00
N LYS E 112 18.74 -25.84 40.03
CA LYS E 112 18.21 -26.01 41.38
C LYS E 112 17.76 -24.65 41.90
N HIS E 113 18.73 -23.82 42.33
CA HIS E 113 18.76 -22.36 42.21
C HIS E 113 19.91 -21.82 43.06
N GLY E 114 20.14 -20.52 43.00
CA GLY E 114 21.07 -19.88 43.92
C GLY E 114 20.48 -18.62 44.48
N ARG E 115 21.16 -18.07 45.48
CA ARG E 115 20.73 -16.80 46.06
C ARG E 115 20.89 -15.69 45.03
N PRO E 116 19.89 -14.83 44.83
CA PRO E 116 20.02 -13.77 43.83
C PRO E 116 21.12 -12.78 44.19
N GLY E 117 21.69 -12.15 43.17
CA GLY E 117 22.83 -11.27 43.36
C GLY E 117 22.50 -9.80 43.36
N ILE E 118 23.10 -9.05 42.44
CA ILE E 118 22.96 -7.60 42.43
C ILE E 118 21.67 -7.14 41.76
N GLY E 119 21.04 -8.02 40.98
CA GLY E 119 19.79 -7.69 40.33
C GLY E 119 18.60 -7.88 41.24
N ALA E 120 17.41 -7.83 40.63
CA ALA E 120 16.14 -8.11 41.30
C ALA E 120 15.90 -7.14 42.47
N THR E 121 15.80 -5.86 42.10
CA THR E 121 15.55 -4.79 43.07
C THR E 121 14.24 -5.01 43.84
N SER F 1 -46.06 14.88 -23.24
CA SER F 1 -46.63 13.63 -22.75
C SER F 1 -45.53 12.59 -22.53
N LYS F 2 -44.70 12.38 -23.54
CA LYS F 2 -43.62 11.40 -23.52
C LYS F 2 -42.28 12.07 -23.78
N GLY F 3 -42.08 13.26 -23.22
CA GLY F 3 -40.85 14.00 -23.40
C GLY F 3 -39.65 13.29 -22.79
N PRO F 4 -38.65 13.00 -23.62
CA PRO F 4 -37.48 12.24 -23.14
C PRO F 4 -36.38 13.11 -22.57
N LEU F 5 -35.27 12.47 -22.20
CA LEU F 5 -34.04 13.08 -21.69
C LEU F 5 -34.28 14.16 -20.65
N GLN F 6 -35.29 13.95 -19.79
CA GLN F 6 -35.53 14.85 -18.67
C GLN F 6 -34.96 14.24 -17.40
N SER F 7 -33.65 14.38 -17.24
CA SER F 7 -32.95 13.69 -16.17
C SER F 7 -31.79 14.52 -15.64
N VAL F 8 -31.36 14.17 -14.42
CA VAL F 8 -30.17 14.72 -13.79
C VAL F 8 -29.51 13.59 -12.99
N GLN F 9 -28.27 13.81 -12.57
CA GLN F 9 -27.52 12.76 -11.90
C GLN F 9 -26.49 13.40 -10.99
N VAL F 10 -26.68 13.22 -9.68
CA VAL F 10 -25.92 13.93 -8.66
C VAL F 10 -25.42 12.93 -7.62
N PHE F 11 -24.22 13.20 -7.11
CA PHE F 11 -23.55 12.32 -6.16
C PHE F 11 -23.53 12.94 -4.77
N GLY F 12 -23.28 12.09 -3.77
CA GLY F 12 -23.09 12.55 -2.41
C GLY F 12 -22.10 11.66 -1.69
N ARG F 13 -21.33 12.27 -0.79
CA ARG F 13 -20.21 11.60 -0.15
C ARG F 13 -20.26 11.76 1.36
N LYS F 14 -19.93 10.69 2.08
CA LYS F 14 -19.60 10.76 3.51
C LYS F 14 -18.31 10.00 3.74
N LYS F 15 -17.20 10.67 3.47
CA LYS F 15 -15.85 10.41 3.97
C LYS F 15 -15.20 9.13 3.43
N THR F 16 -15.97 8.21 2.85
CA THR F 16 -15.44 7.38 1.77
C THR F 16 -16.55 7.02 0.80
N ALA F 17 -17.78 7.00 1.29
CA ALA F 17 -18.90 6.41 0.57
C ALA F 17 -19.46 7.42 -0.40
N THR F 18 -19.47 7.07 -1.69
CA THR F 18 -20.05 7.91 -2.72
C THR F 18 -21.39 7.31 -3.13
N ALA F 19 -22.44 8.11 -3.09
CA ALA F 19 -23.77 7.70 -3.50
C ALA F 19 -24.20 8.63 -4.63
N VAL F 20 -24.43 8.08 -5.81
CA VAL F 20 -24.85 8.85 -6.97
C VAL F 20 -26.33 8.59 -7.20
N ALA F 21 -27.12 9.66 -7.23
CA ALA F 21 -28.56 9.56 -7.37
C ALA F 21 -28.98 9.98 -8.77
N HIS F 22 -29.82 9.17 -9.40
CA HIS F 22 -30.34 9.44 -10.72
C HIS F 22 -31.79 9.91 -10.61
N CYS F 23 -32.06 11.11 -11.08
CA CYS F 23 -33.39 11.69 -11.07
C CYS F 23 -33.90 11.82 -12.49
N LYS F 24 -35.05 11.22 -12.76
CA LYS F 24 -35.73 11.33 -14.04
C LYS F 24 -37.20 11.68 -13.79
N ARG F 25 -37.83 12.27 -14.78
CA ARG F 25 -39.27 12.51 -14.70
C ARG F 25 -40.00 11.18 -14.62
N GLY F 26 -41.03 11.14 -13.79
CA GLY F 26 -41.74 9.89 -13.58
C GLY F 26 -42.80 10.01 -12.51
N ASN F 27 -43.23 8.86 -11.99
CA ASN F 27 -44.26 8.79 -10.96
C ASN F 27 -43.64 8.24 -9.68
N GLY F 28 -43.10 9.15 -8.86
CA GLY F 28 -42.68 8.90 -7.50
C GLY F 28 -42.08 7.55 -7.17
N LEU F 29 -41.00 7.18 -7.86
CA LEU F 29 -40.34 5.91 -7.65
C LEU F 29 -38.94 6.17 -7.11
N ILE F 30 -38.73 5.84 -5.84
CA ILE F 30 -37.45 6.09 -5.17
C ILE F 30 -37.01 4.81 -4.48
N LYS F 31 -35.79 4.36 -4.80
CA LYS F 31 -35.23 3.17 -4.18
C LYS F 31 -33.71 3.24 -4.33
N VAL F 32 -33.02 2.49 -3.47
CA VAL F 32 -31.57 2.55 -3.35
C VAL F 32 -30.99 1.19 -3.70
N ASN F 33 -30.06 1.17 -4.66
CA ASN F 33 -29.35 -0.05 -5.04
C ASN F 33 -30.32 -1.16 -5.44
N GLY F 34 -31.43 -0.76 -6.08
CA GLY F 34 -32.44 -1.68 -6.51
C GLY F 34 -33.50 -2.00 -5.47
N ARG F 35 -33.24 -1.69 -4.19
CA ARG F 35 -34.24 -1.98 -3.19
C ARG F 35 -34.82 -0.69 -2.60
N PRO F 36 -36.08 -0.71 -2.16
CA PRO F 36 -36.67 0.50 -1.57
C PRO F 36 -36.08 0.89 -0.23
N LEU F 37 -36.64 1.92 0.40
CA LEU F 37 -36.03 2.57 1.56
C LEU F 37 -36.50 2.02 2.90
N GLU F 38 -37.76 1.60 3.00
CA GLU F 38 -38.31 1.14 4.27
C GLU F 38 -37.67 -0.14 4.77
N MET F 39 -36.92 -0.85 3.94
CA MET F 39 -36.22 -2.07 4.34
C MET F 39 -34.73 -1.96 4.00
N ILE F 40 -34.14 -0.83 4.38
CA ILE F 40 -32.74 -0.50 4.13
C ILE F 40 -31.99 -0.75 5.42
N GLU F 41 -30.67 -0.52 5.43
CA GLU F 41 -29.76 -0.92 6.51
C GLU F 41 -30.28 -0.22 7.78
N PRO F 42 -29.65 -0.37 8.95
CA PRO F 42 -30.30 -1.11 10.05
C PRO F 42 -31.78 -0.88 10.27
N ARG F 43 -32.32 0.24 9.80
CA ARG F 43 -33.60 0.84 10.15
C ARG F 43 -33.49 1.51 11.52
N THR F 44 -32.36 1.36 12.21
CA THR F 44 -32.14 2.22 13.37
C THR F 44 -32.03 3.67 12.96
N LEU F 45 -31.40 3.94 11.82
CA LEU F 45 -31.34 5.27 11.22
C LEU F 45 -32.28 5.36 10.03
N GLN F 46 -33.43 4.68 10.13
CA GLN F 46 -34.41 4.72 9.04
C GLN F 46 -34.93 6.14 8.84
N TYR F 47 -35.31 6.82 9.92
CA TYR F 47 -35.77 8.19 9.80
C TYR F 47 -34.67 9.11 9.28
N LYS F 48 -33.41 8.76 9.58
CA LYS F 48 -32.29 9.58 9.11
C LYS F 48 -32.13 9.48 7.60
N LEU F 49 -32.51 8.34 7.02
CA LEU F 49 -32.35 8.17 5.58
C LEU F 49 -33.44 8.91 4.81
N LEU F 50 -34.71 8.64 5.12
CA LEU F 50 -35.82 9.33 4.48
C LEU F 50 -36.13 10.66 5.14
N GLU F 51 -35.15 11.24 5.83
CA GLU F 51 -35.31 12.60 6.36
C GLU F 51 -35.64 13.62 5.27
N PRO F 52 -34.93 13.68 4.13
CA PRO F 52 -35.30 14.69 3.12
C PRO F 52 -36.72 14.52 2.62
N VAL F 53 -37.22 13.29 2.54
CA VAL F 53 -38.58 13.06 2.05
C VAL F 53 -39.60 13.61 3.05
N LEU F 54 -39.34 13.45 4.34
CA LEU F 54 -40.34 13.82 5.35
C LEU F 54 -40.59 15.33 5.36
N LEU F 55 -39.53 16.13 5.42
CA LEU F 55 -39.73 17.57 5.53
C LEU F 55 -39.86 18.26 4.18
N LEU F 56 -39.82 17.51 3.07
CA LEU F 56 -40.16 18.09 1.77
C LEU F 56 -41.59 17.72 1.39
N GLY F 57 -41.87 16.43 1.31
CA GLY F 57 -43.22 15.96 1.09
C GLY F 57 -43.35 15.17 -0.19
N LYS F 58 -44.47 14.44 -0.27
CA LYS F 58 -44.76 13.65 -1.46
C LYS F 58 -44.97 14.50 -2.69
N GLU F 59 -45.65 15.64 -2.55
CA GLU F 59 -46.16 16.34 -3.71
C GLU F 59 -45.04 16.86 -4.60
N ARG F 60 -43.84 17.05 -4.04
CA ARG F 60 -42.68 17.47 -4.81
C ARG F 60 -41.74 16.32 -5.14
N PHE F 61 -42.08 15.10 -4.72
CA PHE F 61 -41.35 13.90 -5.11
C PHE F 61 -42.14 13.02 -6.07
N ALA F 62 -43.38 13.39 -6.38
CA ALA F 62 -44.21 12.55 -7.24
C ALA F 62 -43.70 12.56 -8.68
N GLY F 63 -43.13 13.67 -9.13
CA GLY F 63 -42.74 13.81 -10.52
C GLY F 63 -41.30 13.45 -10.81
N VAL F 64 -40.68 12.65 -9.94
CA VAL F 64 -39.26 12.34 -10.05
C VAL F 64 -39.04 10.91 -9.59
N ASP F 65 -37.97 10.28 -10.09
CA ASP F 65 -37.75 8.84 -9.99
C ASP F 65 -36.34 8.53 -9.49
N ILE F 66 -35.97 9.11 -8.35
CA ILE F 66 -34.67 8.86 -7.73
C ILE F 66 -34.32 7.37 -7.77
N ARG F 67 -33.08 7.08 -8.16
CA ARG F 67 -32.53 5.73 -8.14
C ARG F 67 -31.03 5.85 -7.91
N VAL F 68 -30.59 5.53 -6.69
CA VAL F 68 -29.21 5.79 -6.30
C VAL F 68 -28.41 4.50 -6.29
N ARG F 69 -27.10 4.63 -6.47
CA ARG F 69 -26.14 3.55 -6.33
C ARG F 69 -25.11 3.97 -5.29
N VAL F 70 -24.74 3.04 -4.41
CA VAL F 70 -23.88 3.34 -3.27
C VAL F 70 -22.70 2.39 -3.27
N LYS F 71 -21.50 2.93 -3.11
CA LYS F 71 -20.28 2.15 -3.02
C LYS F 71 -19.35 2.76 -2.00
N GLY F 72 -18.52 1.92 -1.37
CA GLY F 72 -17.51 2.39 -0.46
C GLY F 72 -18.07 2.74 0.92
N GLY F 73 -17.15 3.02 1.83
CA GLY F 73 -17.50 3.45 3.17
C GLY F 73 -18.11 2.34 4.00
N GLY F 74 -18.55 2.72 5.19
CA GLY F 74 -19.18 1.81 6.13
C GLY F 74 -20.70 1.86 6.06
N HIS F 75 -21.33 1.20 7.03
CA HIS F 75 -22.78 1.08 7.05
C HIS F 75 -23.46 2.42 7.21
N VAL F 76 -23.00 3.23 8.15
CA VAL F 76 -23.67 4.50 8.42
C VAL F 76 -23.10 5.62 7.55
N ALA F 77 -21.83 5.53 7.18
CA ALA F 77 -21.27 6.51 6.25
C ALA F 77 -21.99 6.45 4.91
N GLN F 78 -22.40 5.25 4.50
CA GLN F 78 -23.26 5.13 3.32
C GLN F 78 -24.59 5.81 3.56
N ILE F 79 -25.17 5.62 4.74
CA ILE F 79 -26.51 6.18 5.03
C ILE F 79 -26.50 7.68 4.84
N TYR F 80 -25.46 8.36 5.35
CA TYR F 80 -25.36 9.80 5.16
C TYR F 80 -25.07 10.15 3.71
N ALA F 81 -24.66 9.16 2.91
CA ALA F 81 -24.38 9.44 1.50
C ALA F 81 -25.64 9.39 0.65
N ILE F 82 -26.56 8.46 0.95
CA ILE F 82 -27.83 8.43 0.23
C ILE F 82 -28.60 9.71 0.46
N ARG F 83 -28.77 10.09 1.73
CA ARG F 83 -29.62 11.24 2.04
C ARG F 83 -29.04 12.53 1.46
N GLN F 84 -27.71 12.62 1.39
CA GLN F 84 -27.09 13.78 0.75
C GLN F 84 -27.34 13.78 -0.75
N SER F 85 -27.29 12.61 -1.37
CA SER F 85 -27.45 12.53 -2.82
C SER F 85 -28.86 12.88 -3.26
N ILE F 86 -29.87 12.31 -2.60
CA ILE F 86 -31.26 12.59 -2.99
C ILE F 86 -31.57 14.07 -2.78
N SER F 87 -31.11 14.64 -1.67
CA SER F 87 -31.35 16.05 -1.41
C SER F 87 -30.68 16.92 -2.46
N LYS F 88 -29.39 16.66 -2.74
CA LYS F 88 -28.69 17.43 -3.75
C LYS F 88 -29.24 17.18 -5.15
N ALA F 89 -29.60 15.93 -5.45
CA ALA F 89 -30.17 15.63 -6.76
C ALA F 89 -31.54 16.26 -6.93
N LEU F 90 -32.29 16.38 -5.83
CA LEU F 90 -33.61 17.01 -5.92
C LEU F 90 -33.49 18.48 -6.31
N VAL F 91 -32.60 19.21 -5.65
CA VAL F 91 -32.44 20.63 -5.94
C VAL F 91 -31.82 20.83 -7.32
N ALA F 92 -30.94 19.91 -7.73
CA ALA F 92 -30.36 20.00 -9.06
C ALA F 92 -31.42 19.79 -10.14
N TYR F 93 -32.31 18.83 -9.93
CA TYR F 93 -33.42 18.63 -10.86
C TYR F 93 -34.32 19.85 -10.92
N TYR F 94 -34.63 20.43 -9.75
CA TYR F 94 -35.50 21.60 -9.71
C TYR F 94 -34.84 22.80 -10.37
N GLN F 95 -33.54 22.98 -10.13
CA GLN F 95 -32.84 24.13 -10.72
C GLN F 95 -32.71 23.99 -12.22
N LYS F 96 -32.74 22.76 -12.74
CA LYS F 96 -32.45 22.54 -14.16
C LYS F 96 -33.70 22.52 -15.01
N TYR F 97 -34.83 22.05 -14.48
CA TYR F 97 -35.99 21.75 -15.29
C TYR F 97 -37.24 22.52 -14.93
N VAL F 98 -37.30 23.15 -13.77
CA VAL F 98 -38.36 24.10 -13.44
C VAL F 98 -37.70 25.40 -13.00
N ASP F 99 -38.52 26.41 -12.71
CA ASP F 99 -38.01 27.65 -12.13
C ASP F 99 -37.33 27.34 -10.80
N GLU F 100 -36.11 27.82 -10.64
CA GLU F 100 -35.41 27.56 -9.37
C GLU F 100 -35.81 28.53 -8.27
N ALA F 101 -36.80 29.39 -8.52
CA ALA F 101 -37.48 30.05 -7.42
C ALA F 101 -38.12 29.01 -6.51
N SER F 102 -38.71 27.96 -7.11
CA SER F 102 -39.18 26.82 -6.33
C SER F 102 -38.00 26.07 -5.72
N LYS F 103 -36.91 25.90 -6.47
CA LYS F 103 -35.70 25.32 -5.90
C LYS F 103 -35.19 26.16 -4.74
N LYS F 104 -35.37 27.48 -4.82
CA LYS F 104 -34.92 28.36 -3.74
C LYS F 104 -35.67 28.06 -2.44
N GLU F 105 -36.97 27.77 -2.53
CA GLU F 105 -37.77 27.54 -1.34
C GLU F 105 -37.64 26.12 -0.80
N ILE F 106 -37.03 25.19 -1.54
CA ILE F 106 -36.71 23.88 -0.98
C ILE F 106 -35.27 23.85 -0.47
N LYS F 107 -34.42 24.75 -0.95
CA LYS F 107 -33.02 24.73 -0.53
C LYS F 107 -32.87 25.26 0.89
N ASP F 108 -33.58 26.34 1.23
CA ASP F 108 -33.42 26.95 2.54
C ASP F 108 -33.98 26.05 3.64
N ILE F 109 -35.17 25.50 3.44
CA ILE F 109 -35.74 24.60 4.44
C ILE F 109 -34.90 23.33 4.54
N LEU F 110 -34.15 23.00 3.49
CA LEU F 110 -33.21 21.89 3.57
C LEU F 110 -31.88 22.31 4.17
N ILE F 111 -31.56 23.61 4.14
CA ILE F 111 -30.26 24.05 4.63
C ILE F 111 -30.36 24.50 6.09
N GLN F 112 -31.51 25.06 6.48
CA GLN F 112 -31.72 25.42 7.88
C GLN F 112 -31.76 24.20 8.78
N TYR F 113 -32.09 23.03 8.25
CA TYR F 113 -32.10 21.79 9.00
C TYR F 113 -30.96 20.93 8.49
N ASP F 114 -29.93 20.75 9.31
CA ASP F 114 -28.86 19.78 9.05
C ASP F 114 -28.16 20.12 7.72
N ARG F 115 -27.38 21.21 7.78
CA ARG F 115 -26.63 21.72 6.63
C ARG F 115 -25.92 20.63 5.83
N THR F 116 -25.58 19.50 6.45
CA THR F 116 -24.86 18.42 5.76
C THR F 116 -25.61 17.90 4.53
N LEU F 117 -26.94 18.07 4.49
CA LEU F 117 -27.72 17.56 3.37
C LEU F 117 -27.33 18.17 2.04
N LEU F 118 -26.65 19.32 2.04
CA LEU F 118 -26.23 19.97 0.80
C LEU F 118 -24.72 20.12 0.68
N VAL F 119 -24.01 20.24 1.80
CA VAL F 119 -22.57 20.40 1.78
C VAL F 119 -21.93 19.18 2.44
N ALA F 120 -21.00 18.55 1.72
CA ALA F 120 -20.37 17.34 2.21
C ALA F 120 -19.45 17.63 3.39
N ASP F 121 -19.43 16.70 4.33
CA ASP F 121 -18.51 16.78 5.46
C ASP F 121 -17.08 16.56 4.96
N PRO F 122 -16.17 17.51 5.17
CA PRO F 122 -14.84 17.44 4.55
C PRO F 122 -13.80 16.63 5.32
N ARG F 123 -14.09 16.19 6.53
CA ARG F 123 -13.12 15.49 7.36
C ARG F 123 -13.15 14.01 7.02
N ARG F 124 -12.03 13.48 6.52
CA ARG F 124 -11.94 12.09 6.09
C ARG F 124 -11.33 11.18 7.15
N CYS F 125 -10.07 11.41 7.49
CA CYS F 125 -9.29 10.55 8.37
C CYS F 125 -7.90 11.16 8.51
N GLU F 126 -7.13 10.65 9.46
CA GLU F 126 -5.77 11.12 9.70
C GLU F 126 -4.81 9.95 9.71
N SER F 127 -3.68 10.12 9.02
CA SER F 127 -2.69 9.05 8.90
C SER F 127 -2.01 8.78 10.23
N LYS F 128 -1.66 7.52 10.44
CA LYS F 128 -0.98 7.07 11.64
C LYS F 128 0.50 7.43 11.57
N LYS F 129 1.05 7.85 12.70
CA LYS F 129 2.46 8.19 12.81
C LYS F 129 3.22 7.05 13.48
N PHE F 130 4.54 7.03 13.28
CA PHE F 130 5.36 5.89 13.65
C PHE F 130 5.82 5.92 15.10
N GLY F 131 5.09 6.59 15.99
CA GLY F 131 5.42 6.53 17.40
C GLY F 131 4.29 6.02 18.27
N GLY F 132 3.15 5.72 17.66
CA GLY F 132 2.00 5.27 18.42
C GLY F 132 1.04 4.42 17.61
N PRO F 133 0.00 3.91 18.27
CA PRO F 133 -0.94 3.03 17.55
C PRO F 133 -1.83 3.78 16.58
N GLY F 134 -2.00 5.08 16.76
CA GLY F 134 -2.88 5.85 15.90
C GLY F 134 -2.28 7.13 15.39
N ALA F 135 -3.13 8.03 14.89
CA ALA F 135 -2.68 9.29 14.34
C ALA F 135 -2.07 10.19 15.40
N ARG F 136 -2.67 10.22 16.59
CA ARG F 136 -2.26 11.17 17.63
C ARG F 136 -1.69 10.51 18.86
N ALA F 137 -2.19 9.34 19.26
CA ALA F 137 -1.70 8.68 20.46
C ALA F 137 -0.31 8.09 20.22
N ARG F 138 0.43 7.89 21.30
CA ARG F 138 1.76 7.32 21.26
C ARG F 138 1.84 6.13 22.21
N TYR F 139 2.78 5.22 21.93
CA TYR F 139 2.98 4.08 22.80
C TYR F 139 3.43 4.56 24.18
N GLN F 140 3.00 3.83 25.21
CA GLN F 140 3.22 4.26 26.57
C GLN F 140 4.72 4.30 26.88
N LYS F 141 5.16 5.42 27.43
CA LYS F 141 6.57 5.68 27.70
C LYS F 141 6.90 5.26 29.13
N SER F 142 8.00 4.53 29.28
CA SER F 142 8.45 4.05 30.58
C SER F 142 9.90 4.48 30.79
N TYR F 143 10.17 5.11 31.94
CA TYR F 143 11.53 5.45 32.33
C TYR F 143 11.92 4.94 33.71
N ARG F 144 11.00 4.37 34.47
CA ARG F 144 11.32 3.84 35.78
C ARG F 144 11.98 2.47 35.66
N MET G 1 -42.85 -22.64 33.06
CA MET G 1 -44.08 -22.64 32.27
C MET G 1 -45.15 -23.51 32.90
N SER G 2 -44.72 -24.51 33.68
CA SER G 2 -45.66 -25.39 34.35
C SER G 2 -46.33 -24.68 35.51
N LEU G 3 -47.57 -25.09 35.80
CA LEU G 3 -48.32 -24.49 36.90
C LEU G 3 -47.54 -24.60 38.20
N VAL G 4 -46.92 -25.75 38.43
CA VAL G 4 -46.07 -26.00 39.59
C VAL G 4 -44.82 -26.71 39.10
N ILE G 5 -43.81 -26.80 39.96
CA ILE G 5 -42.65 -27.62 39.61
C ILE G 5 -43.12 -29.03 39.28
N PRO G 6 -42.63 -29.66 38.22
CA PRO G 6 -43.05 -31.03 37.92
C PRO G 6 -42.78 -31.92 39.12
N GLU G 7 -43.75 -32.81 39.40
CA GLU G 7 -43.76 -33.54 40.64
C GLU G 7 -42.46 -34.34 40.85
N LYS G 8 -41.92 -34.89 39.76
CA LYS G 8 -40.71 -35.70 39.80
C LYS G 8 -39.47 -34.93 39.33
N PHE G 9 -39.37 -33.65 39.66
CA PHE G 9 -38.22 -32.84 39.26
C PHE G 9 -37.05 -33.10 40.20
N GLN G 10 -36.00 -33.73 39.70
CA GLN G 10 -34.77 -33.92 40.47
C GLN G 10 -33.96 -32.62 40.44
N HIS G 11 -33.84 -31.98 41.60
CA HIS G 11 -32.95 -30.83 41.70
C HIS G 11 -31.50 -31.26 41.52
N ILE G 12 -31.14 -32.44 42.02
CA ILE G 12 -29.83 -33.03 41.82
C ILE G 12 -30.01 -34.49 41.44
N LEU G 13 -29.32 -34.89 40.38
CA LEU G 13 -29.34 -36.29 39.95
C LEU G 13 -27.90 -36.76 39.87
N ARG G 14 -27.72 -38.07 39.98
CA ARG G 14 -26.45 -38.69 40.36
C ARG G 14 -25.90 -39.53 39.22
N VAL G 15 -25.82 -38.94 38.02
CA VAL G 15 -25.28 -39.65 36.87
C VAL G 15 -23.83 -40.02 37.12
N LEU G 16 -23.48 -41.28 36.85
CA LEU G 16 -22.12 -41.77 37.01
C LEU G 16 -21.63 -41.55 38.44
N ASN G 17 -20.56 -40.78 38.59
CA ASN G 17 -20.00 -40.43 39.89
C ASN G 17 -19.96 -38.92 40.07
N THR G 18 -20.88 -38.22 39.41
CA THR G 18 -21.00 -36.78 39.58
C THR G 18 -22.48 -36.44 39.73
N ASN G 19 -22.74 -35.33 40.40
CA ASN G 19 -24.09 -34.82 40.59
C ASN G 19 -24.23 -33.56 39.75
N ILE G 20 -25.05 -33.62 38.70
CA ILE G 20 -25.29 -32.46 37.86
C ILE G 20 -26.40 -31.64 38.49
N ASP G 21 -26.37 -30.33 38.24
CA ASP G 21 -27.42 -29.46 38.77
C ASP G 21 -28.65 -29.60 37.89
N GLY G 22 -29.76 -30.01 38.49
CA GLY G 22 -30.99 -30.20 37.73
C GLY G 22 -31.66 -28.93 37.28
N ARG G 23 -31.22 -27.78 37.78
CA ARG G 23 -31.80 -26.51 37.37
C ARG G 23 -31.26 -26.07 36.01
N ARG G 24 -30.07 -26.54 35.64
CA ARG G 24 -29.41 -26.11 34.42
C ARG G 24 -30.06 -26.76 33.20
N LYS G 25 -29.84 -26.14 32.04
CA LYS G 25 -30.28 -26.72 30.78
C LYS G 25 -29.58 -28.06 30.55
N ILE G 26 -30.32 -29.01 29.96
CA ILE G 26 -29.85 -30.38 29.87
C ILE G 26 -28.53 -30.45 29.11
N ALA G 27 -28.41 -29.67 28.03
CA ALA G 27 -27.19 -29.71 27.23
C ALA G 27 -26.00 -29.23 28.04
N PHE G 28 -26.20 -28.23 28.90
CA PHE G 28 -25.13 -27.67 29.71
C PHE G 28 -25.11 -28.26 31.12
N ALA G 29 -26.05 -29.13 31.45
CA ALA G 29 -26.07 -29.74 32.78
C ALA G 29 -25.10 -30.91 32.85
N ILE G 30 -25.17 -31.82 31.87
CA ILE G 30 -24.34 -33.01 31.91
C ILE G 30 -22.87 -32.72 31.65
N THR G 31 -22.54 -31.51 31.20
CA THR G 31 -21.13 -31.14 31.07
C THR G 31 -20.43 -31.01 32.41
N ALA G 32 -21.18 -31.12 33.51
CA ALA G 32 -20.57 -31.13 34.84
C ALA G 32 -19.69 -32.35 35.02
N ILE G 33 -19.96 -33.44 34.30
CA ILE G 33 -19.13 -34.63 34.42
C ILE G 33 -17.85 -34.42 33.63
N LYS G 34 -16.75 -34.99 34.12
CA LYS G 34 -15.51 -34.95 33.39
C LYS G 34 -15.66 -35.70 32.08
N GLY G 35 -14.92 -35.26 31.06
CA GLY G 35 -14.82 -35.97 29.81
C GLY G 35 -15.80 -35.53 28.73
N VAL G 36 -16.89 -34.88 29.12
CA VAL G 36 -17.88 -34.38 28.16
C VAL G 36 -17.90 -32.85 28.25
N GLY G 37 -17.92 -32.21 27.09
CA GLY G 37 -17.95 -30.77 27.00
C GLY G 37 -19.26 -30.26 26.44
N ARG G 38 -19.23 -29.03 25.93
CA ARG G 38 -20.43 -28.46 25.33
C ARG G 38 -20.79 -29.16 24.03
N ARG G 39 -19.77 -29.54 23.25
CA ARG G 39 -20.05 -30.12 21.94
C ARG G 39 -20.30 -31.62 22.02
N TYR G 40 -19.60 -32.32 22.91
CA TYR G 40 -19.92 -33.73 23.13
C TYR G 40 -21.30 -33.88 23.74
N ALA G 41 -21.70 -32.94 24.60
CA ALA G 41 -23.06 -32.98 25.14
C ALA G 41 -24.08 -32.77 24.04
N HIS G 42 -23.91 -31.73 23.23
CA HIS G 42 -24.95 -31.36 22.27
C HIS G 42 -25.18 -32.44 21.22
N VAL G 43 -24.20 -33.31 21.00
CA VAL G 43 -24.40 -34.38 20.02
C VAL G 43 -25.06 -35.60 20.66
N VAL G 44 -24.65 -35.97 21.88
CA VAL G 44 -25.25 -37.13 22.52
C VAL G 44 -26.71 -36.88 22.85
N LEU G 45 -27.07 -35.64 23.20
CA LEU G 45 -28.48 -35.31 23.33
C LEU G 45 -29.20 -35.41 21.99
N ARG G 46 -28.56 -34.99 20.92
CA ARG G 46 -29.16 -35.12 19.58
C ARG G 46 -29.32 -36.59 19.20
N LYS G 47 -28.33 -37.42 19.53
CA LYS G 47 -28.46 -38.86 19.30
C LYS G 47 -29.60 -39.44 20.14
N ALA G 48 -29.73 -38.98 21.39
CA ALA G 48 -30.80 -39.46 22.24
C ALA G 48 -32.15 -38.86 21.89
N ASP G 49 -32.22 -38.05 20.82
CA ASP G 49 -33.45 -37.48 20.26
C ASP G 49 -34.41 -36.92 21.32
N ILE G 50 -33.83 -36.24 22.31
CA ILE G 50 -34.63 -35.49 23.27
C ILE G 50 -34.29 -34.02 23.11
N ASP G 51 -35.28 -33.18 23.33
CA ASP G 51 -35.12 -31.76 23.04
C ASP G 51 -34.13 -31.11 24.00
N LEU G 52 -33.51 -30.02 23.54
CA LEU G 52 -32.55 -29.27 24.34
C LEU G 52 -33.17 -28.15 25.15
N THR G 53 -34.46 -27.87 24.95
CA THR G 53 -35.11 -26.78 25.66
C THR G 53 -35.45 -27.16 27.10
N LYS G 54 -35.58 -28.44 27.40
CA LYS G 54 -35.96 -28.86 28.74
C LYS G 54 -34.73 -28.84 29.66
N ARG G 55 -34.98 -28.74 30.96
CA ARG G 55 -33.92 -28.69 31.95
C ARG G 55 -33.60 -30.10 32.43
N ALA G 56 -32.48 -30.22 33.15
CA ALA G 56 -32.02 -31.55 33.58
C ALA G 56 -33.02 -32.20 34.53
N GLY G 57 -33.64 -31.42 35.40
CA GLY G 57 -34.50 -32.00 36.42
C GLY G 57 -35.75 -32.65 35.86
N GLU G 58 -36.25 -32.15 34.73
CA GLU G 58 -37.48 -32.69 34.17
C GLU G 58 -37.27 -33.88 33.25
N LEU G 59 -36.02 -34.32 33.07
CA LEU G 59 -35.78 -35.58 32.37
C LEU G 59 -36.34 -36.73 33.20
N THR G 60 -37.19 -37.55 32.60
CA THR G 60 -37.66 -38.73 33.29
C THR G 60 -36.61 -39.83 33.22
N GLU G 61 -36.88 -40.95 33.89
CA GLU G 61 -35.88 -42.01 34.03
C GLU G 61 -35.45 -42.57 32.68
N ASP G 62 -36.40 -42.75 31.75
CA ASP G 62 -36.08 -43.33 30.45
C ASP G 62 -35.16 -42.41 29.64
N GLU G 63 -35.17 -41.12 29.95
CA GLU G 63 -34.24 -40.22 29.27
C GLU G 63 -32.85 -40.28 29.87
N VAL G 64 -32.75 -40.40 31.20
CA VAL G 64 -31.44 -40.29 31.86
C VAL G 64 -30.52 -41.44 31.45
N GLU G 65 -31.02 -42.67 31.55
CA GLU G 65 -30.16 -43.80 31.26
C GLU G 65 -29.95 -44.03 29.76
N ARG G 66 -30.81 -43.45 28.91
CA ARG G 66 -30.57 -43.52 27.48
C ARG G 66 -29.35 -42.70 27.09
N VAL G 67 -29.26 -41.46 27.57
CA VAL G 67 -28.08 -40.65 27.27
C VAL G 67 -26.84 -41.25 27.93
N ILE G 68 -27.03 -42.04 28.98
CA ILE G 68 -25.92 -42.73 29.64
C ILE G 68 -25.34 -43.77 28.68
N THR G 69 -26.20 -44.58 28.07
CA THR G 69 -25.72 -45.54 27.09
C THR G 69 -25.23 -44.87 25.82
N ILE G 70 -25.59 -43.61 25.58
CA ILE G 70 -25.07 -42.93 24.40
C ILE G 70 -23.60 -42.60 24.58
N MET G 71 -23.23 -42.07 25.75
CA MET G 71 -21.89 -41.53 25.94
C MET G 71 -20.86 -42.54 26.43
N GLN G 72 -21.29 -43.69 26.96
CA GLN G 72 -20.31 -44.72 27.30
C GLN G 72 -19.83 -45.49 26.08
N ASN G 73 -20.70 -45.67 25.08
CA ASN G 73 -20.33 -46.29 23.81
C ASN G 73 -20.83 -45.43 22.66
N PRO G 74 -20.18 -44.27 22.42
CA PRO G 74 -20.56 -43.42 21.29
C PRO G 74 -20.45 -44.12 19.95
N ARG G 75 -19.48 -45.04 19.84
CA ARG G 75 -19.05 -45.54 18.54
C ARG G 75 -20.19 -46.20 17.78
N GLN G 76 -21.00 -47.00 18.46
CA GLN G 76 -22.07 -47.73 17.78
C GLN G 76 -23.32 -46.88 17.60
N TYR G 77 -23.36 -45.69 18.19
CA TYR G 77 -24.48 -44.76 18.03
C TYR G 77 -24.16 -43.71 16.99
N LYS G 78 -23.26 -44.03 16.05
CA LYS G 78 -22.97 -43.19 14.88
C LYS G 78 -22.32 -41.86 15.29
N ILE G 79 -21.60 -41.87 16.39
CA ILE G 79 -20.77 -40.74 16.80
C ILE G 79 -19.45 -40.86 16.05
N PRO G 80 -19.02 -39.84 15.31
CA PRO G 80 -17.84 -39.97 14.46
C PRO G 80 -16.56 -40.11 15.28
N ASP G 81 -15.57 -40.76 14.65
CA ASP G 81 -14.35 -41.13 15.36
C ASP G 81 -13.52 -39.91 15.78
N TRP G 82 -13.62 -38.81 15.04
CA TRP G 82 -12.82 -37.64 15.38
C TRP G 82 -13.36 -36.91 16.60
N PHE G 83 -14.44 -37.38 17.18
CA PHE G 83 -15.10 -36.69 18.29
C PHE G 83 -14.62 -37.13 19.66
N LEU G 84 -14.02 -38.31 19.75
CA LEU G 84 -13.83 -38.95 21.05
C LEU G 84 -12.61 -38.37 21.78
N ASN G 85 -12.51 -38.72 23.06
CA ASN G 85 -11.38 -38.31 23.88
C ASN G 85 -10.15 -39.15 23.57
N ARG G 86 -10.25 -40.46 23.77
CA ARG G 86 -9.12 -41.38 23.60
C ARG G 86 -9.14 -42.04 22.23
N GLN G 87 -8.89 -41.26 21.17
CA GLN G 87 -8.73 -41.86 19.86
C GLN G 87 -7.39 -42.59 19.79
N LYS G 88 -7.42 -43.83 19.32
CA LYS G 88 -6.23 -44.63 19.11
C LYS G 88 -5.40 -44.71 20.39
N ASP G 89 -5.96 -45.40 21.38
CA ASP G 89 -5.33 -45.50 22.68
C ASP G 89 -3.90 -46.02 22.57
N VAL G 90 -2.99 -45.37 23.28
CA VAL G 90 -1.56 -45.64 23.17
C VAL G 90 -1.24 -46.94 23.90
N LYS G 91 -2.23 -47.50 24.58
CA LYS G 91 -2.06 -48.78 25.26
C LYS G 91 -2.86 -49.89 24.60
N ASP G 92 -4.11 -49.63 24.21
CA ASP G 92 -4.99 -50.66 23.69
C ASP G 92 -5.39 -50.40 22.24
N GLY G 93 -5.51 -49.15 21.81
CA GLY G 93 -5.78 -48.84 20.42
C GLY G 93 -7.24 -48.79 20.05
N LYS G 94 -8.13 -48.74 21.03
CA LYS G 94 -9.55 -48.66 20.78
C LYS G 94 -10.03 -47.22 20.93
N TYR G 95 -10.84 -46.76 19.99
CA TYR G 95 -11.39 -45.41 20.03
C TYR G 95 -12.52 -45.36 21.05
N SER G 96 -12.41 -44.44 22.02
CA SER G 96 -13.42 -44.35 23.06
C SER G 96 -13.34 -43.00 23.73
N GLN G 97 -14.39 -42.64 24.45
CA GLN G 97 -14.44 -41.43 25.24
C GLN G 97 -14.42 -41.79 26.72
N VAL G 98 -13.43 -41.29 27.45
CA VAL G 98 -13.33 -41.51 28.89
C VAL G 98 -13.90 -40.28 29.59
N LEU G 99 -14.94 -40.49 30.39
CA LEU G 99 -15.78 -39.40 30.86
C LEU G 99 -16.15 -39.56 32.32
N ALA G 100 -15.20 -39.97 33.15
CA ALA G 100 -15.45 -40.17 34.57
C ALA G 100 -14.11 -40.08 35.29
N ASN G 101 -14.08 -40.56 36.54
CA ASN G 101 -12.78 -40.86 37.16
C ASN G 101 -11.96 -41.81 36.31
N GLY G 102 -12.59 -42.54 35.39
CA GLY G 102 -11.84 -43.27 34.38
C GLY G 102 -11.00 -42.35 33.52
N LEU G 103 -11.46 -41.11 33.32
CA LEU G 103 -10.60 -40.13 32.68
C LEU G 103 -9.53 -39.63 33.64
N ASP G 104 -9.84 -39.60 34.94
CA ASP G 104 -8.88 -39.13 35.92
C ASP G 104 -7.66 -40.03 35.98
N ASN G 105 -7.87 -41.35 35.86
CA ASN G 105 -6.76 -42.28 35.92
C ASN G 105 -6.11 -42.51 34.57
N LYS G 106 -6.84 -42.31 33.46
CA LYS G 106 -6.21 -42.39 32.15
C LYS G 106 -5.16 -41.29 31.99
N LEU G 107 -5.47 -40.08 32.46
CA LEU G 107 -4.45 -39.05 32.53
C LEU G 107 -3.34 -39.44 33.49
N ARG G 108 -3.70 -40.07 34.60
CA ARG G 108 -2.70 -40.59 35.53
C ARG G 108 -1.85 -41.68 34.89
N GLU G 109 -2.47 -42.56 34.10
CA GLU G 109 -1.72 -43.57 33.36
C GLU G 109 -0.79 -42.93 32.34
N ASP G 110 -1.27 -41.91 31.64
CA ASP G 110 -0.47 -41.28 30.59
C ASP G 110 0.77 -40.60 31.16
N LEU G 111 0.63 -39.98 32.33
CA LEU G 111 1.81 -39.38 32.96
C LEU G 111 2.79 -40.46 33.43
N GLU G 112 2.28 -41.54 33.99
CA GLU G 112 3.16 -42.52 34.63
C GLU G 112 3.96 -43.32 33.61
N ARG G 113 3.44 -43.47 32.39
CA ARG G 113 4.23 -44.12 31.35
C ARG G 113 5.31 -43.19 30.84
N LEU G 114 5.05 -41.88 30.84
CA LEU G 114 6.07 -40.91 30.49
C LEU G 114 7.18 -40.88 31.52
N LYS G 115 6.83 -40.97 32.81
CA LYS G 115 7.84 -41.02 33.87
C LYS G 115 8.64 -42.32 33.79
N LYS G 116 7.97 -43.45 33.58
CA LYS G 116 8.62 -44.75 33.71
C LYS G 116 9.68 -44.96 32.64
N ILE G 117 9.55 -44.26 31.50
CA ILE G 117 10.58 -44.33 30.46
C ILE G 117 11.53 -43.15 30.51
N ARG G 118 11.38 -42.26 31.49
CA ARG G 118 12.26 -41.10 31.66
C ARG G 118 12.24 -40.20 30.44
N ALA G 119 11.11 -40.18 29.73
CA ALA G 119 10.94 -39.24 28.64
C ALA G 119 10.98 -37.82 29.17
N HIS G 120 11.53 -36.91 28.36
CA HIS G 120 11.70 -35.53 28.81
C HIS G 120 10.37 -34.91 29.18
N ARG G 121 9.30 -35.25 28.44
CA ARG G 121 7.98 -34.75 28.78
C ARG G 121 7.54 -35.26 30.16
N GLY G 122 7.86 -36.51 30.48
CA GLY G 122 7.54 -37.04 31.79
C GLY G 122 8.31 -36.35 32.91
N LEU G 123 9.56 -35.98 32.64
CA LEU G 123 10.38 -35.34 33.67
C LEU G 123 9.85 -33.95 34.00
N ARG G 124 9.45 -33.18 32.98
CA ARG G 124 8.88 -31.86 33.23
C ARG G 124 7.58 -31.98 34.03
N HIS G 125 6.80 -33.03 33.79
CA HIS G 125 5.63 -33.29 34.62
C HIS G 125 6.04 -33.60 36.05
N PHE G 126 7.11 -34.38 36.22
CA PHE G 126 7.58 -34.73 37.56
C PHE G 126 8.06 -33.50 38.32
N TRP G 127 8.80 -32.62 37.65
CA TRP G 127 9.36 -31.44 38.30
C TRP G 127 8.36 -30.30 38.45
N GLY G 128 7.16 -30.45 37.91
CA GLY G 128 6.15 -29.41 38.01
C GLY G 128 6.35 -28.24 37.08
N LEU G 129 7.11 -28.39 36.00
CA LEU G 129 7.35 -27.32 35.05
C LEU G 129 6.43 -27.46 33.84
N ARG G 130 6.38 -26.40 33.05
CA ARG G 130 5.57 -26.41 31.84
C ARG G 130 6.17 -27.37 30.82
N VAL G 131 5.31 -28.12 30.13
CA VAL G 131 5.74 -29.22 29.29
C VAL G 131 5.58 -28.96 27.80
N ARG G 132 4.85 -27.91 27.42
CA ARG G 132 4.60 -27.64 26.01
C ARG G 132 5.50 -26.54 25.45
N GLY G 133 6.71 -26.41 25.97
CA GLY G 133 7.69 -25.51 25.41
C GLY G 133 7.51 -24.04 25.72
N GLN G 134 6.74 -23.69 26.75
CA GLN G 134 6.59 -22.29 27.11
C GLN G 134 7.89 -21.76 27.71
N HIS G 135 8.01 -20.44 27.73
CA HIS G 135 9.13 -19.77 28.39
C HIS G 135 8.81 -19.65 29.87
N THR G 136 9.65 -20.27 30.70
CA THR G 136 9.42 -20.35 32.14
C THR G 136 10.09 -19.23 32.91
N LYS G 137 10.72 -18.27 32.22
CA LYS G 137 11.44 -17.22 32.93
C LYS G 137 10.51 -16.28 33.67
N THR G 138 9.42 -15.84 33.03
CA THR G 138 8.64 -14.73 33.56
C THR G 138 7.18 -15.08 33.82
N THR G 139 6.77 -16.33 33.65
CA THR G 139 5.38 -16.70 33.86
C THR G 139 5.32 -17.99 34.67
N GLY G 140 4.14 -18.27 35.20
CA GLY G 140 3.93 -19.44 36.02
C GLY G 140 4.52 -19.35 37.42
N ARG G 141 4.74 -18.14 37.92
CA ARG G 141 5.35 -17.97 39.24
C ARG G 141 4.41 -18.41 40.36
N ARG G 142 3.10 -18.30 40.15
CA ARG G 142 2.15 -18.55 41.23
C ARG G 142 2.18 -19.99 41.74
N GLY G 143 2.64 -20.94 40.92
CA GLY G 143 2.74 -22.31 41.38
C GLY G 143 3.95 -22.56 42.26
N ARG G 144 4.90 -21.62 42.28
CA ARG G 144 6.12 -21.77 43.06
C ARG G 144 6.22 -20.77 44.20
N THR G 145 5.67 -19.57 44.01
CA THR G 145 5.68 -18.55 45.06
C THR G 145 4.66 -17.46 44.76
N PRO H 1 -48.65 -6.11 -8.75
CA PRO H 1 -47.38 -5.38 -8.74
C PRO H 1 -46.23 -6.18 -8.16
N GLY H 2 -45.03 -6.00 -8.71
CA GLY H 2 -43.86 -6.73 -8.28
C GLY H 2 -44.05 -8.23 -8.44
N VAL H 3 -43.43 -9.00 -7.55
CA VAL H 3 -42.51 -8.55 -6.50
C VAL H 3 -41.23 -9.37 -6.57
N THR H 4 -40.08 -8.70 -6.57
CA THR H 4 -38.80 -9.39 -6.58
C THR H 4 -38.39 -9.68 -5.13
N VAL H 5 -37.17 -10.18 -4.94
CA VAL H 5 -36.67 -10.41 -3.58
C VAL H 5 -36.04 -9.17 -2.97
N LYS H 6 -35.72 -8.16 -3.79
CA LYS H 6 -35.05 -6.97 -3.26
C LYS H 6 -36.01 -6.07 -2.48
N ASP H 7 -37.29 -6.08 -2.81
CA ASP H 7 -38.24 -5.17 -2.19
C ASP H 7 -38.96 -5.79 -0.99
N VAL H 8 -38.49 -6.93 -0.49
CA VAL H 8 -39.01 -7.52 0.73
C VAL H 8 -37.87 -7.60 1.74
N ASN H 9 -38.22 -7.78 3.01
CA ASN H 9 -37.22 -7.90 4.05
C ASN H 9 -36.46 -9.21 3.89
N GLN H 10 -35.13 -9.12 3.76
CA GLN H 10 -34.33 -10.31 3.49
C GLN H 10 -34.34 -11.27 4.67
N GLN H 11 -34.33 -10.75 5.91
CA GLN H 11 -34.36 -11.61 7.07
C GLN H 11 -35.65 -12.43 7.13
N GLU H 12 -36.77 -11.82 6.79
CA GLU H 12 -38.02 -12.57 6.72
C GLU H 12 -38.09 -13.45 5.47
N PHE H 13 -37.48 -13.00 4.37
CA PHE H 13 -37.51 -13.78 3.15
C PHE H 13 -36.77 -15.11 3.30
N VAL H 14 -35.60 -15.09 3.94
CA VAL H 14 -34.84 -16.31 4.14
C VAL H 14 -35.58 -17.25 5.10
N ARG H 15 -36.27 -16.69 6.10
CA ARG H 15 -37.07 -17.52 6.98
C ARG H 15 -38.20 -18.21 6.23
N ALA H 16 -38.85 -17.49 5.31
CA ALA H 16 -39.95 -18.08 4.54
C ALA H 16 -39.43 -19.08 3.53
N LEU H 17 -38.26 -18.80 2.93
CA LEU H 17 -37.70 -19.72 1.94
C LEU H 17 -37.30 -21.04 2.58
N ALA H 18 -36.74 -21.00 3.79
CA ALA H 18 -36.36 -22.23 4.48
C ALA H 18 -37.57 -23.12 4.74
N ALA H 19 -38.69 -22.51 5.15
CA ALA H 19 -39.91 -23.29 5.36
C ALA H 19 -40.40 -23.90 4.06
N PHE H 20 -40.22 -23.19 2.94
CA PHE H 20 -40.62 -23.72 1.64
C PHE H 20 -39.79 -24.96 1.28
N LEU H 21 -38.48 -24.89 1.48
CA LEU H 21 -37.64 -26.05 1.22
C LEU H 21 -37.97 -27.20 2.17
N LYS H 22 -38.23 -26.88 3.44
CA LYS H 22 -38.64 -27.91 4.39
C LYS H 22 -39.95 -28.57 3.96
N LYS H 23 -40.97 -27.76 3.67
CA LYS H 23 -42.29 -28.32 3.37
C LYS H 23 -42.24 -29.20 2.12
N SER H 24 -41.64 -28.70 1.05
CA SER H 24 -41.38 -29.52 -0.13
C SER H 24 -39.98 -30.13 0.01
N GLY H 25 -39.90 -31.16 0.84
CA GLY H 25 -38.62 -31.80 1.10
C GLY H 25 -38.09 -32.72 0.01
N LYS H 26 -37.14 -32.19 -0.74
CA LYS H 26 -36.26 -32.90 -1.66
C LYS H 26 -34.80 -32.59 -1.44
N LEU H 27 -34.44 -31.65 -0.58
CA LEU H 27 -33.04 -31.43 -0.23
C LEU H 27 -32.43 -32.72 0.29
N LYS H 28 -31.30 -33.10 -0.29
CA LYS H 28 -30.58 -34.28 0.18
C LYS H 28 -29.68 -33.85 1.34
N VAL H 29 -30.23 -33.81 2.54
CA VAL H 29 -29.45 -33.40 3.71
C VAL H 29 -28.35 -34.43 3.96
N PRO H 30 -27.13 -34.00 4.24
CA PRO H 30 -26.05 -34.96 4.52
C PRO H 30 -26.28 -35.66 5.85
N GLU H 31 -25.61 -36.81 5.99
CA GLU H 31 -25.75 -37.59 7.22
C GLU H 31 -25.19 -36.85 8.42
N TRP H 32 -24.10 -36.10 8.22
CA TRP H 32 -23.38 -35.42 9.29
C TRP H 32 -23.99 -34.07 9.66
N VAL H 33 -25.27 -33.84 9.37
CA VAL H 33 -25.91 -32.56 9.68
C VAL H 33 -25.81 -32.23 11.16
N ASP H 34 -25.94 -33.22 12.04
CA ASP H 34 -25.92 -32.96 13.47
C ASP H 34 -24.52 -32.87 14.06
N THR H 35 -23.48 -33.18 13.28
CA THR H 35 -22.09 -33.03 13.72
C THR H 35 -21.32 -32.27 12.65
N VAL H 36 -21.37 -30.94 12.69
CA VAL H 36 -20.48 -30.13 11.85
C VAL H 36 -19.80 -29.01 12.62
N LYS H 37 -20.40 -28.49 13.69
CA LYS H 37 -19.91 -27.32 14.41
C LYS H 37 -19.98 -26.07 13.55
N LEU H 38 -20.22 -26.23 12.24
CA LEU H 38 -20.29 -25.18 11.23
C LEU H 38 -19.21 -24.10 11.33
N ALA H 39 -18.47 -23.87 10.24
CA ALA H 39 -17.65 -22.66 10.12
C ALA H 39 -16.60 -22.59 11.23
N LYS H 40 -15.54 -23.36 11.04
CA LYS H 40 -14.58 -23.81 12.06
C LYS H 40 -14.39 -22.85 13.22
N HIS H 41 -14.32 -21.54 12.96
CA HIS H 41 -14.18 -20.58 14.04
C HIS H 41 -15.31 -20.65 15.06
N LYS H 42 -16.50 -21.09 14.68
CA LYS H 42 -17.60 -21.29 15.60
C LYS H 42 -17.34 -22.51 16.48
N GLU H 43 -18.07 -22.58 17.59
CA GLU H 43 -18.29 -23.82 18.32
C GLU H 43 -19.79 -23.98 18.51
N LEU H 44 -20.20 -25.01 19.24
CA LEU H 44 -21.59 -25.19 19.62
C LEU H 44 -22.50 -25.25 18.38
N ALA H 45 -22.37 -26.37 17.66
CA ALA H 45 -23.07 -26.61 16.40
C ALA H 45 -24.48 -26.06 16.45
N PRO H 46 -24.98 -25.50 15.35
CA PRO H 46 -26.07 -24.50 15.42
C PRO H 46 -27.29 -25.01 16.19
N TYR H 47 -27.94 -24.06 16.86
CA TYR H 47 -29.05 -24.38 17.76
C TYR H 47 -30.17 -25.09 17.01
N ASP H 48 -30.59 -24.53 15.89
CA ASP H 48 -31.72 -25.06 15.14
C ASP H 48 -31.26 -26.31 14.39
N GLU H 49 -31.92 -27.43 14.67
CA GLU H 49 -31.52 -28.70 14.07
C GLU H 49 -31.81 -28.76 12.57
N ASN H 50 -32.59 -27.82 12.05
CA ASN H 50 -32.84 -27.71 10.63
C ASN H 50 -32.02 -26.59 9.98
N TRP H 51 -30.81 -26.34 10.50
CA TRP H 51 -29.97 -25.26 10.00
C TRP H 51 -29.66 -25.41 8.52
N PHE H 52 -29.61 -26.64 8.02
CA PHE H 52 -29.30 -26.86 6.61
C PHE H 52 -30.32 -26.19 5.71
N TYR H 53 -31.60 -26.21 6.10
CA TYR H 53 -32.64 -25.63 5.27
C TYR H 53 -32.51 -24.11 5.21
N THR H 54 -32.21 -23.47 6.33
CA THR H 54 -31.99 -22.03 6.33
C THR H 54 -30.74 -21.67 5.55
N ARG H 55 -29.66 -22.45 5.71
CA ARG H 55 -28.46 -22.21 4.94
C ARG H 55 -28.72 -22.38 3.45
N ALA H 56 -29.53 -23.37 3.06
CA ALA H 56 -29.90 -23.52 1.67
C ALA H 56 -30.71 -22.32 1.19
N ALA H 57 -31.61 -21.82 2.03
CA ALA H 57 -32.32 -20.59 1.69
C ALA H 57 -31.36 -19.42 1.59
N SER H 58 -30.34 -19.38 2.46
CA SER H 58 -29.38 -18.28 2.44
C SER H 58 -28.56 -18.28 1.15
N THR H 59 -27.99 -19.44 0.78
CA THR H 59 -27.17 -19.50 -0.42
C THR H 59 -27.99 -19.24 -1.68
N ALA H 60 -29.21 -19.76 -1.72
CA ALA H 60 -30.08 -19.52 -2.87
C ALA H 60 -30.39 -18.04 -3.01
N ARG H 61 -30.65 -17.37 -1.89
CA ARG H 61 -30.91 -15.93 -1.93
C ARG H 61 -29.66 -15.16 -2.38
N HIS H 62 -28.49 -15.56 -1.86
CA HIS H 62 -27.26 -14.88 -2.25
C HIS H 62 -26.94 -15.08 -3.72
N LEU H 63 -27.12 -16.31 -4.22
CA LEU H 63 -26.81 -16.57 -5.62
C LEU H 63 -27.77 -15.84 -6.55
N TYR H 64 -28.98 -15.52 -6.06
CA TYR H 64 -29.90 -14.70 -6.83
C TYR H 64 -29.35 -13.28 -6.99
N LEU H 65 -28.72 -12.75 -5.95
CA LEU H 65 -28.22 -11.38 -5.98
C LEU H 65 -26.89 -11.30 -6.73
N ARG H 66 -25.88 -11.98 -6.20
CA ARG H 66 -24.52 -11.94 -6.74
C ARG H 66 -24.21 -13.34 -7.26
N GLY H 67 -24.57 -13.60 -8.52
CA GLY H 67 -24.44 -14.91 -9.11
C GLY H 67 -23.02 -15.22 -9.54
N GLY H 68 -22.86 -16.44 -10.06
CA GLY H 68 -21.56 -16.92 -10.48
C GLY H 68 -20.60 -17.09 -9.33
N ALA H 69 -21.10 -17.54 -8.18
CA ALA H 69 -20.30 -17.74 -6.99
C ALA H 69 -20.00 -19.22 -6.81
N GLY H 70 -18.90 -19.50 -6.12
CA GLY H 70 -18.46 -20.86 -5.85
C GLY H 70 -18.37 -21.15 -4.37
N VAL H 71 -17.80 -22.32 -4.07
CA VAL H 71 -17.62 -22.72 -2.68
C VAL H 71 -16.65 -21.78 -1.98
N GLY H 72 -15.62 -21.33 -2.68
CA GLY H 72 -14.70 -20.36 -2.09
C GLY H 72 -15.35 -19.02 -1.82
N SER H 73 -16.24 -18.57 -2.71
CA SER H 73 -17.00 -17.35 -2.43
C SER H 73 -17.98 -17.58 -1.31
N MET H 74 -18.65 -18.74 -1.29
CA MET H 74 -19.63 -19.02 -0.25
C MET H 74 -18.99 -19.11 1.12
N THR H 75 -17.81 -19.70 1.21
CA THR H 75 -17.14 -19.80 2.51
C THR H 75 -16.68 -18.42 2.99
N LYS H 76 -16.62 -17.44 2.09
CA LYS H 76 -16.36 -16.07 2.50
C LYS H 76 -17.65 -15.36 2.89
N ILE H 77 -18.79 -15.79 2.34
CA ILE H 77 -20.07 -15.24 2.76
C ILE H 77 -20.32 -15.51 4.23
N TYR H 78 -20.12 -16.76 4.66
CA TYR H 78 -20.46 -17.19 6.00
C TYR H 78 -19.25 -17.24 6.93
N GLY H 79 -18.11 -16.72 6.49
CA GLY H 79 -16.99 -16.56 7.40
C GLY H 79 -17.28 -15.53 8.47
N GLY H 80 -16.65 -15.71 9.62
CA GLY H 80 -16.85 -14.83 10.75
C GLY H 80 -15.56 -14.49 11.46
N ARG H 81 -15.66 -14.04 12.71
CA ARG H 81 -14.49 -13.67 13.49
C ARG H 81 -14.11 -14.84 14.39
N GLN H 82 -12.87 -15.31 14.25
CA GLN H 82 -12.37 -16.40 15.06
C GLN H 82 -11.70 -15.82 16.30
N ARG H 83 -12.28 -16.11 17.47
CA ARG H 83 -11.69 -15.66 18.73
C ARG H 83 -10.61 -16.68 19.12
N ASN H 84 -9.36 -16.27 19.03
CA ASN H 84 -8.24 -17.17 19.24
C ASN H 84 -7.91 -17.35 20.69
N GLY H 85 -8.82 -17.03 21.58
CA GLY H 85 -8.57 -17.18 23.02
C GLY H 85 -7.79 -15.99 23.56
N VAL H 86 -6.54 -16.23 23.94
CA VAL H 86 -5.73 -15.17 24.52
C VAL H 86 -5.03 -14.37 23.42
N MET H 87 -5.03 -14.88 22.19
CA MET H 87 -4.51 -14.16 21.05
C MET H 87 -5.60 -13.25 20.45
N PRO H 88 -5.20 -12.23 19.70
CA PRO H 88 -6.20 -11.37 19.04
C PRO H 88 -7.04 -12.17 18.05
N SER H 89 -8.28 -11.72 17.88
CA SER H 89 -9.20 -12.42 16.99
C SER H 89 -8.98 -12.03 15.54
N HIS H 90 -9.21 -12.99 14.65
CA HIS H 90 -9.04 -12.76 13.22
C HIS H 90 -10.28 -13.20 12.45
N PHE H 91 -10.24 -13.09 11.13
CA PHE H 91 -11.30 -13.53 10.25
C PHE H 91 -10.96 -14.90 9.68
N SER H 92 -11.94 -15.79 9.64
CA SER H 92 -11.76 -17.11 9.05
C SER H 92 -13.02 -17.48 8.27
N ARG H 93 -12.82 -18.27 7.22
CA ARG H 93 -13.92 -18.69 6.35
C ARG H 93 -14.70 -19.83 7.00
N GLY H 94 -15.86 -20.10 6.42
CA GLY H 94 -16.67 -21.22 6.88
C GLY H 94 -16.19 -22.54 6.32
N SER H 95 -16.78 -23.61 6.83
CA SER H 95 -16.43 -24.95 6.36
C SER H 95 -16.89 -25.13 4.92
N LYS H 96 -16.04 -25.78 4.12
CA LYS H 96 -16.27 -25.83 2.68
C LYS H 96 -17.19 -26.97 2.26
N SER H 97 -17.26 -28.05 3.04
CA SER H 97 -18.16 -29.14 2.68
C SER H 97 -19.62 -28.72 2.79
N VAL H 98 -19.98 -28.02 3.86
CA VAL H 98 -21.37 -27.58 4.01
C VAL H 98 -21.74 -26.61 2.90
N ALA H 99 -20.79 -25.79 2.45
CA ALA H 99 -21.03 -24.94 1.30
C ALA H 99 -21.12 -25.75 0.02
N ARG H 100 -20.23 -26.73 -0.15
CA ARG H 100 -20.29 -27.59 -1.31
C ARG H 100 -21.52 -28.48 -1.28
N ARG H 101 -21.82 -29.07 -0.11
CA ARG H 101 -22.96 -29.97 -0.01
C ARG H 101 -24.28 -29.25 -0.26
N VAL H 102 -24.42 -28.04 0.31
CA VAL H 102 -25.66 -27.30 0.11
C VAL H 102 -25.79 -26.83 -1.33
N LEU H 103 -24.66 -26.54 -1.98
CA LEU H 103 -24.70 -26.13 -3.38
C LEU H 103 -25.11 -27.29 -4.28
N GLN H 104 -24.64 -28.50 -3.97
CA GLN H 104 -25.07 -29.68 -4.71
C GLN H 104 -26.50 -30.08 -4.38
N ALA H 105 -26.97 -29.82 -3.16
CA ALA H 105 -28.37 -30.04 -2.85
C ALA H 105 -29.26 -29.14 -3.69
N LEU H 106 -28.84 -27.89 -3.91
CA LEU H 106 -29.62 -26.98 -4.74
C LEU H 106 -29.60 -27.41 -6.21
N GLU H 107 -28.57 -28.14 -6.62
CA GLU H 107 -28.59 -28.76 -7.94
C GLU H 107 -29.73 -29.76 -8.06
N GLY H 108 -29.97 -30.52 -6.98
CA GLY H 108 -31.02 -31.53 -7.01
C GLY H 108 -32.40 -30.97 -7.27
N LEU H 109 -32.67 -29.76 -6.79
CA LEU H 109 -33.94 -29.10 -7.04
C LEU H 109 -34.01 -28.44 -8.41
N LYS H 110 -32.94 -28.54 -9.21
CA LYS H 110 -32.83 -27.86 -10.49
C LYS H 110 -33.05 -26.35 -10.33
N MET H 111 -32.53 -25.78 -9.24
CA MET H 111 -32.60 -24.35 -9.03
C MET H 111 -31.29 -23.63 -9.37
N VAL H 112 -30.18 -24.35 -9.37
CA VAL H 112 -28.87 -23.82 -9.69
C VAL H 112 -28.19 -24.75 -10.69
N GLU H 113 -27.22 -24.21 -11.43
CA GLU H 113 -26.41 -25.04 -12.31
C GLU H 113 -25.11 -24.31 -12.61
N LYS H 114 -24.15 -25.05 -13.15
CA LYS H 114 -22.84 -24.50 -13.47
C LYS H 114 -22.93 -23.49 -14.61
N ASP H 115 -21.78 -22.90 -14.95
CA ASP H 115 -21.66 -21.89 -15.98
C ASP H 115 -20.45 -22.18 -16.87
N GLN H 116 -20.38 -21.45 -17.98
CA GLN H 116 -19.18 -21.47 -18.81
C GLN H 116 -17.98 -20.94 -18.04
N ASP H 117 -18.21 -19.99 -17.13
CA ASP H 117 -17.19 -19.58 -16.17
C ASP H 117 -17.39 -20.32 -14.86
N GLY H 118 -16.44 -20.14 -13.95
CA GLY H 118 -16.51 -20.82 -12.67
C GLY H 118 -17.70 -20.41 -11.83
N GLY H 119 -18.18 -21.31 -10.99
CA GLY H 119 -19.28 -21.03 -10.10
C GLY H 119 -20.61 -21.53 -10.66
N ARG H 120 -21.68 -21.12 -9.97
CA ARG H 120 -23.03 -21.53 -10.34
C ARG H 120 -23.98 -20.36 -10.07
N LYS H 121 -25.16 -20.44 -10.68
CA LYS H 121 -26.16 -19.39 -10.55
C LYS H 121 -27.55 -19.98 -10.71
N LEU H 122 -28.55 -19.21 -10.30
CA LEU H 122 -29.93 -19.69 -10.35
C LEU H 122 -30.38 -19.95 -11.79
N THR H 123 -31.11 -21.05 -11.97
CA THR H 123 -31.80 -21.31 -13.22
C THR H 123 -33.04 -20.42 -13.33
N PRO H 124 -33.59 -20.27 -14.53
CA PRO H 124 -34.87 -19.55 -14.67
C PRO H 124 -35.94 -20.13 -13.78
N GLN H 125 -35.97 -21.47 -13.64
CA GLN H 125 -36.91 -22.10 -12.73
C GLN H 125 -36.56 -21.79 -11.28
N GLY H 126 -35.26 -21.73 -10.97
CA GLY H 126 -34.86 -21.44 -9.59
C GLY H 126 -35.22 -20.04 -9.17
N GLN H 127 -34.98 -19.06 -10.04
CA GLN H 127 -35.36 -17.68 -9.72
C GLN H 127 -36.87 -17.48 -9.82
N ARG H 128 -37.58 -18.36 -10.54
CA ARG H 128 -39.03 -18.32 -10.52
C ARG H 128 -39.57 -18.59 -9.12
N ASP H 129 -39.06 -19.63 -8.47
CA ASP H 129 -39.57 -19.99 -7.15
C ASP H 129 -39.18 -18.97 -6.09
N LEU H 130 -37.99 -18.36 -6.22
CA LEU H 130 -37.57 -17.38 -5.23
C LEU H 130 -38.41 -16.12 -5.29
N ASP H 131 -38.89 -15.76 -6.48
CA ASP H 131 -39.76 -14.60 -6.61
C ASP H 131 -41.16 -14.89 -6.09
N ARG H 132 -41.65 -16.12 -6.28
CA ARG H 132 -42.96 -16.49 -5.76
C ARG H 132 -42.97 -16.41 -4.24
N ILE H 133 -41.89 -16.87 -3.60
CA ILE H 133 -41.76 -16.73 -2.15
C ILE H 133 -41.70 -15.26 -1.76
N ALA H 134 -41.00 -14.44 -2.56
CA ALA H 134 -40.92 -13.02 -2.26
C ALA H 134 -42.29 -12.36 -2.31
N GLY H 135 -43.11 -12.71 -3.30
CA GLY H 135 -44.47 -12.23 -3.32
C GLY H 135 -45.29 -12.75 -2.16
N GLN H 136 -45.02 -14.00 -1.75
CA GLN H 136 -45.74 -14.58 -0.62
C GLN H 136 -45.42 -13.85 0.67
N VAL H 137 -44.13 -13.56 0.91
CA VAL H 137 -43.75 -12.90 2.15
C VAL H 137 -44.14 -11.43 2.13
N ALA H 138 -44.18 -10.82 0.96
CA ALA H 138 -44.58 -9.41 0.87
C ALA H 138 -46.03 -9.22 1.32
N ALA H 139 -46.92 -10.10 0.84
CA ALA H 139 -48.32 -10.03 1.26
C ALA H 139 -48.46 -10.31 2.75
N ALA H 140 -47.74 -11.32 3.24
CA ALA H 140 -47.80 -11.66 4.66
C ALA H 140 -47.25 -10.52 5.52
N ASN H 141 -46.21 -9.85 5.03
CA ASN H 141 -45.63 -8.74 5.78
C ASN H 141 -46.53 -7.51 5.71
N LYS H 142 -47.15 -7.28 4.55
CA LYS H 142 -48.05 -6.14 4.40
C LYS H 142 -49.26 -6.32 5.33
N LYS H 143 -49.88 -7.49 5.32
CA LYS H 143 -50.88 -7.86 6.31
C LYS H 143 -50.50 -9.15 7.01
CA ALA I 1 -3.22 -2.56 -43.65
C ALA I 1 -3.51 -1.82 -42.36
N ILE I 2 -4.78 -1.48 -42.14
CA ILE I 2 -5.17 -0.73 -40.94
C ILE I 2 -4.96 -1.62 -39.72
N HIS I 3 -4.18 -1.14 -38.76
CA HIS I 3 -3.87 -1.88 -37.55
C HIS I 3 -4.36 -1.13 -36.32
N ARG I 4 -4.85 -1.90 -35.34
CA ARG I 4 -5.26 -1.37 -34.04
C ARG I 4 -4.05 -1.36 -33.11
N ILE I 5 -3.04 -0.61 -33.53
CA ILE I 5 -1.73 -0.57 -32.89
C ILE I 5 -1.82 0.16 -31.57
N ARG I 6 -1.35 -0.49 -30.50
CA ARG I 6 -1.45 0.04 -29.14
C ARG I 6 -0.04 0.25 -28.59
N ILE I 7 0.20 1.43 -28.02
CA ILE I 7 1.49 1.82 -27.49
C ILE I 7 1.31 2.33 -26.07
N THR I 8 2.12 1.80 -25.14
CA THR I 8 2.02 2.13 -23.73
C THR I 8 3.34 2.66 -23.22
N LEU I 9 3.26 3.71 -22.39
CA LEU I 9 4.43 4.35 -21.80
C LEU I 9 4.34 4.29 -20.29
N THR I 10 5.50 4.29 -19.64
CA THR I 10 5.56 4.30 -18.18
C THR I 10 6.88 4.92 -17.76
N SER I 11 6.85 5.63 -16.64
CA SER I 11 8.03 6.33 -16.13
C SER I 11 7.79 6.67 -14.65
N ARG I 12 8.77 7.28 -14.03
CA ARG I 12 8.65 7.77 -12.65
C ARG I 12 8.46 9.27 -12.58
N ASN I 13 8.91 10.02 -13.59
CA ASN I 13 8.75 11.47 -13.60
C ASN I 13 7.58 11.85 -14.49
N VAL I 14 6.64 12.61 -13.92
CA VAL I 14 5.44 12.97 -14.65
C VAL I 14 5.69 13.99 -15.76
N LYS I 15 6.52 15.00 -15.49
CA LYS I 15 6.75 16.05 -16.48
C LYS I 15 7.31 15.48 -17.77
N SER I 16 8.35 14.66 -17.68
CA SER I 16 8.88 14.03 -18.88
C SER I 16 7.86 13.08 -19.51
N LEU I 17 7.14 12.32 -18.68
CA LEU I 17 6.11 11.43 -19.19
C LEU I 17 4.97 12.19 -19.85
N GLU I 18 4.53 13.27 -19.20
CA GLU I 18 3.46 14.08 -19.77
C GLU I 18 3.89 14.70 -21.10
N LYS I 19 5.12 15.19 -21.16
CA LYS I 19 5.57 15.87 -22.36
C LYS I 19 5.80 14.89 -23.52
N VAL I 20 6.27 13.68 -23.22
CA VAL I 20 6.62 12.75 -24.29
C VAL I 20 5.37 12.25 -25.00
N CYS I 21 4.30 11.98 -24.24
CA CYS I 21 3.05 11.56 -24.89
C CYS I 21 2.56 12.60 -25.88
N ALA I 22 2.79 13.89 -25.59
CA ALA I 22 2.30 14.94 -26.47
C ALA I 22 2.85 14.79 -27.89
N ASP I 23 4.11 14.38 -28.02
CA ASP I 23 4.69 14.22 -29.36
C ASP I 23 4.00 13.11 -30.14
N LEU I 24 3.78 11.96 -29.50
CA LEU I 24 3.10 10.87 -30.22
C LEU I 24 1.67 11.27 -30.59
N ILE I 25 0.93 11.88 -29.66
CA ILE I 25 -0.42 12.30 -29.98
C ILE I 25 -0.40 13.37 -31.06
N ARG I 26 0.42 14.41 -30.89
CA ARG I 26 0.51 15.43 -31.93
C ARG I 26 1.13 14.90 -33.20
N GLY I 27 2.11 13.99 -33.08
CA GLY I 27 2.66 13.36 -34.26
C GLY I 27 1.62 12.54 -35.03
N ALA I 28 0.66 11.98 -34.32
CA ALA I 28 -0.40 11.22 -34.97
C ALA I 28 -1.32 12.13 -35.78
N LYS I 29 -1.62 13.33 -35.25
CA LYS I 29 -2.53 14.25 -35.94
C LYS I 29 -1.95 14.69 -37.28
N GLU I 30 -0.66 15.02 -37.31
CA GLU I 30 -0.09 15.62 -38.52
C GLU I 30 0.05 14.63 -39.67
N LYS I 31 -0.13 13.33 -39.42
CA LYS I 31 -0.42 12.38 -40.49
C LYS I 31 -1.86 11.89 -40.45
N ASN I 32 -2.79 12.72 -39.94
CA ASN I 32 -4.24 12.48 -39.92
C ASN I 32 -4.57 11.01 -39.64
N LEU I 33 -4.11 10.55 -38.48
CA LEU I 33 -4.43 9.23 -37.97
C LEU I 33 -5.73 9.27 -37.20
N LYS I 34 -6.46 8.18 -37.23
CA LYS I 34 -7.60 8.00 -36.32
C LYS I 34 -7.03 7.58 -34.98
N VAL I 35 -6.81 8.56 -34.11
CA VAL I 35 -5.95 8.41 -32.93
C VAL I 35 -6.81 8.37 -31.68
N LYS I 36 -6.43 7.51 -30.75
CA LYS I 36 -7.04 7.45 -29.42
C LYS I 36 -6.21 8.28 -28.44
N GLY I 37 -6.92 9.02 -27.58
CA GLY I 37 -6.27 9.87 -26.60
C GLY I 37 -5.58 9.07 -25.51
N PRO I 38 -4.87 9.77 -24.62
CA PRO I 38 -4.03 9.09 -23.63
C PRO I 38 -4.86 8.54 -22.48
N VAL I 39 -5.00 7.22 -22.43
CA VAL I 39 -5.53 6.54 -21.26
C VAL I 39 -4.49 6.64 -20.16
N ARG I 40 -4.93 7.08 -18.97
CA ARG I 40 -4.01 7.43 -17.89
C ARG I 40 -4.38 6.62 -16.67
N MET I 41 -3.54 5.64 -16.33
CA MET I 41 -3.83 4.62 -15.33
C MET I 41 -3.42 5.10 -13.94
N PRO I 42 -3.98 4.49 -12.89
CA PRO I 42 -3.60 4.90 -11.54
C PRO I 42 -2.11 4.68 -11.28
N THR I 43 -1.52 5.64 -10.56
CA THR I 43 -0.09 5.59 -10.29
C THR I 43 0.22 4.55 -9.21
N LYS I 44 1.30 3.83 -9.40
CA LYS I 44 1.75 2.81 -8.45
C LYS I 44 2.77 3.43 -7.52
N THR I 45 2.57 3.26 -6.22
CA THR I 45 3.44 3.82 -5.19
C THR I 45 4.13 2.69 -4.43
N LEU I 46 5.45 2.72 -4.40
CA LEU I 46 6.25 1.78 -3.63
C LEU I 46 6.67 2.46 -2.33
N ARG I 47 6.34 1.84 -1.20
CA ARG I 47 6.27 2.54 0.09
C ARG I 47 7.15 1.85 1.13
N ILE I 48 8.41 1.60 0.78
CA ILE I 48 9.33 0.96 1.72
C ILE I 48 9.58 1.90 2.90
N THR I 49 9.46 1.36 4.12
CA THR I 49 9.71 2.09 5.35
C THR I 49 10.84 1.42 6.11
N THR I 50 11.75 2.24 6.65
CA THR I 50 13.01 1.74 7.18
C THR I 50 13.23 2.32 8.58
N ARG I 51 13.97 1.55 9.40
CA ARG I 51 14.23 1.92 10.79
C ARG I 51 14.99 3.23 10.91
N LYS I 52 15.65 3.68 9.84
CA LYS I 52 16.30 4.97 9.69
C LYS I 52 17.64 5.02 10.43
N THR I 53 17.96 4.04 11.26
CA THR I 53 19.21 4.06 12.01
C THR I 53 20.00 2.78 11.75
N PRO I 54 21.34 2.85 11.77
CA PRO I 54 22.12 1.62 11.54
C PRO I 54 22.19 0.73 12.77
N CYS I 55 22.24 1.30 13.96
CA CYS I 55 22.28 0.55 15.20
C CYS I 55 20.86 0.34 15.71
N GLY I 56 20.75 -0.11 16.96
CA GLY I 56 19.45 -0.27 17.59
C GLY I 56 19.09 0.88 18.49
N GLU I 57 20.12 1.61 18.93
CA GLU I 57 19.89 2.78 19.77
C GLU I 57 19.19 3.88 18.98
N GLY I 58 18.34 4.64 19.67
CA GLY I 58 17.63 5.73 19.03
C GLY I 58 16.32 5.99 19.73
N SER I 59 15.44 6.70 19.02
CA SER I 59 14.13 7.05 19.53
C SER I 59 13.01 6.51 18.65
N LYS I 60 13.24 5.34 18.05
CA LYS I 60 12.23 4.62 17.28
C LYS I 60 11.74 5.45 16.10
N THR I 61 12.64 6.23 15.51
CA THR I 61 12.35 7.01 14.32
C THR I 61 12.30 6.09 13.11
N TRP I 62 11.60 6.51 12.07
CA TRP I 62 11.42 5.72 10.86
C TRP I 62 11.62 6.60 9.64
N ASP I 63 11.75 5.95 8.48
CA ASP I 63 12.05 6.65 7.23
C ASP I 63 11.08 6.15 6.17
N ARG I 64 10.31 7.06 5.58
CA ARG I 64 9.31 6.72 4.57
C ARG I 64 9.88 7.03 3.19
N PHE I 65 10.17 5.99 2.41
CA PHE I 65 10.68 6.14 1.06
C PHE I 65 9.58 5.77 0.06
N GLN I 66 9.44 6.57 -0.98
CA GLN I 66 8.40 6.38 -1.98
C GLN I 66 8.98 6.43 -3.38
N MET I 67 8.36 5.67 -4.28
CA MET I 67 8.62 5.78 -5.71
C MET I 67 7.29 5.67 -6.43
N ARG I 68 6.95 6.70 -7.21
CA ARG I 68 5.72 6.68 -8.00
C ARG I 68 6.02 6.22 -9.41
N ILE I 69 5.19 5.29 -9.91
CA ILE I 69 5.26 4.82 -11.28
C ILE I 69 3.97 5.21 -11.97
N HIS I 70 4.08 5.95 -13.06
CA HIS I 70 2.93 6.46 -13.80
C HIS I 70 2.87 5.78 -15.16
N LYS I 71 1.68 5.30 -15.52
CA LYS I 71 1.49 4.59 -16.78
C LYS I 71 0.52 5.34 -17.67
N ARG I 72 0.81 5.36 -18.97
CA ARG I 72 -0.09 5.91 -19.97
C ARG I 72 0.00 5.05 -21.21
N LEU I 73 -1.11 4.98 -21.95
CA LEU I 73 -1.15 4.14 -23.14
C LEU I 73 -1.90 4.88 -24.24
N ILE I 74 -1.37 4.79 -25.45
CA ILE I 74 -1.97 5.39 -26.63
C ILE I 74 -2.39 4.28 -27.57
N ASP I 75 -3.56 4.43 -28.16
CA ASP I 75 -4.06 3.51 -29.18
C ASP I 75 -4.15 4.24 -30.51
N LEU I 76 -3.70 3.60 -31.58
CA LEU I 76 -3.76 4.16 -32.91
C LEU I 76 -4.54 3.23 -33.83
N HIS I 77 -5.05 3.77 -34.93
CA HIS I 77 -5.84 3.00 -35.89
C HIS I 77 -5.22 3.04 -37.28
N SER I 78 -3.90 2.91 -37.36
CA SER I 78 -3.25 3.06 -38.66
C SER I 78 -2.18 2.00 -38.85
N PRO I 79 -1.77 1.75 -40.09
CA PRO I 79 -0.76 0.72 -40.36
C PRO I 79 0.54 0.98 -39.61
N SER I 80 1.19 -0.11 -39.23
CA SER I 80 2.44 -0.01 -38.47
C SER I 80 3.55 0.64 -39.28
N GLU I 81 3.67 0.28 -40.56
CA GLU I 81 4.82 0.69 -41.37
C GLU I 81 4.91 2.20 -41.55
N ILE I 82 3.80 2.93 -41.44
CA ILE I 82 3.84 4.39 -41.47
C ILE I 82 4.08 4.99 -40.10
N VAL I 83 3.62 4.34 -39.03
CA VAL I 83 3.91 4.79 -37.67
C VAL I 83 5.18 4.17 -37.10
N LYS I 84 5.94 3.44 -37.92
CA LYS I 84 7.20 2.86 -37.46
C LYS I 84 8.16 3.94 -36.97
N GLN I 85 8.09 5.12 -37.57
CA GLN I 85 9.06 6.17 -37.26
C GLN I 85 8.49 7.25 -36.36
N ILE I 86 7.21 7.17 -36.00
CA ILE I 86 6.62 8.19 -35.15
C ILE I 86 7.24 8.17 -33.77
N THR I 87 7.29 6.98 -33.15
CA THR I 87 7.94 6.85 -31.85
C THR I 87 9.46 6.78 -31.98
N SER I 88 9.98 6.77 -33.20
CA SER I 88 11.40 6.62 -33.43
C SER I 88 12.16 7.92 -33.21
N ILE I 89 11.46 9.03 -32.98
CA ILE I 89 12.10 10.34 -32.87
C ILE I 89 11.76 11.03 -31.56
N SER I 90 11.35 10.25 -30.56
CA SER I 90 11.06 10.77 -29.22
C SER I 90 11.09 9.64 -28.21
N ILE I 91 12.04 9.68 -27.29
CA ILE I 91 12.16 8.65 -26.26
C ILE I 91 12.10 9.24 -24.86
N GLU I 92 12.78 10.38 -24.64
CA GLU I 92 12.77 11.05 -23.35
C GLU I 92 13.26 10.07 -22.28
N PRO I 93 14.58 9.89 -22.15
CA PRO I 93 15.13 8.66 -21.58
C PRO I 93 14.56 8.20 -20.24
N GLY I 94 13.75 9.01 -19.56
CA GLY I 94 13.19 8.59 -18.30
C GLY I 94 12.04 7.60 -18.38
N VAL I 95 11.55 7.27 -19.58
CA VAL I 95 10.35 6.47 -19.72
C VAL I 95 10.67 5.10 -20.32
N GLU I 96 9.67 4.22 -20.36
CA GLU I 96 9.79 2.90 -20.96
C GLU I 96 8.67 2.73 -21.97
N VAL I 97 8.96 2.08 -23.10
CA VAL I 97 8.04 2.02 -24.23
C VAL I 97 7.80 0.57 -24.63
N GLU I 98 6.53 0.15 -24.58
CA GLU I 98 6.12 -1.15 -25.09
C GLU I 98 5.04 -0.96 -26.13
N VAL I 99 5.09 -1.78 -27.18
CA VAL I 99 4.18 -1.65 -28.31
C VAL I 99 3.62 -3.03 -28.65
N THR I 100 2.32 -3.07 -28.95
CA THR I 100 1.63 -4.32 -29.25
C THR I 100 0.74 -4.14 -30.48
N ILE I 101 0.54 -5.23 -31.21
CA ILE I 101 -0.21 -5.22 -32.48
C ILE I 101 -1.72 -5.27 -32.28
N ALA I 102 -2.46 -5.09 -33.39
CA ALA I 102 -3.91 -5.01 -33.37
C ALA I 102 -4.55 -6.19 -32.65
N ASP I 103 -4.17 -7.41 -33.02
CA ASP I 103 -4.81 -8.60 -32.48
C ASP I 103 -4.52 -8.80 -30.99
N ALA I 104 -3.56 -8.08 -30.43
CA ALA I 104 -3.22 -8.16 -29.01
C ALA I 104 -2.86 -9.59 -28.59
N ARG J 1 -34.80 33.61 57.23
CA ARG J 1 -33.39 33.56 57.64
C ARG J 1 -32.48 33.44 56.43
N VAL J 2 -32.38 32.21 55.90
CA VAL J 2 -31.51 31.96 54.76
C VAL J 2 -32.10 32.62 53.52
N GLN J 3 -31.26 33.37 52.82
CA GLN J 3 -31.70 34.11 51.64
C GLN J 3 -32.18 33.17 50.54
N PRO J 4 -33.05 33.63 49.64
CA PRO J 4 -33.49 32.76 48.54
C PRO J 4 -32.43 32.64 47.45
N ILE J 5 -32.68 31.77 46.47
CA ILE J 5 -31.78 31.67 45.34
C ILE J 5 -31.94 32.88 44.43
N LYS J 6 -30.83 33.34 43.86
CA LYS J 6 -30.84 34.51 43.00
C LYS J 6 -30.23 34.13 41.65
N LEU J 7 -30.70 34.79 40.61
CA LEU J 7 -30.17 34.61 39.28
C LEU J 7 -29.38 35.85 38.89
N ALA J 8 -28.22 35.64 38.27
CA ALA J 8 -27.28 36.73 38.02
C ALA J 8 -26.84 36.68 36.57
N ARG J 9 -27.31 37.64 35.78
CA ARG J 9 -26.83 37.81 34.43
C ARG J 9 -25.36 38.20 34.45
N VAL J 10 -24.60 37.68 33.50
CA VAL J 10 -23.15 37.84 33.46
C VAL J 10 -22.78 39.00 32.56
N THR J 11 -22.11 39.99 33.12
CA THR J 11 -21.59 41.12 32.37
C THR J 11 -20.17 40.75 31.92
N LYS J 12 -19.35 41.73 31.53
CA LYS J 12 -18.06 41.44 30.92
C LYS J 12 -17.19 40.56 31.82
N VAL J 13 -16.53 39.58 31.20
CA VAL J 13 -15.68 38.62 31.87
C VAL J 13 -14.31 39.24 32.12
N LEU J 14 -13.69 38.89 33.25
CA LEU J 14 -12.45 39.51 33.70
C LEU J 14 -11.26 38.56 33.68
N GLY J 15 -11.30 37.53 32.85
CA GLY J 15 -10.18 36.62 32.70
C GLY J 15 -10.15 35.54 33.77
N ARG J 16 -9.18 34.64 33.61
CA ARG J 16 -9.11 33.43 34.42
C ARG J 16 -8.42 33.68 35.75
N THR J 17 -8.53 32.70 36.65
CA THR J 17 -7.91 32.77 37.97
C THR J 17 -7.76 31.35 38.50
N GLY J 18 -7.06 31.22 39.62
CA GLY J 18 -6.82 29.93 40.21
C GLY J 18 -5.48 29.32 39.87
N SER J 19 -4.66 29.99 39.08
CA SER J 19 -3.32 29.56 38.64
C SER J 19 -3.37 28.28 37.82
N GLN J 20 -4.55 27.71 37.56
CA GLN J 20 -4.69 26.63 36.61
C GLN J 20 -5.75 26.96 35.56
N GLY J 21 -6.32 28.16 35.60
CA GLY J 21 -7.35 28.55 34.66
C GLY J 21 -8.69 27.90 34.86
N GLN J 22 -8.90 27.26 36.01
CA GLN J 22 -10.14 26.54 36.29
C GLN J 22 -11.33 27.47 36.55
N CYS J 23 -11.11 28.65 37.13
CA CYS J 23 -12.19 29.55 37.48
C CYS J 23 -12.05 30.86 36.71
N THR J 24 -13.12 31.65 36.70
CA THR J 24 -13.16 32.89 35.93
C THR J 24 -13.99 33.93 36.66
N GLN J 25 -13.49 35.16 36.67
CA GLN J 25 -14.18 36.32 37.23
C GLN J 25 -15.17 36.85 36.20
N VAL J 26 -16.39 37.18 36.64
CA VAL J 26 -17.44 37.43 35.66
C VAL J 26 -18.17 38.76 35.80
N ARG J 27 -18.18 39.37 36.99
CA ARG J 27 -18.89 40.63 37.19
C ARG J 27 -20.38 40.48 36.83
N VAL J 28 -21.06 39.71 37.68
CA VAL J 28 -22.46 39.38 37.47
C VAL J 28 -23.36 40.51 37.97
N GLU J 29 -24.63 40.45 37.59
CA GLU J 29 -25.63 41.43 37.97
C GLU J 29 -27.01 40.75 37.96
N PHE J 30 -27.89 41.20 38.86
CA PHE J 30 -29.06 40.44 39.28
C PHE J 30 -30.32 40.76 38.48
N MET J 31 -30.22 41.63 37.48
CA MET J 31 -31.31 42.02 36.56
C MET J 31 -32.66 42.27 37.23
N ASP J 32 -32.68 42.70 38.49
CA ASP J 32 -33.85 43.42 38.99
C ASP J 32 -33.49 44.83 39.44
N ASP J 33 -32.45 44.97 40.26
CA ASP J 33 -31.79 46.24 40.47
C ASP J 33 -30.49 46.25 39.67
N THR J 34 -30.64 46.56 38.38
CA THR J 34 -29.51 46.47 37.46
C THR J 34 -28.40 47.44 37.84
N SER J 35 -28.71 48.48 38.61
CA SER J 35 -27.68 49.45 39.00
C SER J 35 -26.66 48.82 39.94
N ARG J 36 -27.02 47.73 40.60
CA ARG J 36 -26.12 47.03 41.51
C ARG J 36 -25.57 45.80 40.78
N SER J 37 -24.27 45.58 40.90
CA SER J 37 -23.59 44.46 40.27
C SER J 37 -22.38 44.07 41.10
N ILE J 38 -22.04 42.79 41.08
CA ILE J 38 -21.02 42.22 41.97
C ILE J 38 -20.00 41.47 41.14
N ILE J 39 -18.87 41.19 41.78
CA ILE J 39 -17.82 40.36 41.18
C ILE J 39 -17.96 38.95 41.76
N ARG J 40 -17.88 37.95 40.89
CA ARG J 40 -18.03 36.57 41.30
C ARG J 40 -17.05 35.73 40.48
N ASN J 41 -16.73 34.54 40.99
CA ASN J 41 -15.86 33.60 40.27
C ASN J 41 -16.60 32.29 40.05
N VAL J 42 -16.35 31.66 38.91
CA VAL J 42 -17.14 30.51 38.46
C VAL J 42 -16.27 29.62 37.60
N LYS J 43 -16.46 28.31 37.75
CA LYS J 43 -15.77 27.32 36.93
C LYS J 43 -16.67 26.86 35.79
N GLY J 44 -16.05 26.59 34.64
CA GLY J 44 -16.77 26.24 33.44
C GLY J 44 -16.78 27.37 32.42
N PRO J 45 -17.14 27.04 31.17
CA PRO J 45 -17.19 28.06 30.12
C PRO J 45 -18.19 29.17 30.46
N VAL J 46 -17.85 30.39 30.08
CA VAL J 46 -18.43 31.58 30.71
C VAL J 46 -19.62 32.13 29.95
N ARG J 47 -19.50 32.36 28.64
CA ARG J 47 -20.60 32.97 27.86
C ARG J 47 -21.01 34.32 28.43
N GLU J 48 -20.11 35.29 28.29
CA GLU J 48 -20.41 36.67 28.64
C GLU J 48 -21.78 37.08 28.09
N GLY J 49 -22.70 37.43 28.98
CA GLY J 49 -24.05 37.77 28.60
C GLY J 49 -25.10 36.73 28.94
N ASP J 50 -24.74 35.66 29.65
CA ASP J 50 -25.69 34.63 30.04
C ASP J 50 -26.18 34.90 31.47
N VAL J 51 -26.99 33.97 32.00
CA VAL J 51 -27.57 34.10 33.32
C VAL J 51 -27.13 32.91 34.17
N LEU J 52 -26.72 33.23 35.40
CA LEU J 52 -26.05 32.27 36.26
C LEU J 52 -26.74 32.27 37.62
N THR J 53 -27.04 31.07 38.12
CA THR J 53 -27.66 30.94 39.43
C THR J 53 -26.67 31.31 40.53
N LEU J 54 -27.22 31.77 41.65
CA LEU J 54 -26.40 32.47 42.63
C LEU J 54 -27.15 32.55 43.96
N LEU J 55 -26.52 32.08 45.03
CA LEU J 55 -27.23 32.00 46.32
C LEU J 55 -27.22 33.34 47.06
N GLU J 56 -26.04 33.82 47.46
CA GLU J 56 -25.92 34.98 48.33
C GLU J 56 -25.18 36.05 47.54
N SER J 57 -25.60 37.31 47.68
CA SER J 57 -25.10 38.36 46.81
C SER J 57 -23.64 38.69 47.10
N GLU J 58 -23.34 39.24 48.29
CA GLU J 58 -22.03 39.82 48.54
C GLU J 58 -21.14 38.82 49.31
N ARG J 59 -20.59 37.86 48.58
CA ARG J 59 -19.64 36.93 49.22
C ARG J 59 -18.22 37.48 49.25
N GLU J 60 -17.58 37.61 48.08
CA GLU J 60 -16.13 37.72 48.07
C GLU J 60 -15.64 37.92 46.64
N ALA J 61 -14.49 38.58 46.50
CA ALA J 61 -13.95 38.96 45.19
C ALA J 61 -12.55 39.57 45.28
N ARG J 62 -11.73 39.39 44.24
CA ARG J 62 -10.47 40.12 44.10
C ARG J 62 -10.43 40.95 42.83
N ARG J 63 -9.52 41.92 42.82
CA ARG J 63 -9.03 42.54 41.60
C ARG J 63 -7.80 41.79 41.11
N LEU J 64 -7.77 41.49 39.82
CA LEU J 64 -6.65 40.74 39.26
C LEU J 64 -5.61 41.68 38.64
N GLY K 1 36.53 -29.18 2.42
CA GLY K 1 36.68 -30.49 1.81
C GLY K 1 36.42 -31.64 2.76
N HIS K 2 36.00 -32.78 2.21
CA HIS K 2 35.82 -32.99 0.78
C HIS K 2 34.42 -32.60 0.32
N GLN K 3 34.15 -32.74 -0.98
CA GLN K 3 32.97 -32.13 -1.57
C GLN K 3 31.68 -32.80 -1.11
N GLN K 4 31.74 -34.03 -0.60
CA GLN K 4 30.51 -34.63 -0.07
C GLN K 4 30.04 -33.98 1.22
N LEU K 5 30.87 -33.19 1.91
CA LEU K 5 30.41 -32.56 3.13
C LEU K 5 30.81 -31.09 3.29
N TYR K 6 31.55 -30.51 2.33
CA TYR K 6 31.96 -29.11 2.48
C TYR K 6 30.74 -28.19 2.52
N TRP K 7 29.87 -28.30 1.52
CA TRP K 7 28.71 -27.43 1.41
C TRP K 7 27.44 -28.28 1.54
N SER K 8 27.50 -29.31 2.37
CA SER K 8 26.43 -30.31 2.42
C SER K 8 25.13 -29.72 2.96
N HIS K 9 25.21 -28.82 3.93
CA HIS K 9 24.01 -28.23 4.50
C HIS K 9 23.26 -27.48 3.41
N PRO K 10 21.96 -27.73 3.23
CA PRO K 10 21.24 -27.13 2.10
C PRO K 10 21.06 -25.63 2.33
N ARG K 11 21.63 -24.83 1.43
CA ARG K 11 21.41 -23.39 1.44
C ARG K 11 20.16 -23.04 0.64
N LYS K 12 19.11 -23.77 0.96
CA LYS K 12 17.75 -23.52 0.53
C LYS K 12 17.16 -22.44 1.43
N PHE K 13 15.84 -22.39 1.49
CA PHE K 13 15.07 -21.54 2.38
C PHE K 13 15.74 -21.20 3.71
N GLY K 14 15.75 -19.92 4.07
CA GLY K 14 16.29 -19.49 5.34
C GLY K 14 17.22 -18.29 5.25
N GLN K 15 17.58 -17.74 6.41
CA GLN K 15 18.56 -16.64 6.46
C GLN K 15 19.91 -17.06 5.89
N GLY K 16 20.23 -18.35 5.92
CA GLY K 16 21.50 -18.80 5.37
C GLY K 16 21.61 -18.56 3.88
N SER K 17 20.51 -18.76 3.15
CA SER K 17 20.55 -18.56 1.70
C SER K 17 20.58 -17.09 1.34
N ARG K 18 19.81 -16.27 2.06
CA ARG K 18 19.67 -14.86 1.68
C ARG K 18 20.82 -14.04 2.27
N SER K 19 21.26 -13.07 1.48
CA SER K 19 22.29 -12.13 1.91
C SER K 19 22.14 -10.86 1.09
N CYS K 20 22.61 -9.75 1.67
CA CYS K 20 22.54 -8.49 0.96
C CYS K 20 23.42 -8.53 -0.28
N ARG K 21 22.92 -7.90 -1.35
CA ARG K 21 23.60 -7.88 -2.63
C ARG K 21 24.74 -6.88 -2.67
N VAL K 22 25.01 -6.20 -1.56
CA VAL K 22 26.08 -5.21 -1.46
C VAL K 22 27.15 -5.64 -0.48
N CYS K 23 26.76 -5.96 0.76
CA CYS K 23 27.71 -6.23 1.84
C CYS K 23 27.73 -7.69 2.25
N SER K 24 26.90 -8.54 1.63
CA SER K 24 26.81 -9.95 1.98
C SER K 24 26.37 -10.18 3.42
N ASN K 25 25.69 -9.21 4.01
CA ASN K 25 25.14 -9.34 5.35
C ASN K 25 23.77 -10.00 5.29
N ARG K 26 23.43 -10.73 6.36
CA ARG K 26 22.19 -11.47 6.45
C ARG K 26 21.34 -10.96 7.60
N HIS K 27 21.29 -9.64 7.80
CA HIS K 27 20.49 -9.07 8.87
C HIS K 27 19.87 -7.77 8.39
N GLY K 28 18.58 -7.62 8.68
CA GLY K 28 17.84 -6.45 8.20
C GLY K 28 17.66 -6.42 6.71
N LEU K 29 17.43 -7.57 6.09
CA LEU K 29 17.27 -7.65 4.65
C LEU K 29 15.96 -7.00 4.20
N ILE K 30 15.94 -6.54 2.96
CA ILE K 30 14.76 -5.97 2.32
C ILE K 30 14.56 -6.72 1.01
N ARG K 31 13.66 -7.70 1.02
CA ARG K 31 13.35 -8.45 -0.19
C ARG K 31 12.15 -7.91 -0.94
N LYS K 32 11.58 -6.78 -0.48
CA LYS K 32 10.43 -6.21 -1.14
C LYS K 32 10.81 -5.65 -2.50
N TYR K 33 10.01 -5.96 -3.52
CA TYR K 33 10.30 -5.65 -4.92
C TYR K 33 11.65 -6.21 -5.36
N GLY K 34 12.14 -7.23 -4.66
CA GLY K 34 13.36 -7.90 -5.05
C GLY K 34 14.61 -7.04 -4.99
N LEU K 35 14.77 -6.26 -3.92
CA LEU K 35 16.04 -5.55 -3.72
C LEU K 35 17.12 -6.49 -3.22
N ASN K 36 16.81 -7.28 -2.19
CA ASN K 36 17.78 -8.14 -1.52
C ASN K 36 18.98 -7.32 -1.05
N MET K 37 18.67 -6.19 -0.41
CA MET K 37 19.67 -5.27 0.11
C MET K 37 19.28 -4.92 1.53
N CYS K 38 20.25 -4.94 2.44
CA CYS K 38 19.95 -4.71 3.84
C CYS K 38 19.48 -3.26 4.05
N ARG K 39 18.90 -3.03 5.24
CA ARG K 39 18.30 -1.73 5.52
C ARG K 39 19.34 -0.61 5.50
N GLN K 40 20.52 -0.87 6.06
CA GLN K 40 21.55 0.17 6.10
C GLN K 40 22.05 0.50 4.71
N CYS K 41 22.29 -0.51 3.87
CA CYS K 41 22.76 -0.26 2.51
C CYS K 41 21.67 0.34 1.65
N PHE K 42 20.40 0.04 1.93
CA PHE K 42 19.32 0.64 1.16
C PHE K 42 19.24 2.14 1.41
N ARG K 43 19.36 2.56 2.67
CA ARG K 43 19.33 3.99 2.99
C ARG K 43 20.46 4.73 2.30
N GLN K 44 21.60 4.06 2.12
CA GLN K 44 22.74 4.70 1.47
C GLN K 44 22.48 4.93 -0.02
N TYR K 45 21.89 3.95 -0.69
CA TYR K 45 21.68 4.01 -2.14
C TYR K 45 20.26 4.40 -2.51
N ALA K 46 19.41 4.75 -1.53
CA ALA K 46 18.00 4.97 -1.81
C ALA K 46 17.78 6.02 -2.89
N LYS K 47 18.58 7.08 -2.89
CA LYS K 47 18.45 8.11 -3.92
C LYS K 47 18.78 7.54 -5.30
N ASP K 48 19.80 6.70 -5.39
CA ASP K 48 20.22 6.18 -6.68
C ASP K 48 19.18 5.27 -7.29
N ILE K 49 18.55 4.41 -6.48
CA ILE K 49 17.47 3.56 -7.00
C ILE K 49 16.31 4.43 -7.46
N GLY K 50 15.93 5.42 -6.67
CA GLY K 50 14.86 6.32 -7.07
C GLY K 50 13.84 6.57 -5.98
N PHE K 51 13.99 5.90 -4.84
CA PHE K 51 13.09 6.12 -3.71
C PHE K 51 13.33 7.51 -3.14
N ILE K 52 12.26 8.28 -2.96
CA ILE K 52 12.35 9.68 -2.58
C ILE K 52 11.59 9.87 -1.27
N LYS K 53 12.21 10.61 -0.34
CA LYS K 53 11.57 10.98 0.92
C LYS K 53 10.57 12.11 0.70
N LEU K 54 9.43 11.76 0.11
CA LEU K 54 8.43 12.78 -0.21
C LEU K 54 7.69 13.26 1.04
N ASP K 55 7.31 12.34 1.92
CA ASP K 55 6.59 12.71 3.14
C ASP K 55 6.65 11.58 4.16
N THR L 1 -39.04 67.57 -15.04
CA THR L 1 -39.64 67.07 -13.82
C THR L 1 -39.32 65.59 -13.60
N GLU L 2 -38.60 65.00 -14.54
CA GLU L 2 -38.24 63.58 -14.45
C GLU L 2 -37.22 63.38 -13.34
N GLN L 3 -37.38 62.29 -12.58
CA GLN L 3 -36.50 61.93 -11.49
C GLN L 3 -36.00 60.51 -11.69
N MET L 4 -34.75 60.26 -11.31
CA MET L 4 -34.16 58.92 -11.44
C MET L 4 -34.19 58.20 -10.09
N THR L 5 -35.40 57.87 -9.65
CA THR L 5 -35.55 57.14 -8.40
C THR L 5 -35.44 55.64 -8.65
N LEU L 6 -35.10 54.89 -7.62
CA LEU L 6 -34.87 53.45 -7.74
C LEU L 6 -36.20 52.71 -7.74
N ARG L 7 -36.38 51.83 -8.72
CA ARG L 7 -37.56 50.98 -8.81
C ARG L 7 -37.21 49.58 -8.33
N GLY L 8 -36.89 49.49 -7.04
CA GLY L 8 -36.67 48.21 -6.40
C GLY L 8 -35.23 47.71 -6.43
N THR L 9 -35.05 46.50 -5.90
CA THR L 9 -33.75 45.85 -5.77
C THR L 9 -33.91 44.38 -6.15
N LEU L 10 -32.83 43.76 -6.59
CA LEU L 10 -32.85 42.40 -7.14
C LEU L 10 -32.06 41.47 -6.23
N LYS L 11 -32.73 40.85 -5.26
CA LYS L 11 -32.15 39.79 -4.45
C LYS L 11 -31.67 38.65 -5.33
N GLY L 12 -30.46 38.16 -5.08
CA GLY L 12 -29.93 37.11 -5.92
C GLY L 12 -28.53 36.62 -5.64
N HIS L 13 -27.71 36.52 -6.69
CA HIS L 13 -26.40 35.87 -6.61
C HIS L 13 -25.53 36.48 -5.51
N ASN L 14 -24.66 35.64 -4.94
CA ASN L 14 -23.88 35.98 -3.76
C ASN L 14 -22.46 36.42 -4.09
N GLY L 15 -22.25 37.08 -5.23
CA GLY L 15 -20.98 37.71 -5.52
C GLY L 15 -21.20 39.15 -5.96
N TRP L 16 -20.20 39.76 -6.58
CA TRP L 16 -20.44 41.06 -7.19
C TRP L 16 -21.34 40.89 -8.42
N VAL L 17 -21.63 42.01 -9.07
CA VAL L 17 -22.39 41.99 -10.31
C VAL L 17 -21.46 42.52 -11.39
N THR L 18 -20.76 41.61 -12.05
CA THR L 18 -19.67 42.00 -12.94
C THR L 18 -20.18 42.71 -14.18
N GLN L 19 -21.24 42.17 -14.81
CA GLN L 19 -21.79 42.79 -16.01
C GLN L 19 -23.21 42.29 -16.21
N ILE L 20 -24.08 43.16 -16.70
CA ILE L 20 -25.48 42.86 -16.93
C ILE L 20 -25.81 43.14 -18.39
N ALA L 21 -26.88 42.53 -18.89
CA ALA L 21 -27.28 42.67 -20.28
C ALA L 21 -28.80 42.71 -20.38
N THR L 22 -29.29 43.25 -21.50
CA THR L 22 -30.71 43.38 -21.74
C THR L 22 -30.99 43.13 -23.22
N THR L 23 -32.25 42.84 -23.52
CA THR L 23 -32.68 42.63 -24.89
C THR L 23 -33.96 43.40 -25.18
N PRO L 24 -34.10 43.94 -26.40
CA PRO L 24 -35.36 44.62 -26.74
C PRO L 24 -36.47 43.67 -27.15
N GLN L 25 -36.13 42.49 -27.70
CA GLN L 25 -37.15 41.60 -28.21
C GLN L 25 -37.91 40.92 -27.07
N PHE L 26 -37.28 40.79 -25.90
CA PHE L 26 -37.92 40.26 -24.70
C PHE L 26 -37.79 41.29 -23.60
N PRO L 27 -38.71 42.28 -23.53
CA PRO L 27 -38.62 43.28 -22.46
C PRO L 27 -38.67 42.70 -21.07
N ASP L 28 -39.39 41.60 -20.85
CA ASP L 28 -39.61 41.09 -19.50
C ASP L 28 -38.56 40.07 -19.11
N MET L 29 -37.28 40.41 -19.29
CA MET L 29 -36.17 39.55 -18.89
C MET L 29 -34.86 40.31 -19.06
N ILE L 30 -33.99 40.18 -18.05
CA ILE L 30 -32.59 40.60 -18.14
C ILE L 30 -31.75 39.58 -17.39
N LEU L 31 -30.48 39.50 -17.76
CA LEU L 31 -29.54 38.59 -17.12
C LEU L 31 -28.26 39.32 -16.75
N SER L 32 -27.63 38.87 -15.67
CA SER L 32 -26.49 39.59 -15.09
C SER L 32 -25.39 38.59 -14.77
N ALA L 33 -24.21 38.81 -15.33
CA ALA L 33 -23.03 38.07 -14.90
C ALA L 33 -22.65 38.49 -13.49
N SER L 34 -21.92 37.61 -12.80
CA SER L 34 -21.63 37.85 -11.39
C SER L 34 -20.29 37.22 -11.03
N ARG L 35 -19.85 37.49 -9.80
CA ARG L 35 -18.57 37.01 -9.29
C ARG L 35 -18.65 35.58 -8.74
N ASP L 36 -19.83 34.97 -8.72
CA ASP L 36 -19.96 33.58 -8.28
C ASP L 36 -20.10 32.62 -9.46
N LYS L 37 -19.40 32.91 -10.56
CA LYS L 37 -19.27 32.03 -11.73
C LYS L 37 -20.62 31.51 -12.22
N THR L 38 -21.62 32.38 -12.22
CA THR L 38 -22.92 32.03 -12.75
C THR L 38 -23.57 33.26 -13.35
N ILE L 39 -24.48 33.04 -14.28
CA ILE L 39 -25.28 34.09 -14.89
C ILE L 39 -26.73 33.85 -14.49
N ILE L 40 -27.32 34.83 -13.80
CA ILE L 40 -28.69 34.72 -13.31
C ILE L 40 -29.57 35.47 -14.29
N MET L 41 -30.48 34.75 -14.95
CA MET L 41 -31.43 35.38 -15.86
C MET L 41 -32.71 35.65 -15.06
N TRP L 42 -33.10 36.92 -15.01
CA TRP L 42 -34.26 37.35 -14.25
C TRP L 42 -35.46 37.55 -15.17
N LYS L 43 -36.66 37.33 -14.64
CA LYS L 43 -37.85 37.80 -15.30
C LYS L 43 -38.39 39.02 -14.56
N LEU L 44 -38.69 40.07 -15.32
CA LEU L 44 -39.12 41.34 -14.74
C LEU L 44 -40.62 41.23 -14.44
N THR L 45 -40.93 40.68 -13.27
CA THR L 45 -42.32 40.55 -12.86
C THR L 45 -43.00 41.89 -12.71
N ARG L 46 -42.24 42.93 -12.38
CA ARG L 46 -42.76 44.27 -12.11
C ARG L 46 -43.71 44.29 -10.93
N ASP L 47 -43.78 43.19 -10.18
CA ASP L 47 -44.68 43.04 -9.04
C ASP L 47 -44.00 43.44 -7.75
N GLU L 48 -44.81 43.95 -6.81
CA GLU L 48 -44.30 44.52 -5.56
C GLU L 48 -43.32 43.58 -4.84
N THR L 49 -42.24 44.19 -4.34
CA THR L 49 -41.24 43.57 -3.48
C THR L 49 -40.43 42.49 -4.17
N ASN L 50 -40.79 42.15 -5.41
CA ASN L 50 -39.93 41.31 -6.25
C ASN L 50 -40.10 41.81 -7.68
N TYR L 51 -39.25 42.76 -8.08
CA TYR L 51 -39.41 43.30 -9.41
C TYR L 51 -38.71 42.44 -10.46
N GLY L 52 -37.75 41.62 -10.04
CA GLY L 52 -37.19 40.61 -10.90
C GLY L 52 -37.07 39.29 -10.15
N ILE L 53 -37.28 38.21 -10.88
CA ILE L 53 -37.23 36.88 -10.28
C ILE L 53 -36.22 36.02 -11.03
N PRO L 54 -35.29 35.37 -10.33
CA PRO L 54 -34.29 34.53 -10.99
C PRO L 54 -34.87 33.22 -11.49
N GLN L 55 -35.42 33.20 -12.70
CA GLN L 55 -36.04 31.99 -13.25
C GLN L 55 -35.07 31.06 -13.95
N ARG L 56 -33.81 31.47 -14.15
CA ARG L 56 -32.80 30.63 -14.79
C ARG L 56 -31.44 30.97 -14.20
N ALA L 57 -30.70 29.95 -13.77
CA ALA L 57 -29.36 30.13 -13.23
C ALA L 57 -28.36 29.47 -14.18
N LEU L 58 -27.82 30.29 -15.08
CA LEU L 58 -26.84 29.81 -16.06
C LEU L 58 -25.51 29.54 -15.38
N ARG L 59 -25.20 28.26 -15.17
CA ARG L 59 -24.04 27.86 -14.38
C ARG L 59 -23.23 26.84 -15.16
N GLY L 60 -21.93 26.77 -14.83
CA GLY L 60 -21.01 25.93 -15.55
C GLY L 60 -19.72 26.62 -15.98
N HIS L 61 -19.40 27.74 -15.34
CA HIS L 61 -18.13 28.43 -15.53
C HIS L 61 -17.25 28.20 -14.32
N SER L 62 -15.97 27.97 -14.55
CA SER L 62 -15.04 27.65 -13.47
C SER L 62 -14.69 28.90 -12.66
N HIS L 63 -14.17 29.93 -13.32
CA HIS L 63 -13.93 31.21 -12.70
C HIS L 63 -15.09 32.15 -13.06
N PHE L 64 -15.21 33.26 -12.33
CA PHE L 64 -16.41 34.07 -12.47
C PHE L 64 -16.47 34.74 -13.83
N VAL L 65 -17.68 34.79 -14.40
CA VAL L 65 -17.89 35.34 -15.72
C VAL L 65 -17.67 36.85 -15.70
N SER L 66 -17.03 37.37 -16.75
CA SER L 66 -16.62 38.76 -16.79
C SER L 66 -17.52 39.63 -17.66
N ASP L 67 -18.33 39.04 -18.54
CA ASP L 67 -19.18 39.82 -19.41
C ASP L 67 -20.24 38.92 -20.03
N VAL L 68 -21.41 39.49 -20.30
CA VAL L 68 -22.50 38.80 -20.96
C VAL L 68 -23.12 39.73 -21.99
N VAL L 69 -23.70 39.14 -23.04
CA VAL L 69 -24.43 39.89 -24.05
C VAL L 69 -25.36 38.94 -24.77
N ILE L 70 -26.50 39.43 -25.21
CA ILE L 70 -27.51 38.62 -25.89
C ILE L 70 -27.45 38.92 -27.38
N SER L 71 -27.71 37.89 -28.18
CA SER L 71 -27.90 38.09 -29.61
C SER L 71 -29.15 38.94 -29.84
N SER L 72 -29.22 39.58 -31.01
CA SER L 72 -30.37 40.42 -31.30
C SER L 72 -31.54 39.56 -31.78
N ASP L 73 -31.79 38.46 -31.08
CA ASP L 73 -32.97 37.63 -31.28
C ASP L 73 -33.58 37.09 -29.99
N GLY L 74 -32.88 37.15 -28.86
CA GLY L 74 -33.40 36.65 -27.60
C GLY L 74 -33.29 35.15 -27.39
N GLN L 75 -32.55 34.44 -28.23
CA GLN L 75 -32.42 32.99 -28.10
C GLN L 75 -31.09 32.57 -27.50
N PHE L 76 -30.00 33.27 -27.81
CA PHE L 76 -28.68 32.90 -27.34
C PHE L 76 -27.99 34.08 -26.68
N ALA L 77 -27.09 33.76 -25.76
CA ALA L 77 -26.30 34.78 -25.07
C ALA L 77 -24.99 34.15 -24.61
N LEU L 78 -23.88 34.58 -25.19
CA LEU L 78 -22.58 34.04 -24.87
C LEU L 78 -21.90 34.92 -23.81
N SER L 79 -21.08 34.29 -22.98
CA SER L 79 -20.42 34.97 -21.87
C SER L 79 -18.95 34.60 -21.82
N GLY L 80 -18.14 35.56 -21.40
CA GLY L 80 -16.72 35.32 -21.22
C GLY L 80 -16.33 35.29 -19.75
N SER L 81 -15.77 34.16 -19.31
CA SER L 81 -15.43 33.98 -17.92
C SER L 81 -13.98 34.34 -17.68
N TRP L 82 -13.51 34.16 -16.43
CA TRP L 82 -12.12 34.39 -16.09
C TRP L 82 -11.27 33.14 -16.30
N ASP L 83 -11.72 32.22 -17.15
CA ASP L 83 -10.94 31.04 -17.50
C ASP L 83 -10.44 31.09 -18.93
N GLY L 84 -10.56 32.23 -19.60
CA GLY L 84 -10.20 32.31 -21.01
C GLY L 84 -11.10 31.47 -21.90
N THR L 85 -12.35 31.24 -21.50
CA THR L 85 -13.28 30.39 -22.23
C THR L 85 -14.60 31.12 -22.39
N LEU L 86 -14.93 31.48 -23.62
CA LEU L 86 -16.26 31.97 -23.92
C LEU L 86 -17.23 30.80 -24.03
N ARG L 87 -18.49 31.06 -23.67
CA ARG L 87 -19.49 30.00 -23.59
C ARG L 87 -20.80 30.53 -24.18
N LEU L 88 -21.20 29.98 -25.32
CA LEU L 88 -22.43 30.39 -26.00
C LEU L 88 -23.60 29.63 -25.39
N TRP L 89 -24.30 30.29 -24.47
CA TRP L 89 -25.43 29.68 -23.79
C TRP L 89 -26.65 29.68 -24.70
N ASP L 90 -27.54 28.70 -24.49
CA ASP L 90 -28.85 28.72 -25.11
C ASP L 90 -29.88 29.10 -24.06
N LEU L 91 -30.58 30.21 -24.27
CA LEU L 91 -31.51 30.72 -23.27
C LEU L 91 -32.69 29.80 -23.03
N THR L 92 -32.94 28.84 -23.91
CA THR L 92 -33.95 27.81 -23.67
C THR L 92 -33.37 26.77 -22.74
N THR L 93 -33.85 26.75 -21.49
CA THR L 93 -33.41 25.80 -20.46
C THR L 93 -31.92 25.96 -20.13
N GLY L 94 -31.36 27.13 -20.42
CA GLY L 94 -30.00 27.47 -20.03
C GLY L 94 -28.95 26.41 -20.27
N THR L 95 -28.74 26.03 -21.53
CA THR L 95 -27.81 24.98 -21.89
C THR L 95 -26.65 25.57 -22.71
N THR L 96 -25.46 25.02 -22.49
CA THR L 96 -24.28 25.46 -23.23
C THR L 96 -24.31 24.88 -24.63
N THR L 97 -24.46 25.73 -25.64
CA THR L 97 -24.49 25.25 -27.02
C THR L 97 -23.09 24.91 -27.50
N ARG L 98 -22.19 25.90 -27.49
CA ARG L 98 -20.81 25.71 -27.92
C ARG L 98 -19.91 26.60 -27.08
N ARG L 99 -18.74 26.09 -26.72
CA ARG L 99 -17.78 26.87 -25.96
C ARG L 99 -16.61 27.29 -26.83
N PHE L 100 -15.92 28.34 -26.41
CA PHE L 100 -14.82 28.94 -27.17
C PHE L 100 -13.56 28.84 -26.32
N VAL L 101 -12.51 28.25 -26.89
CA VAL L 101 -11.25 28.10 -26.19
C VAL L 101 -10.13 28.62 -27.09
N GLY L 102 -9.03 29.03 -26.46
CA GLY L 102 -7.91 29.57 -27.18
C GLY L 102 -7.23 30.73 -26.48
N HIS L 103 -7.98 31.45 -25.65
CA HIS L 103 -7.37 32.52 -24.86
C HIS L 103 -6.58 31.93 -23.71
N THR L 104 -5.29 32.27 -23.65
CA THR L 104 -4.43 31.74 -22.59
C THR L 104 -4.80 32.30 -21.23
N LYS L 105 -5.23 33.56 -21.19
CA LYS L 105 -5.57 34.23 -19.94
C LYS L 105 -7.06 34.58 -19.90
N ASP L 106 -7.50 35.07 -18.75
CA ASP L 106 -8.91 35.29 -18.49
C ASP L 106 -9.51 36.39 -19.37
N VAL L 107 -10.69 36.12 -19.91
CA VAL L 107 -11.38 37.08 -20.77
C VAL L 107 -12.00 38.19 -19.95
N LEU L 108 -12.01 39.40 -20.50
CA LEU L 108 -12.67 40.54 -19.87
C LEU L 108 -13.97 40.95 -20.54
N SER L 109 -14.10 40.77 -21.85
CA SER L 109 -15.30 41.20 -22.54
C SER L 109 -15.54 40.37 -23.79
N VAL L 110 -16.80 40.27 -24.18
CA VAL L 110 -17.22 39.66 -25.43
C VAL L 110 -18.19 40.62 -26.11
N ALA L 111 -18.38 40.41 -27.41
CA ALA L 111 -19.30 41.25 -28.16
C ALA L 111 -19.87 40.48 -29.33
N PHE L 112 -21.11 40.83 -29.67
CA PHE L 112 -21.79 40.29 -30.85
C PHE L 112 -21.76 41.32 -31.97
N SER L 113 -21.70 40.83 -33.21
CA SER L 113 -21.86 41.71 -34.35
C SER L 113 -23.30 42.24 -34.40
N SER L 114 -23.52 43.19 -35.32
CA SER L 114 -24.85 43.76 -35.47
C SER L 114 -25.87 42.68 -35.85
N ASP L 115 -25.48 41.78 -36.74
CA ASP L 115 -26.31 40.64 -37.11
C ASP L 115 -25.94 39.35 -36.40
N ASN L 116 -25.30 39.45 -35.22
CA ASN L 116 -24.94 38.30 -34.39
C ASN L 116 -24.15 37.24 -35.15
N ARG L 117 -23.16 37.64 -35.94
CA ARG L 117 -22.41 36.69 -36.73
C ARG L 117 -20.96 36.57 -36.27
N GLN L 118 -20.37 37.67 -35.82
CA GLN L 118 -18.97 37.67 -35.39
C GLN L 118 -18.88 37.90 -33.89
N ILE L 119 -17.86 37.31 -33.29
CA ILE L 119 -17.62 37.41 -31.85
C ILE L 119 -16.17 37.84 -31.64
N VAL L 120 -15.99 38.94 -30.92
CA VAL L 120 -14.65 39.38 -30.51
C VAL L 120 -14.54 39.20 -29.01
N SER L 121 -13.31 39.03 -28.53
CA SER L 121 -13.07 38.85 -27.11
C SER L 121 -11.68 39.35 -26.76
N GLY L 122 -11.55 39.86 -25.53
CA GLY L 122 -10.26 40.33 -25.05
C GLY L 122 -9.92 39.76 -23.69
N SER L 123 -8.67 39.35 -23.50
CA SER L 123 -8.24 38.67 -22.30
C SER L 123 -7.09 39.42 -21.64
N ARG L 124 -6.58 38.85 -20.55
CA ARG L 124 -5.33 39.32 -19.95
C ARG L 124 -4.12 38.96 -20.78
N ASP L 125 -4.30 38.24 -21.88
CA ASP L 125 -3.21 37.85 -22.76
C ASP L 125 -2.89 38.91 -23.79
N LYS L 126 -3.22 40.17 -23.50
CA LYS L 126 -2.95 41.35 -24.30
C LYS L 126 -3.18 41.13 -25.80
N THR L 127 -4.26 40.42 -26.14
CA THR L 127 -4.63 40.26 -27.54
C THR L 127 -6.13 40.07 -27.64
N ILE L 128 -6.69 40.35 -28.81
CA ILE L 128 -8.10 40.15 -29.06
C ILE L 128 -8.28 39.15 -30.18
N LYS L 129 -9.36 38.38 -30.11
CA LYS L 129 -9.62 37.29 -31.03
C LYS L 129 -10.99 37.47 -31.66
N LEU L 130 -11.15 36.97 -32.88
CA LEU L 130 -12.40 37.01 -33.62
C LEU L 130 -12.83 35.58 -33.89
N TRP L 131 -14.07 35.24 -33.54
CA TRP L 131 -14.55 33.88 -33.58
C TRP L 131 -15.76 33.74 -34.49
N ASN L 132 -15.96 32.51 -34.97
CA ASN L 132 -17.24 32.10 -35.52
C ASN L 132 -18.21 31.77 -34.38
N THR L 133 -19.47 31.54 -34.75
CA THR L 133 -20.41 31.04 -33.75
C THR L 133 -20.19 29.55 -33.47
N LEU L 134 -19.57 28.84 -34.42
CA LEU L 134 -19.28 27.43 -34.21
C LEU L 134 -18.23 27.24 -33.12
N GLY L 135 -17.30 28.17 -32.98
CA GLY L 135 -16.33 28.10 -31.91
C GLY L 135 -14.89 28.32 -32.34
N VAL L 136 -14.64 28.25 -33.64
CA VAL L 136 -13.30 28.42 -34.18
C VAL L 136 -12.96 29.90 -34.27
N CYS L 137 -11.76 30.27 -33.82
CA CYS L 137 -11.29 31.64 -33.87
C CYS L 137 -10.72 31.91 -35.26
N LYS L 138 -10.86 33.16 -35.72
CA LYS L 138 -10.43 33.50 -37.07
C LYS L 138 -9.08 34.20 -37.06
N TYR L 139 -8.94 35.25 -36.24
CA TYR L 139 -7.72 36.02 -36.19
C TYR L 139 -7.43 36.40 -34.74
N THR L 140 -6.20 36.09 -34.31
CA THR L 140 -5.71 36.50 -32.99
C THR L 140 -4.96 37.82 -33.14
N VAL L 141 -5.72 38.87 -33.47
CA VAL L 141 -5.14 40.16 -33.83
C VAL L 141 -4.23 40.64 -32.71
N GLN L 142 -3.00 41.01 -33.07
CA GLN L 142 -1.98 41.38 -32.10
C GLN L 142 -1.00 42.36 -32.77
N ASP L 143 0.06 42.68 -32.05
CA ASP L 143 1.21 43.52 -32.45
C ASP L 143 0.80 44.96 -32.71
N GLU L 144 -0.50 45.29 -32.64
CA GLU L 144 -0.95 46.65 -32.42
C GLU L 144 -1.89 46.74 -31.21
N SER L 145 -2.36 45.61 -30.71
CA SER L 145 -3.25 45.59 -29.55
C SER L 145 -2.50 46.06 -28.31
N HIS L 146 -3.27 46.37 -27.27
CA HIS L 146 -2.71 46.95 -26.06
C HIS L 146 -1.74 45.98 -25.41
N SER L 147 -0.56 46.49 -25.04
CA SER L 147 0.47 45.65 -24.43
C SER L 147 0.03 45.14 -23.06
N GLU L 148 -0.78 45.91 -22.34
CA GLU L 148 -1.36 45.45 -21.08
C GLU L 148 -2.70 44.77 -21.38
N TRP L 149 -3.53 44.58 -20.35
CA TRP L 149 -4.82 43.93 -20.53
C TRP L 149 -5.63 44.63 -21.61
N VAL L 150 -6.30 43.85 -22.45
CA VAL L 150 -7.28 44.39 -23.39
C VAL L 150 -8.65 44.30 -22.73
N SER L 151 -9.13 45.41 -22.22
CA SER L 151 -10.40 45.47 -21.50
C SER L 151 -11.55 45.58 -22.50
N CYS L 152 -12.73 45.96 -22.02
CA CYS L 152 -13.99 45.92 -22.76
C CYS L 152 -13.84 46.33 -24.22
N VAL L 153 -14.34 45.47 -25.11
CA VAL L 153 -14.38 45.76 -26.53
C VAL L 153 -15.82 45.64 -27.01
N ARG L 154 -16.17 46.43 -28.02
CA ARG L 154 -17.54 46.48 -28.50
C ARG L 154 -17.55 46.68 -30.01
N PHE L 155 -18.65 46.27 -30.63
CA PHE L 155 -18.89 46.53 -32.04
C PHE L 155 -19.51 47.91 -32.24
N SER L 156 -19.53 48.34 -33.49
CA SER L 156 -20.32 49.50 -33.90
C SER L 156 -21.72 49.02 -34.22
N PRO L 157 -22.76 49.58 -33.59
CA PRO L 157 -24.10 49.03 -33.81
C PRO L 157 -24.68 49.37 -35.17
N ASN L 158 -24.06 50.28 -35.91
CA ASN L 158 -24.48 50.58 -37.26
C ASN L 158 -24.00 49.48 -38.21
N SER L 159 -24.91 49.01 -39.07
CA SER L 159 -24.55 47.96 -40.01
C SER L 159 -23.46 48.43 -40.98
N SER L 160 -23.60 49.64 -41.51
CA SER L 160 -22.53 50.22 -42.30
C SER L 160 -21.37 50.61 -41.40
N ASN L 161 -20.19 50.76 -42.01
CA ASN L 161 -18.96 51.08 -41.29
C ASN L 161 -18.73 50.10 -40.14
N PRO L 162 -18.36 48.85 -40.43
CA PRO L 162 -18.11 47.90 -39.33
C PRO L 162 -16.84 48.25 -38.57
N ILE L 163 -17.00 48.79 -37.36
CA ILE L 163 -15.89 49.28 -36.57
C ILE L 163 -15.79 48.45 -35.29
N ILE L 164 -14.56 48.24 -34.84
CA ILE L 164 -14.29 47.60 -33.56
C ILE L 164 -13.48 48.58 -32.71
N VAL L 165 -14.04 48.95 -31.57
CA VAL L 165 -13.35 49.77 -30.58
C VAL L 165 -12.91 48.85 -29.46
N SER L 166 -11.74 49.12 -28.89
CA SER L 166 -11.12 48.23 -27.92
C SER L 166 -10.51 49.03 -26.79
N CYS L 167 -11.22 49.10 -25.66
CA CYS L 167 -10.64 49.62 -24.43
C CYS L 167 -9.55 48.68 -23.92
N GLY L 168 -8.56 49.25 -23.25
CA GLY L 168 -7.44 48.46 -22.78
C GLY L 168 -6.64 49.20 -21.73
N TRP L 169 -5.75 48.46 -21.09
CA TRP L 169 -4.94 48.99 -19.99
C TRP L 169 -3.66 49.68 -20.45
N ASP L 170 -3.55 50.02 -21.73
CA ASP L 170 -2.40 50.79 -22.21
C ASP L 170 -2.66 52.29 -22.22
N LYS L 171 -3.65 52.77 -21.46
CA LYS L 171 -3.97 54.19 -21.35
C LYS L 171 -4.44 54.78 -22.68
N LEU L 172 -4.74 53.92 -23.65
CA LEU L 172 -5.31 54.34 -24.92
C LEU L 172 -6.11 53.18 -25.50
N VAL L 173 -7.01 53.51 -26.43
CA VAL L 173 -7.87 52.54 -27.07
C VAL L 173 -7.45 52.41 -28.52
N LYS L 174 -7.73 51.26 -29.12
CA LYS L 174 -7.58 51.04 -30.55
C LYS L 174 -8.94 51.12 -31.20
N VAL L 175 -8.97 51.57 -32.46
CA VAL L 175 -10.19 51.56 -33.26
C VAL L 175 -9.89 50.65 -34.44
N TRP L 176 -10.36 49.41 -34.36
CA TRP L 176 -10.19 48.44 -35.42
C TRP L 176 -11.37 48.51 -36.38
N ASN L 177 -11.15 47.97 -37.57
CA ASN L 177 -12.21 47.73 -38.54
C ASN L 177 -12.47 46.23 -38.60
N LEU L 178 -13.39 45.84 -39.48
CA LEU L 178 -13.75 44.44 -39.62
C LEU L 178 -13.22 43.80 -40.90
N ALA L 179 -12.99 44.61 -41.95
CA ALA L 179 -12.48 44.07 -43.21
C ALA L 179 -11.08 43.49 -43.03
N ASN L 180 -10.10 44.34 -42.70
CA ASN L 180 -8.73 43.91 -42.52
C ASN L 180 -8.33 43.80 -41.06
N CYS L 181 -9.28 44.02 -40.14
CA CYS L 181 -9.05 43.99 -38.69
C CYS L 181 -7.72 44.65 -38.32
N LYS L 182 -7.60 45.93 -38.68
CA LYS L 182 -6.41 46.72 -38.39
C LYS L 182 -6.82 48.06 -37.81
N LEU L 183 -5.84 48.75 -37.23
CA LEU L 183 -6.10 50.01 -36.55
C LEU L 183 -6.57 51.08 -37.52
N LYS L 184 -7.51 51.91 -37.07
CA LYS L 184 -7.95 53.09 -37.80
C LYS L 184 -7.78 54.40 -37.04
N THR L 185 -7.91 54.40 -35.71
CA THR L 185 -7.76 55.62 -34.92
C THR L 185 -7.05 55.26 -33.62
N ASN L 186 -5.79 55.69 -33.50
CA ASN L 186 -4.98 55.43 -32.31
C ASN L 186 -5.03 56.66 -31.41
N HIS L 187 -6.19 56.87 -30.79
CA HIS L 187 -6.41 58.12 -30.07
C HIS L 187 -6.01 57.93 -28.61
N ILE L 188 -5.03 58.71 -28.15
CA ILE L 188 -4.47 58.60 -26.81
C ILE L 188 -5.04 59.74 -25.97
N GLY L 189 -4.71 59.75 -24.68
CA GLY L 189 -5.13 60.87 -23.86
C GLY L 189 -5.50 60.63 -22.41
N HIS L 190 -5.78 59.40 -22.03
CA HIS L 190 -6.14 59.16 -20.64
C HIS L 190 -4.91 59.16 -19.75
N THR L 191 -5.04 59.76 -18.57
CA THR L 191 -3.97 59.75 -17.56
C THR L 191 -4.17 58.54 -16.65
N GLY L 192 -4.27 57.38 -17.28
CA GLY L 192 -4.50 56.13 -16.58
C GLY L 192 -5.09 55.08 -17.51
N TYR L 193 -5.13 53.82 -17.06
CA TYR L 193 -5.62 52.75 -17.91
C TYR L 193 -7.13 52.87 -18.10
N LEU L 194 -7.59 52.52 -19.30
CA LEU L 194 -9.01 52.41 -19.56
C LEU L 194 -9.61 51.20 -18.86
N ASN L 195 -10.90 51.29 -18.56
CA ASN L 195 -11.61 50.23 -17.87
C ASN L 195 -12.85 49.76 -18.62
N THR L 196 -13.37 50.59 -19.52
CA THR L 196 -14.54 50.23 -20.32
C THR L 196 -14.58 51.14 -21.55
N VAL L 197 -15.49 50.81 -22.45
CA VAL L 197 -15.75 51.62 -23.64
C VAL L 197 -17.17 51.36 -24.09
N THR L 198 -17.80 52.38 -24.69
CA THR L 198 -19.20 52.29 -25.09
C THR L 198 -19.41 53.07 -26.37
N VAL L 199 -20.32 52.57 -27.21
CA VAL L 199 -20.70 53.22 -28.46
C VAL L 199 -22.16 53.64 -28.35
N SER L 200 -22.54 54.65 -29.13
CA SER L 200 -23.87 55.26 -29.07
C SER L 200 -24.94 54.27 -29.52
N PRO L 201 -26.22 54.56 -29.29
CA PRO L 201 -27.28 53.70 -29.84
C PRO L 201 -27.16 53.52 -31.34
N ASP L 202 -26.76 54.55 -32.06
CA ASP L 202 -26.32 54.45 -33.44
C ASP L 202 -24.79 54.50 -33.48
N GLY L 203 -24.26 54.60 -34.70
CA GLY L 203 -22.82 54.71 -34.84
C GLY L 203 -22.32 56.14 -34.88
N SER L 204 -22.51 56.89 -33.80
CA SER L 204 -22.18 58.31 -33.78
C SER L 204 -21.04 58.64 -32.83
N LEU L 205 -21.14 58.26 -31.55
CA LEU L 205 -20.15 58.69 -30.56
C LEU L 205 -19.66 57.50 -29.75
N CYS L 206 -18.41 57.59 -29.31
CA CYS L 206 -17.80 56.60 -28.44
C CYS L 206 -17.38 57.27 -27.13
N ALA L 207 -17.14 56.44 -26.11
CA ALA L 207 -16.79 56.95 -24.79
C ALA L 207 -16.05 55.87 -24.02
N SER L 208 -14.97 56.25 -23.34
CA SER L 208 -14.18 55.35 -22.51
C SER L 208 -13.73 56.09 -21.25
N GLY L 209 -13.32 55.32 -20.25
CA GLY L 209 -12.86 55.91 -19.00
C GLY L 209 -12.10 54.90 -18.17
N GLY L 210 -11.39 55.42 -17.17
CA GLY L 210 -10.56 54.60 -16.30
C GLY L 210 -10.36 55.22 -14.94
N LYS L 211 -9.12 55.16 -14.44
CA LYS L 211 -8.83 55.61 -13.08
C LYS L 211 -9.08 57.10 -12.92
N ASP L 212 -8.67 57.91 -13.90
CA ASP L 212 -8.74 59.36 -13.76
C ASP L 212 -10.17 59.86 -13.59
N GLY L 213 -11.16 59.08 -13.97
CA GLY L 213 -12.53 59.54 -13.96
C GLY L 213 -12.93 60.35 -15.17
N GLN L 214 -12.01 60.53 -16.13
CA GLN L 214 -12.29 61.32 -17.32
C GLN L 214 -13.07 60.45 -18.30
N ALA L 215 -14.39 60.35 -18.10
CA ALA L 215 -15.27 59.60 -18.98
C ALA L 215 -15.62 60.50 -20.15
N MET L 216 -14.60 60.89 -20.90
CA MET L 216 -14.79 61.82 -22.00
C MET L 216 -15.35 61.11 -23.22
N LEU L 217 -16.16 61.82 -23.99
CA LEU L 217 -16.90 61.25 -25.12
C LEU L 217 -16.19 61.62 -26.42
N TRP L 218 -16.18 60.70 -27.38
CA TRP L 218 -15.38 60.80 -28.58
C TRP L 218 -16.25 60.75 -29.83
N ASP L 219 -15.60 60.90 -30.98
CA ASP L 219 -16.25 60.68 -32.27
C ASP L 219 -15.44 59.62 -33.03
N LEU L 220 -16.09 58.52 -33.39
CA LEU L 220 -15.42 57.44 -34.08
C LEU L 220 -15.62 57.47 -35.59
N ASN L 221 -16.68 58.11 -36.07
CA ASN L 221 -16.91 58.20 -37.51
C ASN L 221 -15.83 59.06 -38.17
N GLU L 222 -15.41 60.12 -37.49
CA GLU L 222 -14.41 61.05 -38.01
C GLU L 222 -13.07 60.95 -37.29
N GLY L 223 -13.09 60.71 -35.99
CA GLY L 223 -11.88 60.35 -35.27
C GLY L 223 -11.09 61.48 -34.62
N LYS L 224 -11.77 62.37 -33.90
CA LYS L 224 -11.09 63.28 -32.98
C LYS L 224 -11.94 63.46 -31.73
N HIS L 225 -11.34 64.08 -30.73
CA HIS L 225 -12.01 64.33 -29.46
C HIS L 225 -13.19 65.30 -29.64
N LEU L 226 -14.20 65.14 -28.79
CA LEU L 226 -15.33 66.08 -28.75
C LEU L 226 -15.42 66.86 -27.46
N TYR L 227 -15.61 66.19 -26.32
CA TYR L 227 -15.68 66.89 -25.03
C TYR L 227 -15.07 66.00 -23.96
N THR L 228 -14.36 66.61 -23.01
CA THR L 228 -13.78 65.90 -21.86
C THR L 228 -14.52 66.36 -20.61
N LEU L 229 -15.07 65.39 -19.88
CA LEU L 229 -15.79 65.63 -18.65
C LEU L 229 -15.44 64.56 -17.63
N ASP L 230 -15.37 64.98 -16.37
CA ASP L 230 -14.75 64.17 -15.32
C ASP L 230 -15.80 63.70 -14.31
N GLY L 231 -15.62 62.47 -13.86
CA GLY L 231 -16.42 61.91 -12.77
C GLY L 231 -15.61 61.92 -11.49
N GLY L 232 -16.30 62.10 -10.37
CA GLY L 232 -15.69 62.28 -9.07
C GLY L 232 -14.52 61.37 -8.74
N ASP L 233 -14.58 60.12 -9.19
CA ASP L 233 -13.53 59.14 -8.87
C ASP L 233 -13.52 58.09 -9.97
N ILE L 234 -12.89 56.95 -9.66
CA ILE L 234 -12.80 55.80 -10.56
C ILE L 234 -14.18 55.47 -11.13
N ILE L 235 -14.23 55.28 -12.45
CA ILE L 235 -15.46 54.88 -13.13
C ILE L 235 -15.31 53.43 -13.57
N ASN L 236 -16.44 52.73 -13.70
CA ASN L 236 -16.40 51.31 -13.99
C ASN L 236 -17.16 50.91 -15.25
N ALA L 237 -18.14 51.69 -15.70
CA ALA L 237 -18.91 51.32 -16.88
C ALA L 237 -19.58 52.55 -17.47
N LEU L 238 -19.92 52.46 -18.75
CA LEU L 238 -20.64 53.51 -19.46
C LEU L 238 -21.68 52.88 -20.36
N CYS L 239 -22.82 53.55 -20.52
CA CYS L 239 -23.80 53.17 -21.52
C CYS L 239 -24.48 54.43 -22.04
N PHE L 240 -24.55 54.54 -23.36
CA PHE L 240 -25.28 55.61 -24.02
C PHE L 240 -26.76 55.24 -24.08
N SER L 241 -27.60 56.09 -23.48
CA SER L 241 -29.01 55.77 -23.31
C SER L 241 -29.68 55.64 -24.67
N PRO L 242 -30.71 54.76 -24.79
CA PRO L 242 -31.21 54.40 -26.13
C PRO L 242 -31.88 55.53 -26.89
N ASN L 243 -32.92 56.15 -26.34
CA ASN L 243 -33.66 57.17 -27.08
C ASN L 243 -33.09 58.56 -26.82
N ARG L 244 -33.07 58.99 -25.56
CA ARG L 244 -32.37 60.21 -25.18
C ARG L 244 -30.88 59.92 -25.04
N TYR L 245 -30.06 60.80 -25.58
CA TYR L 245 -28.61 60.55 -25.64
C TYR L 245 -28.01 60.35 -24.25
N TRP L 246 -27.98 61.40 -23.43
CA TRP L 246 -27.85 61.30 -21.98
C TRP L 246 -26.93 60.20 -21.47
N LEU L 247 -25.61 60.35 -21.66
CA LEU L 247 -24.66 59.41 -21.08
C LEU L 247 -24.83 59.28 -19.58
N CYS L 248 -24.80 58.04 -19.10
CA CYS L 248 -24.69 57.72 -17.68
C CYS L 248 -23.40 56.96 -17.47
N ALA L 249 -22.70 57.27 -16.38
CA ALA L 249 -21.40 56.68 -16.07
C ALA L 249 -21.42 56.11 -14.67
N ALA L 250 -20.84 54.92 -14.50
CA ALA L 250 -20.74 54.30 -13.19
C ALA L 250 -19.43 54.73 -12.54
N THR L 251 -19.45 55.88 -11.88
CA THR L 251 -18.25 56.46 -11.30
C THR L 251 -18.31 56.28 -9.79
N GLY L 252 -17.43 55.42 -9.27
CA GLY L 252 -17.40 55.14 -7.86
C GLY L 252 -18.68 54.49 -7.40
N PRO L 253 -19.08 54.76 -6.15
CA PRO L 253 -20.35 54.25 -5.62
C PRO L 253 -21.53 55.15 -6.00
N SER L 254 -21.60 55.53 -7.26
CA SER L 254 -22.66 56.41 -7.74
C SER L 254 -22.70 56.35 -9.26
N ILE L 255 -23.84 56.73 -9.83
CA ILE L 255 -24.03 56.78 -11.26
C ILE L 255 -24.28 58.25 -11.62
N LYS L 256 -23.49 58.77 -12.55
CA LYS L 256 -23.60 60.16 -12.97
C LYS L 256 -24.26 60.21 -14.34
N ILE L 257 -25.50 60.69 -14.38
CA ILE L 257 -26.26 60.86 -15.61
C ILE L 257 -26.17 62.32 -16.01
N TRP L 258 -25.81 62.58 -17.27
CA TRP L 258 -25.70 63.94 -17.78
C TRP L 258 -26.05 63.94 -19.26
N ASP L 259 -26.68 65.02 -19.70
CA ASP L 259 -26.98 65.20 -21.11
C ASP L 259 -25.78 65.75 -21.85
N LEU L 260 -25.52 65.22 -23.04
CA LEU L 260 -24.39 65.68 -23.83
C LEU L 260 -24.71 66.86 -24.74
N GLU L 261 -25.97 67.29 -24.77
CA GLU L 261 -26.28 68.68 -25.15
C GLU L 261 -26.36 69.55 -23.91
N GLY L 262 -27.22 69.18 -22.96
CA GLY L 262 -27.32 69.85 -21.68
C GLY L 262 -26.27 69.37 -20.71
N LYS L 263 -25.04 69.86 -20.87
CA LYS L 263 -23.88 69.37 -20.14
C LYS L 263 -24.06 69.41 -18.62
N ILE L 264 -25.07 70.11 -18.12
CA ILE L 264 -25.40 70.03 -16.70
C ILE L 264 -25.71 68.59 -16.34
N ILE L 265 -25.23 68.16 -15.17
CA ILE L 265 -25.48 66.80 -14.72
C ILE L 265 -26.99 66.62 -14.53
N VAL L 266 -27.55 65.60 -15.19
CA VAL L 266 -28.99 65.37 -15.12
C VAL L 266 -29.39 65.00 -13.69
N ASP L 267 -28.62 64.12 -13.06
CA ASP L 267 -28.89 63.69 -11.70
C ASP L 267 -27.66 62.96 -11.18
N GLU L 268 -27.56 62.85 -9.86
CA GLU L 268 -26.49 62.09 -9.23
C GLU L 268 -27.14 60.93 -8.48
N LEU L 269 -27.03 59.73 -9.03
CA LEU L 269 -27.72 58.55 -8.51
C LEU L 269 -26.94 58.00 -7.32
N LYS L 270 -27.09 58.67 -6.18
CA LYS L 270 -26.42 58.27 -4.95
C LYS L 270 -27.23 57.19 -4.26
N GLN L 271 -26.56 56.11 -3.85
CA GLN L 271 -27.22 55.03 -3.13
C GLN L 271 -27.71 55.53 -1.78
N GLU L 272 -28.83 54.96 -1.31
CA GLU L 272 -29.27 55.23 0.05
C GLU L 272 -28.25 54.67 1.03
N VAL L 273 -27.74 55.56 1.90
CA VAL L 273 -26.70 55.22 2.84
C VAL L 273 -27.35 55.02 4.21
N ILE L 274 -28.64 54.67 4.20
CA ILE L 274 -29.38 54.46 5.44
C ILE L 274 -28.59 53.54 6.36
N SER L 275 -28.58 53.89 7.64
CA SER L 275 -27.73 53.24 8.65
C SER L 275 -26.26 53.37 8.24
N THR L 276 -25.80 54.62 8.22
CA THR L 276 -24.46 54.97 7.76
C THR L 276 -23.39 54.20 8.51
N SER L 277 -22.67 53.33 7.79
CA SER L 277 -21.55 52.62 8.40
C SER L 277 -20.43 53.57 8.79
N SER L 278 -20.14 54.54 7.92
CA SER L 278 -19.12 55.57 8.12
C SER L 278 -17.71 55.01 8.24
N LYS L 279 -17.54 53.70 8.08
CA LYS L 279 -16.22 53.07 8.12
C LYS L 279 -15.87 52.38 6.82
N ALA L 280 -16.85 52.05 6.00
CA ALA L 280 -16.59 51.32 4.76
C ALA L 280 -17.21 52.08 3.61
N GLU L 281 -16.56 52.05 2.45
CA GLU L 281 -17.11 52.69 1.27
C GLU L 281 -18.39 51.98 0.84
N PRO L 282 -19.35 52.68 0.26
CA PRO L 282 -20.54 52.03 -0.24
C PRO L 282 -20.24 51.24 -1.51
N PRO L 283 -21.05 50.21 -1.82
CA PRO L 283 -20.69 49.30 -2.91
C PRO L 283 -20.58 49.97 -4.27
N GLN L 284 -19.38 49.88 -4.86
CA GLN L 284 -19.09 50.50 -6.15
C GLN L 284 -20.00 49.90 -7.22
N CYS L 285 -20.48 50.74 -8.13
CA CYS L 285 -21.32 50.24 -9.21
C CYS L 285 -20.42 49.72 -10.31
N THR L 286 -20.34 48.40 -10.41
CA THR L 286 -19.41 47.77 -11.36
C THR L 286 -19.92 47.88 -12.78
N SER L 287 -21.23 47.68 -12.99
CA SER L 287 -21.80 47.69 -14.32
C SER L 287 -23.21 48.24 -14.29
N LEU L 288 -23.68 48.70 -15.44
CA LEU L 288 -25.03 49.23 -15.58
C LEU L 288 -25.44 49.22 -17.05
N ALA L 289 -26.72 48.97 -17.28
CA ALA L 289 -27.28 48.91 -18.62
C ALA L 289 -28.73 49.35 -18.59
N TRP L 290 -29.23 49.77 -19.75
CA TRP L 290 -30.56 50.34 -19.90
C TRP L 290 -31.57 49.24 -20.21
N SER L 291 -32.76 49.66 -20.64
CA SER L 291 -33.86 48.74 -20.90
C SER L 291 -34.33 48.79 -22.35
N ALA L 292 -33.49 49.26 -23.27
CA ALA L 292 -33.80 49.33 -24.69
C ALA L 292 -34.97 50.28 -25.00
N ASP L 293 -35.48 50.96 -23.96
CA ASP L 293 -36.50 51.98 -24.16
C ASP L 293 -36.26 53.21 -23.29
N GLY L 294 -35.15 53.27 -22.57
CA GLY L 294 -34.84 54.42 -21.73
C GLY L 294 -35.85 54.65 -20.62
N GLN L 295 -36.45 53.59 -20.09
CA GLN L 295 -37.43 53.70 -19.01
C GLN L 295 -36.82 53.34 -17.66
N THR L 296 -36.13 52.22 -17.57
CA THR L 296 -35.51 51.78 -16.33
C THR L 296 -34.04 51.47 -16.56
N LEU L 297 -33.19 52.01 -15.70
CA LEU L 297 -31.75 51.78 -15.77
C LEU L 297 -31.36 50.75 -14.72
N PHE L 298 -30.91 49.58 -15.19
CA PHE L 298 -30.42 48.54 -14.30
C PHE L 298 -28.93 48.75 -14.07
N ALA L 299 -28.49 48.59 -12.82
CA ALA L 299 -27.10 48.85 -12.46
C ALA L 299 -26.64 47.78 -11.49
N GLY L 300 -25.52 47.12 -11.82
CA GLY L 300 -24.93 46.12 -10.96
C GLY L 300 -23.87 46.73 -10.08
N TYR L 301 -23.84 46.29 -8.82
CA TYR L 301 -23.00 46.90 -7.79
C TYR L 301 -22.05 45.87 -7.21
N THR L 302 -21.07 46.36 -6.45
CA THR L 302 -20.09 45.50 -5.78
C THR L 302 -20.70 44.64 -4.70
N ASP L 303 -21.84 45.04 -4.13
CA ASP L 303 -22.50 44.21 -3.13
C ASP L 303 -23.25 43.08 -3.85
N ASN L 304 -24.02 42.32 -3.08
CA ASN L 304 -24.74 41.17 -3.60
C ASN L 304 -25.99 41.52 -4.39
N LEU L 305 -26.26 42.81 -4.61
CA LEU L 305 -27.55 43.26 -5.09
C LEU L 305 -27.43 43.94 -6.44
N VAL L 306 -28.59 44.12 -7.09
CA VAL L 306 -28.71 44.89 -8.33
C VAL L 306 -29.88 45.84 -8.11
N ARG L 307 -29.59 47.07 -7.72
CA ARG L 307 -30.63 48.06 -7.50
C ARG L 307 -30.96 48.73 -8.83
N VAL L 308 -32.24 48.71 -9.19
CA VAL L 308 -32.71 49.16 -10.50
C VAL L 308 -33.36 50.53 -10.35
N TRP L 309 -32.92 51.47 -11.19
CA TRP L 309 -33.44 52.83 -11.22
C TRP L 309 -34.42 52.99 -12.37
N GLN L 310 -35.20 54.07 -12.32
CA GLN L 310 -36.26 54.29 -13.29
C GLN L 310 -36.57 55.77 -13.37
N VAL L 311 -36.89 56.24 -14.57
CA VAL L 311 -37.30 57.63 -14.79
C VAL L 311 -38.79 57.72 -14.50
N THR L 312 -39.15 58.52 -13.50
CA THR L 312 -40.54 58.69 -13.09
C THR L 312 -41.03 60.06 -13.51
N ILE L 313 -42.21 60.10 -14.13
CA ILE L 313 -42.88 61.31 -14.64
C ILE L 313 -41.92 62.42 -15.07
N VAL M 1 73.97 -36.67 -37.67
CA VAL M 1 73.40 -36.64 -36.32
C VAL M 1 72.49 -35.43 -36.16
N MET M 2 72.65 -34.45 -37.05
CA MET M 2 71.83 -33.24 -36.98
C MET M 2 70.40 -33.55 -37.37
N ASP M 3 70.20 -34.51 -38.28
CA ASP M 3 68.88 -34.99 -38.64
C ASP M 3 68.30 -35.98 -37.63
N VAL M 4 69.04 -36.31 -36.58
CA VAL M 4 68.51 -37.18 -35.54
C VAL M 4 68.51 -36.44 -34.20
N ASN M 5 69.32 -35.37 -34.11
CA ASN M 5 69.32 -34.57 -32.90
C ASN M 5 68.40 -33.36 -33.03
N THR M 6 68.65 -32.50 -34.02
CA THR M 6 67.83 -31.31 -34.20
C THR M 6 66.42 -31.68 -34.64
N ALA M 7 66.28 -32.79 -35.37
CA ALA M 7 64.95 -33.31 -35.66
C ALA M 7 64.26 -33.77 -34.37
N LEU M 8 65.03 -34.38 -33.47
CA LEU M 8 64.48 -34.75 -32.17
C LEU M 8 64.20 -33.49 -31.35
N GLN M 9 64.87 -32.39 -31.68
CA GLN M 9 64.65 -31.14 -30.98
C GLN M 9 63.25 -30.58 -31.27
N GLU M 10 62.96 -30.34 -32.55
CA GLU M 10 61.75 -29.60 -32.91
C GLU M 10 60.49 -30.37 -32.52
N VAL M 11 60.53 -31.70 -32.56
CA VAL M 11 59.33 -32.48 -32.28
C VAL M 11 58.85 -32.26 -30.85
N LEU M 12 59.75 -32.27 -29.86
CA LEU M 12 59.28 -32.33 -28.48
C LEU M 12 59.18 -30.97 -27.82
N LYS M 13 59.63 -29.88 -28.47
CA LYS M 13 59.12 -28.57 -28.11
C LYS M 13 57.66 -28.41 -28.52
N THR M 14 57.38 -28.52 -29.82
CA THR M 14 56.00 -28.41 -30.29
C THR M 14 55.09 -29.45 -29.64
N ALA M 15 55.61 -30.65 -29.40
CA ALA M 15 54.80 -31.63 -28.69
C ALA M 15 54.53 -31.18 -27.26
N LEU M 16 55.53 -30.58 -26.61
CA LEU M 16 55.35 -30.02 -25.28
C LEU M 16 54.37 -28.84 -25.28
N ILE M 17 54.27 -28.12 -26.40
CA ILE M 17 53.42 -26.93 -26.44
C ILE M 17 51.96 -27.32 -26.23
N HIS M 18 51.48 -28.35 -26.92
CA HIS M 18 50.07 -28.69 -26.87
C HIS M 18 49.87 -30.20 -26.75
N ASP M 19 50.66 -30.85 -25.89
CA ASP M 19 50.49 -32.28 -25.63
C ASP M 19 51.34 -32.66 -24.43
N GLY M 20 50.81 -33.57 -23.61
CA GLY M 20 51.58 -34.17 -22.55
C GLY M 20 52.56 -35.19 -23.09
N LEU M 21 53.83 -35.08 -22.70
CA LEU M 21 54.88 -35.89 -23.31
C LEU M 21 55.23 -37.12 -22.50
N ALA M 22 54.39 -37.50 -21.55
CA ALA M 22 54.58 -38.72 -20.78
C ALA M 22 55.97 -38.77 -20.14
N ARG M 23 56.38 -37.64 -19.57
CA ARG M 23 57.71 -37.54 -19.00
C ARG M 23 57.78 -38.35 -17.71
N GLY M 24 58.63 -39.37 -17.70
CA GLY M 24 58.75 -40.27 -16.58
C GLY M 24 58.22 -41.66 -16.90
N ILE M 25 58.61 -42.61 -16.04
CA ILE M 25 58.33 -44.02 -16.29
C ILE M 25 56.83 -44.30 -16.26
N ARG M 26 56.11 -43.73 -15.30
CA ARG M 26 54.70 -44.10 -15.13
C ARG M 26 53.85 -43.58 -16.28
N GLU M 27 54.06 -42.32 -16.68
CA GLU M 27 53.33 -41.80 -17.83
C GLU M 27 53.75 -42.51 -19.11
N ALA M 28 55.04 -42.79 -19.27
CA ALA M 28 55.52 -43.48 -20.47
C ALA M 28 54.93 -44.88 -20.55
N ALA M 29 54.84 -45.58 -19.42
CA ALA M 29 54.30 -46.92 -19.43
C ALA M 29 52.87 -46.95 -19.94
N LYS M 30 51.99 -46.12 -19.35
CA LYS M 30 50.59 -46.11 -19.79
C LYS M 30 50.47 -45.63 -21.23
N ALA M 31 51.24 -44.60 -21.60
CA ALA M 31 51.22 -44.13 -22.98
C ALA M 31 51.74 -45.21 -23.92
N LEU M 32 52.60 -46.10 -23.42
CA LEU M 32 53.13 -47.17 -24.25
C LEU M 32 52.31 -48.45 -24.10
N ASP M 33 51.70 -48.65 -22.93
CA ASP M 33 50.88 -49.84 -22.74
C ASP M 33 49.72 -49.87 -23.72
N LYS M 34 49.06 -48.73 -23.91
CA LYS M 34 48.18 -48.56 -25.07
C LYS M 34 49.09 -48.24 -26.24
N ARG M 35 49.00 -49.03 -27.31
CA ARG M 35 49.98 -48.84 -28.39
C ARG M 35 49.52 -47.74 -29.32
N GLN M 36 49.14 -46.60 -28.74
CA GLN M 36 48.68 -45.44 -29.50
C GLN M 36 49.59 -44.25 -29.37
N ALA M 37 50.76 -44.40 -28.77
CA ALA M 37 51.72 -43.30 -28.70
C ALA M 37 52.78 -43.45 -29.79
N HIS M 38 53.28 -42.31 -30.27
CA HIS M 38 54.34 -42.27 -31.26
C HIS M 38 55.71 -42.47 -30.62
N LEU M 39 56.76 -42.10 -31.34
CA LEU M 39 58.15 -42.34 -30.96
C LEU M 39 58.39 -42.15 -29.46
N CYS M 40 59.17 -43.07 -28.90
CA CYS M 40 59.65 -42.99 -27.52
C CYS M 40 61.15 -42.83 -27.51
N VAL M 41 61.66 -42.24 -26.42
CA VAL M 41 63.07 -41.94 -26.29
C VAL M 41 63.53 -42.40 -24.91
N LEU M 42 64.80 -42.76 -24.80
CA LEU M 42 65.36 -43.35 -23.59
C LEU M 42 66.78 -42.85 -23.38
N ALA M 43 67.15 -42.69 -22.11
CA ALA M 43 68.43 -42.12 -21.71
C ALA M 43 69.44 -43.22 -21.41
N SER M 44 70.64 -43.08 -21.99
CA SER M 44 71.64 -44.14 -21.86
C SER M 44 72.19 -44.25 -20.45
N ASN M 45 72.24 -43.13 -19.72
CA ASN M 45 72.91 -43.11 -18.42
C ASN M 45 72.02 -43.49 -17.24
N CYS M 46 70.80 -43.97 -17.47
CA CYS M 46 70.04 -44.51 -16.35
C CYS M 46 70.68 -45.82 -15.90
N ASP M 47 71.37 -45.80 -14.75
CA ASP M 47 72.12 -46.96 -14.29
C ASP M 47 71.22 -48.14 -13.96
N GLU M 48 69.99 -47.88 -13.56
CA GLU M 48 69.06 -48.87 -13.03
C GLU M 48 68.75 -49.87 -14.13
N PRO M 49 69.11 -51.16 -14.00
CA PRO M 49 69.04 -52.04 -15.17
C PRO M 49 67.64 -52.47 -15.60
N MET M 50 66.75 -52.88 -14.69
CA MET M 50 65.43 -53.31 -15.18
C MET M 50 64.65 -52.13 -15.75
N TYR M 51 65.04 -50.91 -15.40
CA TYR M 51 64.55 -49.74 -16.10
C TYR M 51 64.85 -49.82 -17.60
N VAL M 52 66.11 -50.08 -17.95
CA VAL M 52 66.52 -50.00 -19.36
C VAL M 52 65.89 -51.13 -20.16
N LYS M 53 65.68 -52.28 -19.52
CA LYS M 53 65.12 -53.42 -20.24
C LYS M 53 63.60 -53.42 -20.18
N LEU M 54 63.01 -52.74 -19.20
CA LEU M 54 61.56 -52.62 -19.15
C LEU M 54 61.05 -51.87 -20.37
N VAL M 55 61.60 -50.69 -20.63
CA VAL M 55 61.01 -49.77 -21.60
C VAL M 55 61.14 -50.30 -23.02
N GLU M 56 62.25 -50.99 -23.33
CA GLU M 56 62.40 -51.44 -24.72
C GLU M 56 61.50 -52.62 -25.00
N ALA M 57 60.99 -53.26 -23.94
CA ALA M 57 60.04 -54.36 -24.12
C ALA M 57 58.74 -53.85 -24.73
N LEU M 58 58.15 -52.80 -24.14
CA LEU M 58 56.89 -52.28 -24.65
C LEU M 58 57.02 -51.77 -26.08
N CYS M 59 58.05 -50.97 -26.34
CA CYS M 59 58.19 -50.39 -27.68
C CYS M 59 58.40 -51.49 -28.72
N ALA M 60 59.26 -52.45 -28.41
CA ALA M 60 59.49 -53.55 -29.34
C ALA M 60 58.24 -54.41 -29.49
N GLU M 61 57.52 -54.66 -28.40
CA GLU M 61 56.42 -55.61 -28.45
C GLU M 61 55.17 -55.00 -29.05
N HIS M 62 54.98 -53.68 -28.91
CA HIS M 62 53.77 -53.14 -29.55
C HIS M 62 54.02 -52.87 -31.03
N GLN M 63 54.66 -51.74 -31.35
CA GLN M 63 55.28 -51.51 -32.65
C GLN M 63 56.45 -50.53 -32.56
N ILE M 64 56.66 -49.94 -31.39
CA ILE M 64 57.30 -48.64 -31.29
C ILE M 64 58.81 -48.76 -31.43
N ASN M 65 59.41 -47.75 -32.05
CA ASN M 65 60.86 -47.65 -32.20
C ASN M 65 61.41 -46.80 -31.06
N LEU M 66 62.57 -47.21 -30.53
CA LEU M 66 63.18 -46.48 -29.44
C LEU M 66 64.45 -45.79 -29.92
N ILE M 67 64.56 -44.49 -29.64
CA ILE M 67 65.72 -43.69 -30.01
C ILE M 67 66.53 -43.40 -28.75
N LYS M 68 67.84 -43.59 -28.84
CA LYS M 68 68.72 -43.43 -27.69
C LYS M 68 69.23 -42.00 -27.63
N VAL M 69 69.59 -41.55 -26.42
CA VAL M 69 70.12 -40.20 -26.20
C VAL M 69 71.30 -40.33 -25.25
N ASP M 70 72.05 -39.24 -25.11
CA ASP M 70 73.31 -39.30 -24.35
C ASP M 70 73.05 -39.56 -22.87
N ASP M 71 72.16 -38.79 -22.23
CA ASP M 71 71.95 -38.97 -20.80
C ASP M 71 70.56 -38.46 -20.40
N ASN M 72 70.24 -38.64 -19.12
CA ASN M 72 68.93 -38.25 -18.61
C ASN M 72 68.84 -36.75 -18.30
N LYS M 73 69.92 -36.16 -17.78
CA LYS M 73 69.91 -34.74 -17.43
C LYS M 73 69.77 -33.86 -18.67
N LYS M 74 70.52 -34.19 -19.72
CA LYS M 74 70.53 -33.34 -20.90
C LYS M 74 69.20 -33.46 -21.64
N LEU M 75 68.57 -34.63 -21.56
CA LEU M 75 67.20 -34.77 -22.04
C LEU M 75 66.22 -34.04 -21.12
N GLY M 76 66.61 -33.80 -19.86
CA GLY M 76 65.67 -33.27 -18.89
C GLY M 76 65.08 -31.94 -19.30
N GLU M 77 65.92 -30.97 -19.64
CA GLU M 77 65.39 -29.65 -20.00
C GLU M 77 64.89 -29.61 -21.44
N TRP M 78 65.22 -30.61 -22.27
CA TRP M 78 64.67 -30.64 -23.62
C TRP M 78 63.15 -30.76 -23.57
N VAL M 79 62.64 -31.66 -22.71
CA VAL M 79 61.21 -31.86 -22.59
C VAL M 79 60.55 -30.75 -21.80
N GLY M 80 61.31 -29.74 -21.39
CA GLY M 80 60.80 -28.67 -20.55
C GLY M 80 60.93 -28.94 -19.07
N LEU M 81 61.46 -30.09 -18.66
CA LEU M 81 61.58 -30.45 -17.25
C LEU M 81 62.83 -29.75 -16.70
N CYS M 82 62.62 -28.50 -16.30
CA CYS M 82 63.69 -27.67 -15.73
C CYS M 82 63.08 -26.33 -15.33
N LYS M 83 63.72 -25.64 -14.37
CA LYS M 83 63.33 -24.28 -14.06
C LYS M 83 63.81 -23.36 -15.18
N ILE M 84 62.98 -22.40 -15.56
CA ILE M 84 63.30 -21.52 -16.69
C ILE M 84 63.89 -20.22 -16.16
N ASP M 85 65.20 -20.05 -16.32
CA ASP M 85 65.86 -18.82 -15.91
C ASP M 85 66.85 -18.27 -16.92
N ARG M 86 67.18 -19.02 -17.98
CA ARG M 86 68.13 -18.58 -19.00
C ARG M 86 69.49 -18.25 -18.38
N GLU M 87 69.68 -16.97 -18.05
CA GLU M 87 70.96 -16.51 -17.49
C GLU M 87 71.33 -17.21 -16.19
N GLY M 88 70.37 -17.81 -15.48
CA GLY M 88 70.69 -18.57 -14.30
C GLY M 88 71.15 -19.98 -14.65
N LYS M 89 70.62 -20.98 -13.96
CA LYS M 89 70.94 -22.39 -14.24
C LYS M 89 69.66 -23.10 -14.65
N PRO M 90 69.42 -23.31 -15.94
CA PRO M 90 68.12 -23.86 -16.36
C PRO M 90 67.91 -25.31 -15.96
N ARG M 91 68.82 -26.20 -16.33
CA ARG M 91 68.63 -27.64 -16.20
C ARG M 91 69.16 -28.20 -14.90
N LYS M 92 69.13 -27.43 -13.81
CA LYS M 92 69.56 -27.94 -12.52
C LYS M 92 68.67 -29.09 -12.05
N VAL M 93 67.38 -29.05 -12.42
CA VAL M 93 66.46 -30.08 -11.99
C VAL M 93 66.84 -31.40 -12.63
N VAL M 94 66.90 -32.45 -11.81
CA VAL M 94 67.31 -33.77 -12.31
C VAL M 94 66.37 -34.20 -13.43
N GLY M 95 66.97 -34.67 -14.53
CA GLY M 95 66.25 -34.86 -15.77
C GLY M 95 65.45 -36.13 -15.82
N CYS M 96 64.99 -36.44 -17.03
CA CYS M 96 64.09 -37.56 -17.28
C CYS M 96 64.83 -38.67 -18.01
N SER M 97 64.44 -39.91 -17.73
CA SER M 97 65.04 -41.08 -18.36
C SER M 97 64.33 -41.47 -19.65
N CYS M 98 63.01 -41.39 -19.69
CA CYS M 98 62.23 -41.72 -20.87
C CYS M 98 61.03 -40.81 -20.98
N VAL M 99 60.81 -40.27 -22.17
CA VAL M 99 59.61 -39.49 -22.48
C VAL M 99 59.02 -40.04 -23.77
N VAL M 100 57.73 -39.77 -23.98
CA VAL M 100 57.05 -40.22 -25.17
C VAL M 100 56.47 -39.01 -25.90
N VAL M 101 56.84 -38.87 -27.17
CA VAL M 101 56.32 -37.82 -28.02
C VAL M 101 55.19 -38.43 -28.85
N LYS M 102 54.00 -37.86 -28.75
CA LYS M 102 52.82 -38.40 -29.41
C LYS M 102 51.97 -37.31 -30.02
N ASP M 103 52.58 -36.18 -30.40
CA ASP M 103 51.83 -35.06 -30.95
C ASP M 103 52.19 -34.77 -32.40
N TYR M 104 53.45 -34.48 -32.70
CA TYR M 104 53.86 -33.92 -34.00
C TYR M 104 52.89 -32.81 -34.45
N GLY M 105 52.78 -31.78 -33.62
CA GLY M 105 51.85 -30.70 -33.90
C GLY M 105 52.21 -29.92 -35.14
N LYS M 106 53.50 -29.67 -35.35
CA LYS M 106 53.98 -28.98 -36.53
C LYS M 106 54.67 -29.97 -37.47
N GLU M 107 54.94 -29.50 -38.69
CA GLU M 107 55.58 -30.32 -39.71
C GLU M 107 56.75 -29.58 -40.36
N SER M 108 57.62 -28.99 -39.55
CA SER M 108 58.82 -28.36 -40.09
C SER M 108 59.89 -29.39 -40.42
N GLN M 109 60.25 -30.22 -39.45
CA GLN M 109 61.26 -31.26 -39.62
C GLN M 109 60.76 -32.62 -39.16
N ALA M 110 59.45 -32.81 -39.02
CA ALA M 110 58.92 -34.02 -38.39
C ALA M 110 59.20 -35.27 -39.23
N LYS M 111 59.42 -35.11 -40.54
CA LYS M 111 59.70 -36.28 -41.38
C LYS M 111 61.05 -36.88 -41.03
N ASP M 112 61.99 -36.08 -40.55
CA ASP M 112 63.33 -36.60 -40.28
C ASP M 112 63.32 -37.67 -39.19
N VAL M 113 62.57 -37.45 -38.11
CA VAL M 113 62.43 -38.51 -37.12
C VAL M 113 61.59 -39.65 -37.68
N ILE M 114 60.63 -39.35 -38.56
CA ILE M 114 59.96 -40.40 -39.31
C ILE M 114 60.96 -41.13 -40.19
N GLU M 115 61.89 -40.39 -40.79
CA GLU M 115 63.01 -41.04 -41.48
C GLU M 115 63.92 -41.76 -40.50
N GLU M 116 64.09 -41.22 -39.30
CA GLU M 116 64.78 -41.97 -38.24
C GLU M 116 64.06 -43.28 -37.97
N TYR M 117 62.73 -43.21 -37.80
CA TYR M 117 61.92 -44.43 -37.74
C TYR M 117 62.16 -45.30 -38.97
N PHE M 118 62.26 -44.66 -40.14
CA PHE M 118 62.53 -45.41 -41.36
C PHE M 118 63.92 -46.03 -41.33
N LYS M 119 64.95 -45.23 -41.05
CA LYS M 119 66.30 -45.77 -41.09
C LYS M 119 66.63 -46.62 -39.86
N CYS M 120 65.83 -46.53 -38.79
CA CYS M 120 66.01 -47.46 -37.68
C CYS M 120 65.50 -48.85 -38.02
N LYS M 121 64.47 -48.94 -38.87
CA LYS M 121 63.93 -50.23 -39.27
C LYS M 121 64.63 -50.80 -40.51
N LYS M 122 65.55 -50.07 -41.12
CA LYS M 122 66.40 -50.63 -42.16
C LYS M 122 67.76 -50.98 -41.57
N ARG N 1 -27.02 -8.74 49.91
CA ARG N 1 -26.66 -9.14 48.56
C ARG N 1 -25.60 -10.24 48.54
N ASP N 2 -26.04 -11.50 48.54
CA ASP N 2 -25.14 -12.63 48.34
C ASP N 2 -25.53 -13.48 47.14
N LYS N 3 -26.79 -13.90 47.03
CA LYS N 3 -27.22 -14.86 46.02
C LYS N 3 -28.74 -15.01 46.10
N LEU N 4 -29.39 -15.19 44.95
CA LEU N 4 -30.79 -15.58 44.92
C LEU N 4 -30.96 -17.09 44.77
N ASN N 5 -30.51 -17.64 43.64
CA ASN N 5 -30.65 -19.04 43.24
C ASN N 5 -32.04 -19.61 43.50
N ASN N 6 -33.10 -18.79 43.40
CA ASN N 6 -34.47 -19.28 43.56
C ASN N 6 -35.33 -18.86 42.37
N LEU N 7 -35.42 -19.70 41.35
CA LEU N 7 -36.71 -20.20 40.88
C LEU N 7 -36.51 -21.12 39.68
N VAL N 8 -37.18 -22.27 39.69
CA VAL N 8 -37.17 -23.21 38.56
C VAL N 8 -38.63 -23.54 38.24
N LEU N 9 -39.13 -23.06 37.11
CA LEU N 9 -40.48 -23.37 36.65
C LEU N 9 -41.48 -23.16 37.78
N PHE N 10 -41.64 -21.89 38.14
CA PHE N 10 -42.27 -21.43 39.37
C PHE N 10 -43.46 -22.23 39.84
N ASP N 11 -43.52 -22.49 41.15
CA ASP N 11 -44.51 -23.40 41.73
C ASP N 11 -45.90 -22.77 41.71
N LYS N 12 -46.87 -23.51 42.25
CA LYS N 12 -48.26 -23.07 42.20
C LYS N 12 -48.44 -21.75 42.93
N ALA N 13 -47.70 -21.55 44.03
CA ALA N 13 -47.79 -20.31 44.78
C ALA N 13 -47.36 -19.11 43.95
N THR N 14 -46.24 -19.21 43.23
CA THR N 14 -45.75 -18.07 42.47
C THR N 14 -46.50 -17.93 41.14
N TYR N 15 -47.22 -18.97 40.71
CA TYR N 15 -48.03 -18.85 39.51
C TYR N 15 -49.15 -17.84 39.69
N ASP N 16 -50.04 -18.09 40.65
CA ASP N 16 -51.08 -17.11 40.94
C ASP N 16 -50.47 -15.79 41.41
N LYS N 17 -49.30 -15.85 42.04
CA LYS N 17 -48.61 -14.63 42.46
C LYS N 17 -48.31 -13.74 41.26
N LEU N 18 -48.05 -14.35 40.10
CA LEU N 18 -47.85 -13.56 38.89
C LEU N 18 -49.15 -13.40 38.11
N CYS N 19 -49.99 -14.43 38.10
CA CYS N 19 -51.16 -14.43 37.24
C CYS N 19 -52.22 -13.39 37.61
N LYS N 20 -52.13 -12.77 38.80
CA LYS N 20 -53.12 -11.77 39.18
C LYS N 20 -52.51 -10.42 39.53
N GLU N 21 -51.22 -10.35 39.84
CA GLU N 21 -50.58 -9.09 40.18
C GLU N 21 -49.74 -8.52 39.05
N VAL N 22 -48.95 -9.37 38.38
CA VAL N 22 -48.04 -8.88 37.34
C VAL N 22 -48.77 -8.17 36.21
N PRO N 23 -49.89 -8.68 35.68
CA PRO N 23 -50.58 -7.95 34.60
C PRO N 23 -51.21 -6.64 35.03
N ASN N 24 -51.00 -6.18 36.25
CA ASN N 24 -51.69 -4.99 36.76
C ASN N 24 -50.79 -3.78 36.92
N TYR N 25 -49.47 -3.91 36.73
CA TYR N 25 -48.60 -2.75 36.78
C TYR N 25 -48.00 -2.49 35.41
N LYS N 26 -47.82 -1.21 35.11
CA LYS N 26 -47.59 -0.72 33.75
C LYS N 26 -46.27 -1.17 33.15
N LEU N 27 -45.17 -1.05 33.89
CA LEU N 27 -43.85 -1.38 33.34
C LEU N 27 -43.56 -2.83 33.67
N ILE N 28 -43.70 -3.70 32.68
CA ILE N 28 -43.52 -5.13 32.82
C ILE N 28 -42.51 -5.59 31.77
N THR N 29 -41.33 -5.99 32.24
CA THR N 29 -40.26 -6.56 31.44
C THR N 29 -39.73 -7.78 32.16
N PRO N 30 -39.06 -8.70 31.44
CA PRO N 30 -38.53 -9.90 32.12
C PRO N 30 -37.58 -9.58 33.26
N ALA N 31 -36.81 -8.51 33.14
CA ALA N 31 -35.87 -8.15 34.19
C ALA N 31 -36.59 -7.74 35.47
N VAL N 32 -37.59 -6.88 35.37
CA VAL N 32 -38.30 -6.43 36.57
C VAL N 32 -39.15 -7.55 37.13
N VAL N 33 -39.67 -8.43 36.28
CA VAL N 33 -40.38 -9.60 36.78
C VAL N 33 -39.43 -10.53 37.50
N SER N 34 -38.19 -10.63 37.03
CA SER N 34 -37.19 -11.46 37.70
C SER N 34 -36.94 -10.97 39.12
N GLU N 35 -36.73 -9.67 39.28
CA GLU N 35 -36.56 -9.12 40.63
C GLU N 35 -37.84 -9.24 41.44
N ARG N 36 -38.99 -9.02 40.81
CA ARG N 36 -40.24 -8.94 41.54
C ARG N 36 -40.61 -10.26 42.20
N LEU N 37 -40.78 -11.33 41.41
CA LEU N 37 -41.28 -12.54 42.06
C LEU N 37 -40.13 -13.30 42.72
N LYS N 38 -39.37 -14.07 41.95
CA LYS N 38 -37.98 -14.42 42.20
C LYS N 38 -37.30 -14.83 40.90
N ILE N 39 -38.05 -14.75 39.79
CA ILE N 39 -37.80 -15.60 38.62
C ILE N 39 -36.37 -15.42 38.14
N ARG N 40 -35.82 -16.50 37.57
CA ARG N 40 -34.48 -16.46 36.97
C ARG N 40 -34.40 -15.39 35.89
N GLY N 41 -35.25 -15.50 34.86
CA GLY N 41 -35.21 -14.56 33.76
C GLY N 41 -35.42 -15.21 32.40
N SER N 42 -34.95 -16.44 32.23
CA SER N 42 -35.39 -17.22 31.08
C SER N 42 -36.80 -17.74 31.30
N LEU N 43 -37.16 -17.97 32.56
CA LEU N 43 -38.53 -18.25 32.94
C LEU N 43 -39.40 -17.01 32.84
N ALA N 44 -38.81 -15.81 33.01
CA ALA N 44 -39.59 -14.58 32.91
C ALA N 44 -40.11 -14.37 31.50
N ARG N 45 -39.20 -14.31 30.52
CA ARG N 45 -39.64 -14.04 29.15
C ARG N 45 -40.52 -15.17 28.62
N ALA N 46 -40.33 -16.39 29.11
CA ALA N 46 -41.22 -17.49 28.74
C ALA N 46 -42.60 -17.29 29.34
N ALA N 47 -42.67 -16.83 30.59
CA ALA N 47 -43.95 -16.56 31.23
C ALA N 47 -44.64 -15.37 30.59
N LEU N 48 -43.87 -14.35 30.19
CA LEU N 48 -44.47 -13.16 29.61
C LEU N 48 -45.11 -13.45 28.26
N GLN N 49 -44.51 -14.33 27.46
CA GLN N 49 -45.16 -14.74 26.22
C GLN N 49 -46.38 -15.61 26.50
N GLU N 50 -46.38 -16.31 27.62
CA GLU N 50 -47.58 -17.04 28.03
C GLU N 50 -48.73 -16.08 28.28
N LEU N 51 -48.45 -14.98 28.97
CA LEU N 51 -49.48 -13.96 29.18
C LEU N 51 -49.88 -13.27 27.88
N LEU N 52 -48.91 -13.02 26.99
CA LEU N 52 -49.23 -12.43 25.70
C LEU N 52 -50.14 -13.34 24.88
N SER N 53 -49.85 -14.63 24.87
CA SER N 53 -50.71 -15.58 24.15
C SER N 53 -52.11 -15.59 24.71
N LYS N 54 -52.25 -15.58 26.04
CA LYS N 54 -53.57 -15.44 26.64
C LYS N 54 -54.17 -14.08 26.31
N GLY N 55 -53.36 -13.03 26.34
CA GLY N 55 -53.76 -11.72 25.90
C GLY N 55 -54.15 -10.72 26.98
N LEU N 56 -53.53 -10.78 28.16
CA LEU N 56 -53.81 -9.80 29.19
C LEU N 56 -52.63 -8.86 29.46
N ILE N 57 -51.54 -8.99 28.73
CA ILE N 57 -50.49 -7.98 28.67
C ILE N 57 -50.22 -7.69 27.19
N LYS N 58 -49.93 -6.42 26.88
CA LYS N 58 -49.76 -5.96 25.50
C LYS N 58 -48.31 -5.58 25.23
N LEU N 59 -47.80 -6.00 24.09
CA LEU N 59 -46.42 -5.74 23.67
C LEU N 59 -46.29 -4.36 23.04
N VAL N 60 -45.17 -3.68 23.33
CA VAL N 60 -44.89 -2.37 22.78
C VAL N 60 -43.53 -2.32 22.08
N SER N 61 -42.49 -2.89 22.68
CA SER N 61 -41.15 -2.73 22.14
C SER N 61 -40.71 -3.87 21.23
N LYS N 62 -40.62 -5.09 21.78
CA LYS N 62 -40.22 -6.29 21.05
C LYS N 62 -38.86 -6.10 20.36
N HIS N 63 -37.83 -5.95 21.18
CA HIS N 63 -36.45 -5.94 20.72
C HIS N 63 -35.73 -7.14 21.31
N ARG N 64 -34.53 -7.42 20.78
CA ARG N 64 -33.72 -8.51 21.33
C ARG N 64 -33.43 -8.28 22.81
N ALA N 65 -32.67 -7.23 23.13
CA ALA N 65 -32.24 -6.96 24.48
C ALA N 65 -33.33 -6.34 25.34
N GLN N 66 -34.46 -5.96 24.75
CA GLN N 66 -35.53 -5.32 25.51
C GLN N 66 -36.88 -5.64 24.88
N VAL N 67 -37.65 -6.49 25.53
CA VAL N 67 -39.07 -6.63 25.26
C VAL N 67 -39.79 -5.92 26.39
N ILE N 68 -40.73 -5.04 26.05
CA ILE N 68 -41.46 -4.25 27.02
C ILE N 68 -42.95 -4.48 26.81
N TYR N 69 -43.67 -4.74 27.89
CA TYR N 69 -45.10 -4.97 27.84
C TYR N 69 -45.79 -3.91 28.69
N THR N 70 -47.12 -3.99 28.75
CA THR N 70 -47.89 -3.10 29.62
C THR N 70 -49.25 -3.72 29.88
N ARG N 71 -49.94 -3.17 30.87
CA ARG N 71 -51.24 -3.68 31.27
C ARG N 71 -52.32 -3.28 30.27
N ASN N 72 -53.56 -3.61 30.61
CA ASN N 72 -54.68 -3.31 29.74
C ASN N 72 -55.08 -1.84 29.86
N THR N 73 -55.92 -1.40 28.92
CA THR N 73 -56.49 -0.07 29.01
C THR N 73 -57.63 -0.06 30.02
N LYS N 74 -57.68 0.96 30.85
CA LYS N 74 -58.64 1.07 31.94
C LYS N 74 -59.77 2.01 31.54
N GLY N 75 -61.00 1.53 31.68
CA GLY N 75 -62.17 2.33 31.32
C GLY N 75 -62.49 2.27 29.85
N TYR O 1 44.24 -26.40 22.66
CA TYR O 1 45.01 -26.14 23.87
C TYR O 1 44.44 -26.89 25.07
N THR O 2 43.26 -27.49 24.89
CA THR O 2 42.68 -28.34 25.93
C THR O 2 43.35 -29.71 25.99
N THR O 3 44.02 -30.12 24.92
CA THR O 3 44.73 -31.39 24.86
C THR O 3 43.87 -32.61 25.21
N PRO O 4 42.80 -32.87 24.45
CA PRO O 4 42.06 -34.14 24.66
C PRO O 4 42.70 -35.30 23.91
N LYS O 5 43.49 -34.99 22.88
CA LYS O 5 44.19 -36.01 22.10
C LYS O 5 45.64 -35.67 21.76
N LYS O 6 46.05 -34.41 21.88
CA LYS O 6 47.38 -33.88 21.59
C LYS O 6 47.72 -33.84 20.10
N ASN O 7 46.95 -34.52 19.26
CA ASN O 7 47.33 -34.65 17.86
C ASN O 7 46.31 -35.44 17.04
N LYS O 8 46.26 -35.18 15.73
CA LYS O 8 45.65 -36.08 14.77
C LYS O 8 46.59 -36.08 13.56
N HIS O 9 47.52 -37.03 13.55
CA HIS O 9 48.57 -37.05 12.54
C HIS O 9 47.98 -37.27 11.15
N LYS O 10 48.67 -36.76 10.14
CA LYS O 10 48.19 -36.84 8.77
C LYS O 10 48.90 -37.97 8.03
N ARG O 11 48.29 -38.39 6.92
CA ARG O 11 48.82 -39.47 6.09
C ARG O 11 50.05 -39.00 5.32
N LYS O 12 51.20 -39.61 5.59
CA LYS O 12 52.34 -39.51 4.71
C LYS O 12 52.26 -40.64 3.68
N LYS O 13 52.83 -40.38 2.51
CA LYS O 13 52.85 -41.38 1.44
C LYS O 13 54.00 -42.35 1.68
N VAL O 14 53.75 -43.62 1.37
CA VAL O 14 54.76 -44.66 1.56
C VAL O 14 55.97 -44.44 0.67
N LYS O 15 55.80 -43.73 -0.46
CA LYS O 15 56.90 -43.29 -1.32
C LYS O 15 57.71 -44.48 -1.85
N LEU O 16 57.01 -45.33 -2.61
CA LEU O 16 57.63 -46.43 -3.31
C LEU O 16 58.43 -45.88 -4.49
N ALA O 17 59.49 -46.58 -4.88
CA ALA O 17 60.45 -46.07 -5.85
C ALA O 17 60.31 -46.73 -7.23
N VAL O 18 59.38 -47.67 -7.39
CA VAL O 18 59.20 -48.39 -8.65
C VAL O 18 57.72 -48.66 -8.85
N LEU O 19 57.40 -49.29 -9.99
CA LEU O 19 56.07 -49.86 -10.16
C LEU O 19 56.12 -51.37 -10.28
N LYS O 20 56.92 -51.90 -11.20
CA LYS O 20 57.10 -53.34 -11.36
C LYS O 20 55.77 -54.07 -11.41
N TYR O 21 54.89 -53.56 -12.28
CA TYR O 21 53.57 -54.14 -12.49
C TYR O 21 53.59 -55.23 -13.55
N TYR O 22 54.71 -55.41 -14.25
CA TYR O 22 54.80 -56.48 -15.24
C TYR O 22 56.25 -56.93 -15.49
N LYS O 23 56.39 -58.10 -16.10
CA LYS O 23 57.64 -58.84 -16.13
C LYS O 23 58.03 -59.11 -17.59
N VAL O 24 59.33 -59.30 -17.80
CA VAL O 24 59.90 -59.47 -19.13
C VAL O 24 60.72 -60.77 -19.15
N ASP O 25 60.44 -61.64 -20.11
CA ASP O 25 61.04 -62.97 -20.11
C ASP O 25 61.62 -63.35 -21.46
N GLU O 26 62.79 -63.97 -21.38
CA GLU O 26 63.54 -64.54 -22.51
C GLU O 26 63.45 -63.62 -23.74
N ASN O 27 64.08 -62.45 -23.57
CA ASN O 27 64.22 -61.40 -24.59
C ASN O 27 62.87 -60.77 -24.95
N GLY O 28 61.94 -60.78 -24.00
CA GLY O 28 60.83 -59.84 -24.05
C GLY O 28 59.46 -60.31 -24.52
N LYS O 29 58.62 -60.72 -23.56
CA LYS O 29 57.18 -60.88 -23.75
C LYS O 29 56.50 -60.15 -22.60
N ILE O 30 55.39 -59.50 -22.91
CA ILE O 30 54.66 -58.68 -21.94
C ILE O 30 53.86 -59.60 -21.01
N SER O 31 53.97 -59.37 -19.69
CA SER O 31 53.30 -60.26 -18.72
C SER O 31 52.85 -59.41 -17.52
N ARG O 32 51.60 -58.97 -17.54
CA ARG O 32 51.06 -58.17 -16.46
C ARG O 32 50.95 -58.99 -15.18
N LEU O 33 51.29 -58.36 -14.05
CA LEU O 33 51.05 -58.92 -12.74
C LEU O 33 49.74 -58.44 -12.13
N ARG O 34 49.25 -57.28 -12.55
CA ARG O 34 47.99 -56.73 -12.06
C ARG O 34 46.99 -56.63 -13.19
N ARG O 35 45.69 -56.64 -12.84
CA ARG O 35 44.66 -56.57 -13.85
C ARG O 35 44.57 -55.19 -14.49
N GLU O 36 43.97 -55.14 -15.67
CA GLU O 36 43.58 -53.89 -16.26
C GLU O 36 42.08 -53.68 -16.11
N CYS O 37 41.68 -52.51 -15.62
CA CYS O 37 40.28 -52.28 -15.24
C CYS O 37 39.39 -52.34 -16.48
N PRO O 38 38.31 -53.12 -16.46
CA PRO O 38 37.51 -53.32 -17.67
C PRO O 38 36.63 -52.14 -18.05
N SER O 39 36.55 -51.09 -17.24
CA SER O 39 35.72 -49.93 -17.54
C SER O 39 36.22 -49.20 -18.78
N ASP O 40 35.31 -48.51 -19.46
CA ASP O 40 35.62 -47.95 -20.77
C ASP O 40 36.69 -46.87 -20.69
N GLU O 41 36.57 -45.95 -19.73
CA GLU O 41 37.44 -44.78 -19.72
C GLU O 41 38.87 -45.13 -19.35
N CYS O 42 39.12 -46.31 -18.77
CA CYS O 42 40.47 -46.75 -18.45
C CYS O 42 40.71 -48.22 -18.78
N GLY O 43 40.30 -48.66 -19.97
CA GLY O 43 40.48 -50.05 -20.36
C GLY O 43 41.84 -50.28 -20.98
N ALA O 44 42.52 -51.34 -20.51
CA ALA O 44 43.85 -51.73 -20.99
C ALA O 44 44.86 -50.60 -20.85
N GLY O 45 44.64 -49.71 -19.89
CA GLY O 45 45.60 -48.68 -19.59
C GLY O 45 46.16 -48.83 -18.20
N VAL O 46 45.59 -48.05 -17.29
CA VAL O 46 46.00 -48.11 -15.90
C VAL O 46 45.59 -49.45 -15.28
N PHE O 47 46.37 -49.90 -14.29
CA PHE O 47 46.23 -51.23 -13.73
C PHE O 47 45.32 -51.24 -12.50
N MET O 48 45.11 -52.44 -11.96
CA MET O 48 44.17 -52.69 -10.89
C MET O 48 44.94 -53.08 -9.64
N ALA O 49 44.56 -52.50 -8.50
CA ALA O 49 45.22 -52.84 -7.24
C ALA O 49 44.97 -54.31 -6.88
N SER O 50 45.94 -54.91 -6.20
CA SER O 50 45.86 -56.31 -5.80
C SER O 50 45.90 -56.38 -4.28
N HIS O 51 44.75 -56.26 -3.64
CA HIS O 51 44.63 -56.35 -2.20
C HIS O 51 44.67 -57.82 -1.79
N PHE O 52 44.46 -58.09 -0.50
CA PHE O 52 44.65 -59.45 -0.02
C PHE O 52 43.52 -60.37 -0.46
N ASP O 53 42.34 -59.82 -0.70
CA ASP O 53 41.30 -60.67 -1.29
C ASP O 53 40.67 -60.04 -2.52
N ARG O 54 40.45 -58.73 -2.51
CA ARG O 54 39.70 -58.03 -3.53
C ARG O 54 40.64 -57.28 -4.47
N HIS O 55 40.09 -56.79 -5.57
CA HIS O 55 40.86 -56.10 -6.59
C HIS O 55 40.25 -54.73 -6.84
N TYR O 56 41.08 -53.70 -6.81
CA TYR O 56 40.63 -52.32 -6.73
C TYR O 56 41.32 -51.51 -7.83
N CYS O 57 40.64 -50.48 -8.33
CA CYS O 57 41.20 -49.59 -9.33
C CYS O 57 41.20 -48.17 -8.79
N GLY O 58 42.37 -47.54 -8.77
CA GLY O 58 42.44 -46.19 -8.25
C GLY O 58 41.80 -45.13 -9.11
N LYS O 59 41.59 -45.42 -10.40
CA LYS O 59 41.00 -44.43 -11.30
C LYS O 59 39.49 -44.34 -11.09
N CYS O 60 38.77 -45.44 -11.31
CA CYS O 60 37.32 -45.43 -11.26
C CYS O 60 36.76 -46.10 -10.01
N CYS O 61 37.62 -46.65 -9.15
CA CYS O 61 37.22 -47.19 -7.84
C CYS O 61 36.12 -48.26 -7.96
N LEU O 62 36.40 -49.28 -8.76
CA LEU O 62 35.56 -50.45 -8.79
C LEU O 62 36.29 -51.61 -8.13
N THR O 63 35.52 -52.48 -7.48
CA THR O 63 36.13 -53.50 -6.66
C THR O 63 35.50 -54.85 -6.97
N TYR O 64 36.36 -55.86 -7.05
CA TYR O 64 35.94 -57.25 -7.28
C TYR O 64 36.42 -58.08 -6.12
N CYS O 65 35.49 -58.65 -5.35
CA CYS O 65 35.83 -59.51 -4.24
C CYS O 65 35.69 -60.97 -4.64
N PHE O 66 36.60 -61.81 -4.15
CA PHE O 66 36.61 -63.23 -4.46
C PHE O 66 36.11 -64.05 -3.28
N ASN O 67 34.80 -64.20 -3.19
CA ASN O 67 34.21 -64.98 -2.11
C ASN O 67 33.80 -66.36 -2.60
#